data_3B57
# 
_entry.id   3B57 
# 
_audit_conform.dict_name       mmcif_pdbx.dic 
_audit_conform.dict_version    5.399 
_audit_conform.dict_location   http://mmcif.pdb.org/dictionaries/ascii/mmcif_pdbx.dic 
# 
loop_
_database_2.database_id 
_database_2.database_code 
_database_2.pdbx_database_accession 
_database_2.pdbx_DOI 
PDB   3B57         pdb_00003b57 10.2210/pdb3b57/pdb 
RCSB  RCSB045093   ?            ?                   
WWPDB D_1000045093 ?            ?                   
# 
loop_
_pdbx_audit_revision_history.ordinal 
_pdbx_audit_revision_history.data_content_type 
_pdbx_audit_revision_history.major_revision 
_pdbx_audit_revision_history.minor_revision 
_pdbx_audit_revision_history.revision_date 
1 'Structure model' 1 0 2007-11-06 
2 'Structure model' 1 1 2011-07-13 
3 'Structure model' 1 2 2018-01-24 
4 'Structure model' 1 3 2024-11-20 
# 
_pdbx_audit_revision_details.ordinal             1 
_pdbx_audit_revision_details.revision_ordinal    1 
_pdbx_audit_revision_details.data_content_type   'Structure model' 
_pdbx_audit_revision_details.provider            repository 
_pdbx_audit_revision_details.type                'Initial release' 
_pdbx_audit_revision_details.description         ? 
_pdbx_audit_revision_details.details             ? 
# 
loop_
_pdbx_audit_revision_group.ordinal 
_pdbx_audit_revision_group.revision_ordinal 
_pdbx_audit_revision_group.data_content_type 
_pdbx_audit_revision_group.group 
1 2 'Structure model' 'Version format compliance' 
2 3 'Structure model' 'Database references'       
3 3 'Structure model' 'Structure summary'         
4 4 'Structure model' 'Data collection'           
5 4 'Structure model' 'Database references'       
6 4 'Structure model' 'Derived calculations'      
7 4 'Structure model' 'Structure summary'         
# 
loop_
_pdbx_audit_revision_category.ordinal 
_pdbx_audit_revision_category.revision_ordinal 
_pdbx_audit_revision_category.data_content_type 
_pdbx_audit_revision_category.category 
1  3 'Structure model' audit_author              
2  3 'Structure model' citation_author           
3  4 'Structure model' chem_comp_atom            
4  4 'Structure model' chem_comp_bond            
5  4 'Structure model' database_2                
6  4 'Structure model' pdbx_entry_details        
7  4 'Structure model' pdbx_modification_feature 
8  4 'Structure model' struct_conn               
9  4 'Structure model' struct_ref_seq_dif        
10 4 'Structure model' struct_site               
# 
loop_
_pdbx_audit_revision_item.ordinal 
_pdbx_audit_revision_item.revision_ordinal 
_pdbx_audit_revision_item.data_content_type 
_pdbx_audit_revision_item.item 
1 3 'Structure model' '_audit_author.name'                  
2 3 'Structure model' '_citation_author.name'               
3 4 'Structure model' '_database_2.pdbx_DOI'                
4 4 'Structure model' '_database_2.pdbx_database_accession' 
5 4 'Structure model' '_struct_conn.pdbx_leaving_atom_flag' 
6 4 'Structure model' '_struct_ref_seq_dif.details'         
7 4 'Structure model' '_struct_site.pdbx_auth_asym_id'      
8 4 'Structure model' '_struct_site.pdbx_auth_comp_id'      
9 4 'Structure model' '_struct_site.pdbx_auth_seq_id'       
# 
_pdbx_database_status.status_code                     REL 
_pdbx_database_status.entry_id                        3B57 
_pdbx_database_status.recvd_initial_deposition_date   2007-10-25 
_pdbx_database_status.deposit_site                    RCSB 
_pdbx_database_status.process_site                    RCSB 
_pdbx_database_status.status_code_sf                  REL 
_pdbx_database_status.status_code_mr                  ? 
_pdbx_database_status.SG_entry                        Y 
_pdbx_database_status.pdb_format_compatible           Y 
_pdbx_database_status.status_code_cs                  ? 
_pdbx_database_status.methods_development_category    ? 
_pdbx_database_status.status_code_nmr_data            ? 
# 
loop_
_pdbx_database_related.db_name 
_pdbx_database_related.db_id 
_pdbx_database_related.details 
_pdbx_database_related.content_type 
TargetDB LkR65 .                                                                     unspecified 
PDB      2QGS  'Crystal structure of SE1688 protein from Staphylococcus epidermidis' unspecified 
# 
loop_
_audit_author.name 
_audit_author.pdbx_ordinal 
'Kuzin, A.P.'                                     1  
'Abashidze, M.'                                   2  
'Seetharaman, J.'                                 3  
'Benach, J.'                                      4  
'Forouhar, F.'                                    5  
'Vorobiev, S.M.'                                  6  
'Wang, H.'                                        7  
'Janjua, H.'                                      8  
'Cunningham, K.'                                  9  
'Ma, L.-C.'                                       10 
'Xiao, R.'                                        11 
'Liu, J.'                                         12 
'Baran, M.C.'                                     13 
'Acton, T.B.'                                     14 
'Rost, B.'                                        15 
'Montelione, G.T.'                                16 
'Tong, L.'                                        17 
'Hunt, J.F.'                                      18 
'Northeast Structural Genomics Consortium (NESG)' 19 
# 
_citation.id                        primary 
_citation.title                     'Crystal structure of the Lin1889 protein (Q92AN1) from Listeria innocua.' 
_citation.journal_abbrev            'To be Published' 
_citation.journal_volume            ? 
_citation.page_first                ? 
_citation.page_last                 ? 
_citation.year                      ? 
_citation.journal_id_ASTM           ? 
_citation.country                   ? 
_citation.journal_id_ISSN           ? 
_citation.journal_id_CSD            0353 
_citation.book_publisher            ? 
_citation.pdbx_database_id_PubMed   ? 
_citation.pdbx_database_id_DOI      ? 
# 
loop_
_citation_author.citation_id 
_citation_author.name 
_citation_author.ordinal 
_citation_author.identifier_ORCID 
primary 'Kuzin, A.P.'      1  ? 
primary 'Abashidze, M.'    2  ? 
primary 'Seetharaman, J.'  3  ? 
primary 'Benach, J.'       4  ? 
primary 'Forouhar, F.'     5  ? 
primary 'Vorobiev, S.M.'   6  ? 
primary 'Wang, H.'         7  ? 
primary 'Janjua, H.'       8  ? 
primary 'Cunningham, K.'   9  ? 
primary 'Ma, L.-C.'        10 ? 
primary 'Xiao, R.'         11 ? 
primary 'Liu, J.'          12 ? 
primary 'Baran, M.C.'      13 ? 
primary 'Acton, T.B.'      14 ? 
primary 'Rost, B.'         15 ? 
primary 'Montelione, G.T.' 16 ? 
primary 'Tong, L.'         17 ? 
primary 'Hunt, J.F.'       18 ? 
# 
loop_
_entity.id 
_entity.type 
_entity.src_method 
_entity.pdbx_description 
_entity.formula_weight 
_entity.pdbx_number_of_molecules 
_entity.pdbx_ec 
_entity.pdbx_mutation 
_entity.pdbx_fragment 
_entity.details 
1 polymer     man 'Lin1889 protein' 24522.377 1 ? ? ? ? 
2 non-polymer syn 'MAGNESIUM ION'   24.305    1 ? ? ? ? 
# 
_entity_poly.entity_id                      1 
_entity_poly.type                           'polypeptide(L)' 
_entity_poly.nstd_linkage                   no 
_entity_poly.nstd_monomer                   yes 
_entity_poly.pdbx_seq_one_letter_code       
;(MSE)NKEEIILSAKNW(MSE)HSHFENETTGHDWSHIKRVWKLSKEIQSKEGGDLFTIELAALFHDYSDIKLTTDEQEA
TKTLINW(MSE)ETKEIPSELIKKIIRIIQSVSFKKGKNTFKALTIEEKIVQDADRLDAIGAIGIARTFTYGGAHNREIA
NQNNPKNTTLQHFYDKLLLIKDQLNTETAKTIAKEKQKI(MSE)QDFIQALEKELKVLEHHHHHH
;
_entity_poly.pdbx_seq_one_letter_code_can   
;MNKEEIILSAKNWMHSHFENETTGHDWSHIKRVWKLSKEIQSKEGGDLFTIELAALFHDYSDIKLTTDEQEATKTLINWM
ETKEIPSELIKKIIRIIQSVSFKKGKNTFKALTIEEKIVQDADRLDAIGAIGIARTFTYGGAHNREIANQNNPKNTTLQH
FYDKLLLIKDQLNTETAKTIAKEKQKIMQDFIQALEKELKVLEHHHHHH
;
_entity_poly.pdbx_strand_id                 A 
_entity_poly.pdbx_target_identifier         LkR65 
# 
_pdbx_entity_nonpoly.entity_id   2 
_pdbx_entity_nonpoly.name        'MAGNESIUM ION' 
_pdbx_entity_nonpoly.comp_id     MG 
# 
loop_
_entity_poly_seq.entity_id 
_entity_poly_seq.num 
_entity_poly_seq.mon_id 
_entity_poly_seq.hetero 
1 1   MSE n 
1 2   ASN n 
1 3   LYS n 
1 4   GLU n 
1 5   GLU n 
1 6   ILE n 
1 7   ILE n 
1 8   LEU n 
1 9   SER n 
1 10  ALA n 
1 11  LYS n 
1 12  ASN n 
1 13  TRP n 
1 14  MSE n 
1 15  HIS n 
1 16  SER n 
1 17  HIS n 
1 18  PHE n 
1 19  GLU n 
1 20  ASN n 
1 21  GLU n 
1 22  THR n 
1 23  THR n 
1 24  GLY n 
1 25  HIS n 
1 26  ASP n 
1 27  TRP n 
1 28  SER n 
1 29  HIS n 
1 30  ILE n 
1 31  LYS n 
1 32  ARG n 
1 33  VAL n 
1 34  TRP n 
1 35  LYS n 
1 36  LEU n 
1 37  SER n 
1 38  LYS n 
1 39  GLU n 
1 40  ILE n 
1 41  GLN n 
1 42  SER n 
1 43  LYS n 
1 44  GLU n 
1 45  GLY n 
1 46  GLY n 
1 47  ASP n 
1 48  LEU n 
1 49  PHE n 
1 50  THR n 
1 51  ILE n 
1 52  GLU n 
1 53  LEU n 
1 54  ALA n 
1 55  ALA n 
1 56  LEU n 
1 57  PHE n 
1 58  HIS n 
1 59  ASP n 
1 60  TYR n 
1 61  SER n 
1 62  ASP n 
1 63  ILE n 
1 64  LYS n 
1 65  LEU n 
1 66  THR n 
1 67  THR n 
1 68  ASP n 
1 69  GLU n 
1 70  GLN n 
1 71  GLU n 
1 72  ALA n 
1 73  THR n 
1 74  LYS n 
1 75  THR n 
1 76  LEU n 
1 77  ILE n 
1 78  ASN n 
1 79  TRP n 
1 80  MSE n 
1 81  GLU n 
1 82  THR n 
1 83  LYS n 
1 84  GLU n 
1 85  ILE n 
1 86  PRO n 
1 87  SER n 
1 88  GLU n 
1 89  LEU n 
1 90  ILE n 
1 91  LYS n 
1 92  LYS n 
1 93  ILE n 
1 94  ILE n 
1 95  ARG n 
1 96  ILE n 
1 97  ILE n 
1 98  GLN n 
1 99  SER n 
1 100 VAL n 
1 101 SER n 
1 102 PHE n 
1 103 LYS n 
1 104 LYS n 
1 105 GLY n 
1 106 LYS n 
1 107 ASN n 
1 108 THR n 
1 109 PHE n 
1 110 LYS n 
1 111 ALA n 
1 112 LEU n 
1 113 THR n 
1 114 ILE n 
1 115 GLU n 
1 116 GLU n 
1 117 LYS n 
1 118 ILE n 
1 119 VAL n 
1 120 GLN n 
1 121 ASP n 
1 122 ALA n 
1 123 ASP n 
1 124 ARG n 
1 125 LEU n 
1 126 ASP n 
1 127 ALA n 
1 128 ILE n 
1 129 GLY n 
1 130 ALA n 
1 131 ILE n 
1 132 GLY n 
1 133 ILE n 
1 134 ALA n 
1 135 ARG n 
1 136 THR n 
1 137 PHE n 
1 138 THR n 
1 139 TYR n 
1 140 GLY n 
1 141 GLY n 
1 142 ALA n 
1 143 HIS n 
1 144 ASN n 
1 145 ARG n 
1 146 GLU n 
1 147 ILE n 
1 148 ALA n 
1 149 ASN n 
1 150 GLN n 
1 151 ASN n 
1 152 ASN n 
1 153 PRO n 
1 154 LYS n 
1 155 ASN n 
1 156 THR n 
1 157 THR n 
1 158 LEU n 
1 159 GLN n 
1 160 HIS n 
1 161 PHE n 
1 162 TYR n 
1 163 ASP n 
1 164 LYS n 
1 165 LEU n 
1 166 LEU n 
1 167 LEU n 
1 168 ILE n 
1 169 LYS n 
1 170 ASP n 
1 171 GLN n 
1 172 LEU n 
1 173 ASN n 
1 174 THR n 
1 175 GLU n 
1 176 THR n 
1 177 ALA n 
1 178 LYS n 
1 179 THR n 
1 180 ILE n 
1 181 ALA n 
1 182 LYS n 
1 183 GLU n 
1 184 LYS n 
1 185 GLN n 
1 186 LYS n 
1 187 ILE n 
1 188 MSE n 
1 189 GLN n 
1 190 ASP n 
1 191 PHE n 
1 192 ILE n 
1 193 GLN n 
1 194 ALA n 
1 195 LEU n 
1 196 GLU n 
1 197 LYS n 
1 198 GLU n 
1 199 LEU n 
1 200 LYS n 
1 201 VAL n 
1 202 LEU n 
1 203 GLU n 
1 204 HIS n 
1 205 HIS n 
1 206 HIS n 
1 207 HIS n 
1 208 HIS n 
1 209 HIS n 
# 
_entity_src_gen.entity_id                          1 
_entity_src_gen.pdbx_src_id                        1 
_entity_src_gen.pdbx_alt_source_flag               sample 
_entity_src_gen.pdbx_seq_type                      ? 
_entity_src_gen.pdbx_beg_seq_num                   ? 
_entity_src_gen.pdbx_end_seq_num                   ? 
_entity_src_gen.gene_src_common_name               ? 
_entity_src_gen.gene_src_genus                     Listeria 
_entity_src_gen.pdbx_gene_src_gene                 lin1889 
_entity_src_gen.gene_src_species                   'Listeria innocua' 
_entity_src_gen.gene_src_strain                    'Clip11262 / Serovar 6a' 
_entity_src_gen.gene_src_tissue                    ? 
_entity_src_gen.gene_src_tissue_fraction           ? 
_entity_src_gen.gene_src_details                   ? 
_entity_src_gen.pdbx_gene_src_fragment             ? 
_entity_src_gen.pdbx_gene_src_scientific_name      'Listeria innocua Clip11262' 
_entity_src_gen.pdbx_gene_src_ncbi_taxonomy_id     272626 
_entity_src_gen.pdbx_gene_src_variant              ? 
_entity_src_gen.pdbx_gene_src_cell_line            ? 
_entity_src_gen.pdbx_gene_src_atcc                 ? 
_entity_src_gen.pdbx_gene_src_organ                ? 
_entity_src_gen.pdbx_gene_src_organelle            ? 
_entity_src_gen.pdbx_gene_src_cell                 ? 
_entity_src_gen.pdbx_gene_src_cellular_location    ? 
_entity_src_gen.host_org_common_name               ? 
_entity_src_gen.pdbx_host_org_scientific_name      'Escherichia coli' 
_entity_src_gen.pdbx_host_org_ncbi_taxonomy_id     562 
_entity_src_gen.host_org_genus                     Escherichia 
_entity_src_gen.pdbx_host_org_gene                 ? 
_entity_src_gen.pdbx_host_org_organ                ? 
_entity_src_gen.host_org_species                   ? 
_entity_src_gen.pdbx_host_org_tissue               ? 
_entity_src_gen.pdbx_host_org_tissue_fraction      ? 
_entity_src_gen.pdbx_host_org_strain               ? 
_entity_src_gen.pdbx_host_org_variant              ? 
_entity_src_gen.pdbx_host_org_cell_line            ? 
_entity_src_gen.pdbx_host_org_atcc                 ? 
_entity_src_gen.pdbx_host_org_culture_collection   ? 
_entity_src_gen.pdbx_host_org_cell                 ? 
_entity_src_gen.pdbx_host_org_organelle            ? 
_entity_src_gen.pdbx_host_org_cellular_location    ? 
_entity_src_gen.pdbx_host_org_vector_type          ? 
_entity_src_gen.pdbx_host_org_vector               ? 
_entity_src_gen.host_org_details                   ? 
_entity_src_gen.expression_system_id               ? 
_entity_src_gen.plasmid_name                       ? 
_entity_src_gen.plasmid_details                    ? 
_entity_src_gen.pdbx_description                   ? 
# 
loop_
_chem_comp.id 
_chem_comp.type 
_chem_comp.mon_nstd_flag 
_chem_comp.name 
_chem_comp.pdbx_synonyms 
_chem_comp.formula 
_chem_comp.formula_weight 
ALA 'L-peptide linking' y ALANINE          ? 'C3 H7 N O2'     89.093  
ARG 'L-peptide linking' y ARGININE         ? 'C6 H15 N4 O2 1' 175.209 
ASN 'L-peptide linking' y ASPARAGINE       ? 'C4 H8 N2 O3'    132.118 
ASP 'L-peptide linking' y 'ASPARTIC ACID'  ? 'C4 H7 N O4'     133.103 
GLN 'L-peptide linking' y GLUTAMINE        ? 'C5 H10 N2 O3'   146.144 
GLU 'L-peptide linking' y 'GLUTAMIC ACID'  ? 'C5 H9 N O4'     147.129 
GLY 'peptide linking'   y GLYCINE          ? 'C2 H5 N O2'     75.067  
HIS 'L-peptide linking' y HISTIDINE        ? 'C6 H10 N3 O2 1' 156.162 
ILE 'L-peptide linking' y ISOLEUCINE       ? 'C6 H13 N O2'    131.173 
LEU 'L-peptide linking' y LEUCINE          ? 'C6 H13 N O2'    131.173 
LYS 'L-peptide linking' y LYSINE           ? 'C6 H15 N2 O2 1' 147.195 
MG  non-polymer         . 'MAGNESIUM ION'  ? 'Mg 2'           24.305  
MSE 'L-peptide linking' n SELENOMETHIONINE ? 'C5 H11 N O2 Se' 196.106 
PHE 'L-peptide linking' y PHENYLALANINE    ? 'C9 H11 N O2'    165.189 
PRO 'L-peptide linking' y PROLINE          ? 'C5 H9 N O2'     115.130 
SER 'L-peptide linking' y SERINE           ? 'C3 H7 N O3'     105.093 
THR 'L-peptide linking' y THREONINE        ? 'C4 H9 N O3'     119.119 
TRP 'L-peptide linking' y TRYPTOPHAN       ? 'C11 H12 N2 O2'  204.225 
TYR 'L-peptide linking' y TYROSINE         ? 'C9 H11 N O3'    181.189 
VAL 'L-peptide linking' y VALINE           ? 'C5 H11 N O2'    117.146 
# 
loop_
_pdbx_poly_seq_scheme.asym_id 
_pdbx_poly_seq_scheme.entity_id 
_pdbx_poly_seq_scheme.seq_id 
_pdbx_poly_seq_scheme.mon_id 
_pdbx_poly_seq_scheme.ndb_seq_num 
_pdbx_poly_seq_scheme.pdb_seq_num 
_pdbx_poly_seq_scheme.auth_seq_num 
_pdbx_poly_seq_scheme.pdb_mon_id 
_pdbx_poly_seq_scheme.auth_mon_id 
_pdbx_poly_seq_scheme.pdb_strand_id 
_pdbx_poly_seq_scheme.pdb_ins_code 
_pdbx_poly_seq_scheme.hetero 
A 1 1   MSE 1   1   1   MSE MSE A . n 
A 1 2   ASN 2   2   2   ASN ASN A . n 
A 1 3   LYS 3   3   3   LYS LYS A . n 
A 1 4   GLU 4   4   4   GLU GLU A . n 
A 1 5   GLU 5   5   5   GLU GLU A . n 
A 1 6   ILE 6   6   6   ILE ILE A . n 
A 1 7   ILE 7   7   7   ILE ILE A . n 
A 1 8   LEU 8   8   8   LEU LEU A . n 
A 1 9   SER 9   9   9   SER SER A . n 
A 1 10  ALA 10  10  10  ALA ALA A . n 
A 1 11  LYS 11  11  11  LYS LYS A . n 
A 1 12  ASN 12  12  12  ASN ASN A . n 
A 1 13  TRP 13  13  13  TRP TRP A . n 
A 1 14  MSE 14  14  14  MSE MSE A . n 
A 1 15  HIS 15  15  15  HIS HIS A . n 
A 1 16  SER 16  16  16  SER SER A . n 
A 1 17  HIS 17  17  17  HIS HIS A . n 
A 1 18  PHE 18  18  18  PHE PHE A . n 
A 1 19  GLU 19  19  ?   ?   ?   A . n 
A 1 20  ASN 20  20  ?   ?   ?   A . n 
A 1 21  GLU 21  21  ?   ?   ?   A . n 
A 1 22  THR 22  22  ?   ?   ?   A . n 
A 1 23  THR 23  23  ?   ?   ?   A . n 
A 1 24  GLY 24  24  ?   ?   ?   A . n 
A 1 25  HIS 25  25  25  HIS HIS A . n 
A 1 26  ASP 26  26  26  ASP ASP A . n 
A 1 27  TRP 27  27  27  TRP TRP A . n 
A 1 28  SER 28  28  28  SER SER A . n 
A 1 29  HIS 29  29  29  HIS HIS A . n 
A 1 30  ILE 30  30  30  ILE ILE A . n 
A 1 31  LYS 31  31  31  LYS LYS A . n 
A 1 32  ARG 32  32  32  ARG ARG A . n 
A 1 33  VAL 33  33  33  VAL VAL A . n 
A 1 34  TRP 34  34  34  TRP TRP A . n 
A 1 35  LYS 35  35  35  LYS LYS A . n 
A 1 36  LEU 36  36  36  LEU LEU A . n 
A 1 37  SER 37  37  37  SER SER A . n 
A 1 38  LYS 38  38  38  LYS LYS A . n 
A 1 39  GLU 39  39  39  GLU GLU A . n 
A 1 40  ILE 40  40  40  ILE ILE A . n 
A 1 41  GLN 41  41  41  GLN GLN A . n 
A 1 42  SER 42  42  42  SER SER A . n 
A 1 43  LYS 43  43  43  LYS LYS A . n 
A 1 44  GLU 44  44  44  GLU GLU A . n 
A 1 45  GLY 45  45  45  GLY GLY A . n 
A 1 46  GLY 46  46  46  GLY GLY A . n 
A 1 47  ASP 47  47  47  ASP ASP A . n 
A 1 48  LEU 48  48  48  LEU LEU A . n 
A 1 49  PHE 49  49  49  PHE PHE A . n 
A 1 50  THR 50  50  50  THR THR A . n 
A 1 51  ILE 51  51  51  ILE ILE A . n 
A 1 52  GLU 52  52  52  GLU GLU A . n 
A 1 53  LEU 53  53  53  LEU LEU A . n 
A 1 54  ALA 54  54  54  ALA ALA A . n 
A 1 55  ALA 55  55  55  ALA ALA A . n 
A 1 56  LEU 56  56  56  LEU LEU A . n 
A 1 57  PHE 57  57  57  PHE PHE A . n 
A 1 58  HIS 58  58  58  HIS HIS A . n 
A 1 59  ASP 59  59  59  ASP ASP A . n 
A 1 60  TYR 60  60  60  TYR TYR A . n 
A 1 61  SER 61  61  61  SER SER A . n 
A 1 62  ASP 62  62  62  ASP ASP A . n 
A 1 63  ILE 63  63  ?   ?   ?   A . n 
A 1 64  LYS 64  64  ?   ?   ?   A . n 
A 1 65  LEU 65  65  ?   ?   ?   A . n 
A 1 66  THR 66  66  ?   ?   ?   A . n 
A 1 67  THR 67  67  ?   ?   ?   A . n 
A 1 68  ASP 68  68  ?   ?   ?   A . n 
A 1 69  GLU 69  69  ?   ?   ?   A . n 
A 1 70  GLN 70  70  70  GLN GLN A . n 
A 1 71  GLU 71  71  71  GLU GLU A . n 
A 1 72  ALA 72  72  72  ALA ALA A . n 
A 1 73  THR 73  73  73  THR THR A . n 
A 1 74  LYS 74  74  74  LYS LYS A . n 
A 1 75  THR 75  75  75  THR THR A . n 
A 1 76  LEU 76  76  76  LEU LEU A . n 
A 1 77  ILE 77  77  77  ILE ILE A . n 
A 1 78  ASN 78  78  78  ASN ASN A . n 
A 1 79  TRP 79  79  79  TRP TRP A . n 
A 1 80  MSE 80  80  80  MSE MSE A . n 
A 1 81  GLU 81  81  81  GLU GLU A . n 
A 1 82  THR 82  82  82  THR THR A . n 
A 1 83  LYS 83  83  83  LYS LYS A . n 
A 1 84  GLU 84  84  84  GLU GLU A . n 
A 1 85  ILE 85  85  85  ILE ILE A . n 
A 1 86  PRO 86  86  86  PRO PRO A . n 
A 1 87  SER 87  87  87  SER SER A . n 
A 1 88  GLU 88  88  88  GLU GLU A . n 
A 1 89  LEU 89  89  89  LEU LEU A . n 
A 1 90  ILE 90  90  90  ILE ILE A . n 
A 1 91  LYS 91  91  91  LYS LYS A . n 
A 1 92  LYS 92  92  92  LYS LYS A . n 
A 1 93  ILE 93  93  93  ILE ILE A . n 
A 1 94  ILE 94  94  94  ILE ILE A . n 
A 1 95  ARG 95  95  95  ARG ARG A . n 
A 1 96  ILE 96  96  96  ILE ILE A . n 
A 1 97  ILE 97  97  97  ILE ILE A . n 
A 1 98  GLN 98  98  98  GLN GLN A . n 
A 1 99  SER 99  99  99  SER SER A . n 
A 1 100 VAL 100 100 100 VAL VAL A . n 
A 1 101 SER 101 101 101 SER SER A . n 
A 1 102 PHE 102 102 ?   ?   ?   A . n 
A 1 103 LYS 103 103 ?   ?   ?   A . n 
A 1 104 LYS 104 104 ?   ?   ?   A . n 
A 1 105 GLY 105 105 ?   ?   ?   A . n 
A 1 106 LYS 106 106 ?   ?   ?   A . n 
A 1 107 ASN 107 107 ?   ?   ?   A . n 
A 1 108 THR 108 108 ?   ?   ?   A . n 
A 1 109 PHE 109 109 ?   ?   ?   A . n 
A 1 110 LYS 110 110 ?   ?   ?   A . n 
A 1 111 ALA 111 111 111 ALA ALA A . n 
A 1 112 LEU 112 112 112 LEU LEU A . n 
A 1 113 THR 113 113 113 THR THR A . n 
A 1 114 ILE 114 114 114 ILE ILE A . n 
A 1 115 GLU 115 115 115 GLU GLU A . n 
A 1 116 GLU 116 116 116 GLU GLU A . n 
A 1 117 LYS 117 117 117 LYS LYS A . n 
A 1 118 ILE 118 118 118 ILE ILE A . n 
A 1 119 VAL 119 119 119 VAL VAL A . n 
A 1 120 GLN 120 120 120 GLN GLN A . n 
A 1 121 ASP 121 121 121 ASP ASP A . n 
A 1 122 ALA 122 122 122 ALA ALA A . n 
A 1 123 ASP 123 123 123 ASP ASP A . n 
A 1 124 ARG 124 124 124 ARG ARG A . n 
A 1 125 LEU 125 125 125 LEU LEU A . n 
A 1 126 ASP 126 126 126 ASP ASP A . n 
A 1 127 ALA 127 127 127 ALA ALA A . n 
A 1 128 ILE 128 128 128 ILE ILE A . n 
A 1 129 GLY 129 129 129 GLY GLY A . n 
A 1 130 ALA 130 130 130 ALA ALA A . n 
A 1 131 ILE 131 131 131 ILE ILE A . n 
A 1 132 GLY 132 132 132 GLY GLY A . n 
A 1 133 ILE 133 133 133 ILE ILE A . n 
A 1 134 ALA 134 134 134 ALA ALA A . n 
A 1 135 ARG 135 135 135 ARG ARG A . n 
A 1 136 THR 136 136 136 THR THR A . n 
A 1 137 PHE 137 137 137 PHE PHE A . n 
A 1 138 THR 138 138 138 THR THR A . n 
A 1 139 TYR 139 139 139 TYR TYR A . n 
A 1 140 GLY 140 140 140 GLY GLY A . n 
A 1 141 GLY 141 141 141 GLY GLY A . n 
A 1 142 ALA 142 142 142 ALA ALA A . n 
A 1 143 HIS 143 143 143 HIS HIS A . n 
A 1 144 ASN 144 144 144 ASN ASN A . n 
A 1 145 ARG 145 145 145 ARG ARG A . n 
A 1 146 GLU 146 146 146 GLU GLU A . n 
A 1 147 ILE 147 147 147 ILE ILE A . n 
A 1 148 ALA 148 148 148 ALA ALA A . n 
A 1 149 ASN 149 149 149 ASN ASN A . n 
A 1 150 GLN 150 150 150 GLN GLN A . n 
A 1 151 ASN 151 151 151 ASN ASN A . n 
A 1 152 ASN 152 152 ?   ?   ?   A . n 
A 1 153 PRO 153 153 153 PRO PRO A . n 
A 1 154 LYS 154 154 154 LYS LYS A . n 
A 1 155 ASN 155 155 155 ASN ASN A . n 
A 1 156 THR 156 156 156 THR THR A . n 
A 1 157 THR 157 157 157 THR THR A . n 
A 1 158 LEU 158 158 158 LEU LEU A . n 
A 1 159 GLN 159 159 159 GLN GLN A . n 
A 1 160 HIS 160 160 160 HIS HIS A . n 
A 1 161 PHE 161 161 161 PHE PHE A . n 
A 1 162 TYR 162 162 162 TYR TYR A . n 
A 1 163 ASP 163 163 163 ASP ASP A . n 
A 1 164 LYS 164 164 164 LYS LYS A . n 
A 1 165 LEU 165 165 165 LEU LEU A . n 
A 1 166 LEU 166 166 166 LEU LEU A . n 
A 1 167 LEU 167 167 167 LEU LEU A . n 
A 1 168 ILE 168 168 168 ILE ILE A . n 
A 1 169 LYS 169 169 169 LYS LYS A . n 
A 1 170 ASP 170 170 170 ASP ASP A . n 
A 1 171 GLN 171 171 171 GLN GLN A . n 
A 1 172 LEU 172 172 172 LEU LEU A . n 
A 1 173 ASN 173 173 173 ASN ASN A . n 
A 1 174 THR 174 174 174 THR THR A . n 
A 1 175 GLU 175 175 175 GLU GLU A . n 
A 1 176 THR 176 176 176 THR THR A . n 
A 1 177 ALA 177 177 177 ALA ALA A . n 
A 1 178 LYS 178 178 178 LYS LYS A . n 
A 1 179 THR 179 179 179 THR THR A . n 
A 1 180 ILE 180 180 180 ILE ILE A . n 
A 1 181 ALA 181 181 181 ALA ALA A . n 
A 1 182 LYS 182 182 182 LYS LYS A . n 
A 1 183 GLU 183 183 183 GLU GLU A . n 
A 1 184 LYS 184 184 184 LYS LYS A . n 
A 1 185 GLN 185 185 185 GLN GLN A . n 
A 1 186 LYS 186 186 186 LYS LYS A . n 
A 1 187 ILE 187 187 187 ILE ILE A . n 
A 1 188 MSE 188 188 188 MSE MSE A . n 
A 1 189 GLN 189 189 189 GLN GLN A . n 
A 1 190 ASP 190 190 190 ASP ASP A . n 
A 1 191 PHE 191 191 191 PHE PHE A . n 
A 1 192 ILE 192 192 192 ILE ILE A . n 
A 1 193 GLN 193 193 193 GLN GLN A . n 
A 1 194 ALA 194 194 194 ALA ALA A . n 
A 1 195 LEU 195 195 195 LEU LEU A . n 
A 1 196 GLU 196 196 196 GLU GLU A . n 
A 1 197 LYS 197 197 197 LYS LYS A . n 
A 1 198 GLU 198 198 198 GLU GLU A . n 
A 1 199 LEU 199 199 199 LEU LEU A . n 
A 1 200 LYS 200 200 200 LYS LYS A . n 
A 1 201 VAL 201 201 201 VAL VAL A . n 
A 1 202 LEU 202 202 202 LEU LEU A . n 
A 1 203 GLU 203 203 203 GLU GLU A . n 
A 1 204 HIS 204 204 ?   ?   ?   A . n 
A 1 205 HIS 205 205 ?   ?   ?   A . n 
A 1 206 HIS 206 206 ?   ?   ?   A . n 
A 1 207 HIS 207 207 ?   ?   ?   A . n 
A 1 208 HIS 208 208 ?   ?   ?   A . n 
A 1 209 HIS 209 209 ?   ?   ?   A . n 
# 
_pdbx_nonpoly_scheme.asym_id         B 
_pdbx_nonpoly_scheme.entity_id       2 
_pdbx_nonpoly_scheme.mon_id          MG 
_pdbx_nonpoly_scheme.ndb_seq_num     1 
_pdbx_nonpoly_scheme.pdb_seq_num     210 
_pdbx_nonpoly_scheme.auth_seq_num    210 
_pdbx_nonpoly_scheme.pdb_mon_id      MG 
_pdbx_nonpoly_scheme.auth_mon_id     MG 
_pdbx_nonpoly_scheme.pdb_strand_id   A 
_pdbx_nonpoly_scheme.pdb_ins_code    . 
# 
loop_
_software.name 
_software.classification 
_software.version 
_software.citation_id 
_software.pdbx_ordinal 
CNS       refinement        1.2     ? 1 
ADSC      'data collection' Quantum ? 2 
HKL-2000  'data reduction'  .       ? 3 
SCALEPACK 'data scaling'    .       ? 4 
SnB       phasing           .       ? 5 
# 
_cell.entry_id           3B57 
_cell.length_a           126.487 
_cell.length_b           126.487 
_cell.length_c           126.487 
_cell.angle_alpha        90.00 
_cell.angle_beta         90.00 
_cell.angle_gamma        90.00 
_cell.Z_PDB              24 
_cell.pdbx_unique_axis   ? 
_cell.length_a_esd       ? 
_cell.length_b_esd       ? 
_cell.length_c_esd       ? 
_cell.angle_alpha_esd    ? 
_cell.angle_beta_esd     ? 
_cell.angle_gamma_esd    ? 
# 
_symmetry.entry_id                         3B57 
_symmetry.space_group_name_H-M             'P 41 3 2' 
_symmetry.pdbx_full_space_group_name_H-M   ? 
_symmetry.cell_setting                     ? 
_symmetry.Int_Tables_number                213 
_symmetry.space_group_name_Hall            ? 
# 
_exptl.entry_id          3B57 
_exptl.method            'X-RAY DIFFRACTION' 
_exptl.crystals_number   1 
# 
_exptl_crystal.id                    1 
_exptl_crystal.density_meas          ? 
_exptl_crystal.density_Matthews      3.44 
_exptl_crystal.density_percent_sol   64.23 
_exptl_crystal.description           'The structure factor file contains Friedel pairs' 
_exptl_crystal.F_000                 ? 
_exptl_crystal.preparation           ? 
# 
_exptl_crystal_grow.crystal_id      1 
_exptl_crystal_grow.method          'VAPOR DIFFUSION, HANGING DROP' 
_exptl_crystal_grow.temp            293 
_exptl_crystal_grow.temp_details    ? 
_exptl_crystal_grow.pH              7.0 
_exptl_crystal_grow.pdbx_details    '2M (NH4)2HPO4, 100 mM MOPS, pH 7.0, VAPOR DIFFUSION, HANGING DROP, temperature 293K' 
_exptl_crystal_grow.pdbx_pH_range   . 
# 
_diffrn.id                     1 
_diffrn.ambient_temp           100 
_diffrn.ambient_temp_details   ? 
_diffrn.crystal_id             1 
# 
_diffrn_detector.diffrn_id              1 
_diffrn_detector.detector               CCD 
_diffrn_detector.type                   'ADSC QUANTUM 4' 
_diffrn_detector.pdbx_collection_date   ? 
_diffrn_detector.details                ? 
# 
_diffrn_radiation.diffrn_id                        1 
_diffrn_radiation.wavelength_id                    1 
_diffrn_radiation.pdbx_monochromatic_or_laue_m_l   M 
_diffrn_radiation.monochromator                    ? 
_diffrn_radiation.pdbx_diffrn_protocol             'SINGLE WAVELENGTH' 
_diffrn_radiation.pdbx_scattering_type             x-ray 
# 
_diffrn_radiation_wavelength.id           1 
_diffrn_radiation_wavelength.wavelength   0.97900 
_diffrn_radiation_wavelength.wt           1.0 
# 
_diffrn_source.diffrn_id                   1 
_diffrn_source.source                      SYNCHROTRON 
_diffrn_source.type                        'NSLS BEAMLINE X4A' 
_diffrn_source.pdbx_synchrotron_site       NSLS 
_diffrn_source.pdbx_synchrotron_beamline   X4A 
_diffrn_source.pdbx_wavelength             ? 
_diffrn_source.pdbx_wavelength_list        0.97900 
# 
_reflns.entry_id                     3B57 
_reflns.observed_criterion_sigma_I   -3.0 
_reflns.observed_criterion_sigma_F   ? 
_reflns.d_resolution_low             44.72 
_reflns.d_resolution_high            3.0 
_reflns.number_obs                   13151 
_reflns.number_all                   ? 
_reflns.percent_possible_obs         98.7 
_reflns.pdbx_Rmerge_I_obs            ? 
_reflns.pdbx_Rsym_value              ? 
_reflns.pdbx_netI_over_sigmaI        ? 
_reflns.B_iso_Wilson_estimate        ? 
_reflns.pdbx_redundancy              ? 
_reflns.R_free_details               ? 
_reflns.limit_h_max                  ? 
_reflns.limit_h_min                  ? 
_reflns.limit_k_max                  ? 
_reflns.limit_k_min                  ? 
_reflns.limit_l_max                  ? 
_reflns.limit_l_min                  ? 
_reflns.observed_criterion_F_max     ? 
_reflns.observed_criterion_F_min     ? 
_reflns.pdbx_chi_squared             ? 
_reflns.pdbx_scaling_rejects         ? 
_reflns.pdbx_diffrn_id               1 
_reflns.pdbx_ordinal                 1 
# 
_reflns_shell.d_res_high             3.00 
_reflns_shell.d_res_low              3.05 
_reflns_shell.percent_possible_all   92.1 
_reflns_shell.Rmerge_I_obs           ? 
_reflns_shell.pdbx_Rsym_value        ? 
_reflns_shell.meanI_over_sigI_obs    ? 
_reflns_shell.pdbx_redundancy        ? 
_reflns_shell.percent_possible_obs   ? 
_reflns_shell.number_unique_all      ? 
_reflns_shell.number_measured_all    ? 
_reflns_shell.number_measured_obs    ? 
_reflns_shell.number_unique_obs      ? 
_reflns_shell.pdbx_chi_squared       ? 
_reflns_shell.pdbx_diffrn_id         ? 
_reflns_shell.pdbx_ordinal           1 
# 
_refine.entry_id                                 3B57 
_refine.ls_number_reflns_obs                     12200 
_refine.ls_number_reflns_all                     ? 
_refine.pdbx_ls_sigma_I                          ? 
_refine.pdbx_ls_sigma_F                          2.0 
_refine.pdbx_data_cutoff_high_absF               69895.96 
_refine.pdbx_data_cutoff_low_absF                0.000000 
_refine.pdbx_data_cutoff_high_rms_absF           ? 
_refine.ls_d_res_low                             44.72 
_refine.ls_d_res_high                            3.00 
_refine.ls_percent_reflns_obs                    93.1 
_refine.ls_R_factor_obs                          0.216 
_refine.ls_R_factor_all                          ? 
_refine.ls_R_factor_R_work                       0.2138 
_refine.ls_R_factor_R_free                       0.2497 
_refine.ls_R_factor_R_free_error                 0.010 
_refine.ls_R_factor_R_free_error_details         ? 
_refine.ls_percent_reflns_R_free                 5.1 
_refine.ls_number_reflns_R_free                  624 
_refine.ls_number_parameters                     ? 
_refine.ls_number_restraints                     ? 
_refine.occupancy_min                            ? 
_refine.occupancy_max                            ? 
_refine.correlation_coeff_Fo_to_Fc               ? 
_refine.correlation_coeff_Fo_to_Fc_free          ? 
_refine.B_iso_mean                               48.6 
_refine.aniso_B[1][1]                            0.00 
_refine.aniso_B[2][2]                            0.00 
_refine.aniso_B[3][3]                            0.00 
_refine.aniso_B[1][2]                            0.00 
_refine.aniso_B[1][3]                            0.00 
_refine.aniso_B[2][3]                            0.00 
_refine.solvent_model_details                    'BULK SOLVENT MODEL USED' 
_refine.solvent_model_param_ksol                 0.35 
_refine.solvent_model_param_bsol                 22.075 
_refine.pdbx_solvent_vdw_probe_radii             ? 
_refine.pdbx_solvent_ion_probe_radii             ? 
_refine.pdbx_solvent_shrinkage_radii             ? 
_refine.pdbx_ls_cross_valid_method               THROUGHOUT 
_refine.details                                  'The Friedel pairs were used in phasing' 
_refine.pdbx_starting_model                      ? 
_refine.pdbx_method_to_determine_struct          SAD 
_refine.pdbx_isotropic_thermal_model             RESTRAINED 
_refine.pdbx_stereochemistry_target_values       'Engh & Huber' 
_refine.pdbx_stereochem_target_val_spec_case     ? 
_refine.pdbx_R_Free_selection_details            RANDOM 
_refine.pdbx_overall_ESU_R                       ? 
_refine.pdbx_overall_ESU_R_Free                  ? 
_refine.overall_SU_ML                            ? 
_refine.overall_SU_B                             ? 
_refine.ls_redundancy_reflns_obs                 ? 
_refine.B_iso_min                                ? 
_refine.B_iso_max                                ? 
_refine.overall_SU_R_Cruickshank_DPI             ? 
_refine.overall_SU_R_free                        ? 
_refine.ls_wR_factor_R_free                      ? 
_refine.ls_wR_factor_R_work                      ? 
_refine.overall_FOM_free_R_set                   ? 
_refine.overall_FOM_work_R_set                   ? 
_refine.pdbx_refine_id                           'X-RAY DIFFRACTION' 
_refine.pdbx_diffrn_id                           1 
_refine.pdbx_TLS_residual_ADP_flag               ? 
_refine.pdbx_overall_phase_error                 ? 
_refine.pdbx_overall_SU_R_free_Cruickshank_DPI   ? 
_refine.pdbx_overall_SU_R_Blow_DPI               ? 
_refine.pdbx_overall_SU_R_free_Blow_DPI          ? 
# 
_refine_analyze.entry_id                        3B57 
_refine_analyze.Luzzati_coordinate_error_obs    0.34 
_refine_analyze.Luzzati_sigma_a_obs             0.44 
_refine_analyze.Luzzati_d_res_low_obs           5.00 
_refine_analyze.Luzzati_coordinate_error_free   0.44 
_refine_analyze.Luzzati_sigma_a_free            0.59 
_refine_analyze.Luzzati_d_res_low_free          ? 
_refine_analyze.number_disordered_residues      ? 
_refine_analyze.occupancy_sum_hydrogen          ? 
_refine_analyze.occupancy_sum_non_hydrogen      ? 
_refine_analyze.pdbx_Luzzati_d_res_high_obs     ? 
_refine_analyze.pdbx_refine_id                  'X-RAY DIFFRACTION' 
# 
_refine_hist.pdbx_refine_id                   'X-RAY DIFFRACTION' 
_refine_hist.cycle_id                         LAST 
_refine_hist.pdbx_number_atoms_protein        1469 
_refine_hist.pdbx_number_atoms_nucleic_acid   0 
_refine_hist.pdbx_number_atoms_ligand         1 
_refine_hist.number_atoms_solvent             0 
_refine_hist.number_atoms_total               1470 
_refine_hist.d_res_high                       3.00 
_refine_hist.d_res_low                        44.72 
# 
loop_
_refine_ls_restr.type 
_refine_ls_restr.dev_ideal 
_refine_ls_restr.dev_ideal_target 
_refine_ls_restr.weight 
_refine_ls_restr.number 
_refine_ls_restr.pdbx_refine_id 
_refine_ls_restr.pdbx_restraint_function 
c_bond_d                0.007488 ?   ? ? 'X-RAY DIFFRACTION' ? 
c_bond_d_na             ?        ?   ? ? 'X-RAY DIFFRACTION' ? 
c_bond_d_prot           ?        ?   ? ? 'X-RAY DIFFRACTION' ? 
c_angle_d               ?        ?   ? ? 'X-RAY DIFFRACTION' ? 
c_angle_d_na            ?        ?   ? ? 'X-RAY DIFFRACTION' ? 
c_angle_d_prot          ?        ?   ? ? 'X-RAY DIFFRACTION' ? 
c_angle_deg             1.04752  ?   ? ? 'X-RAY DIFFRACTION' ? 
c_angle_deg_na          ?        ?   ? ? 'X-RAY DIFFRACTION' ? 
c_angle_deg_prot        ?        ?   ? ? 'X-RAY DIFFRACTION' ? 
c_dihedral_angle_d      19.9     ?   ? ? 'X-RAY DIFFRACTION' ? 
c_dihedral_angle_d_na   ?        ?   ? ? 'X-RAY DIFFRACTION' ? 
c_dihedral_angle_d_prot ?        ?   ? ? 'X-RAY DIFFRACTION' ? 
c_improper_angle_d      0.71     ?   ? ? 'X-RAY DIFFRACTION' ? 
c_improper_angle_d_na   ?        ?   ? ? 'X-RAY DIFFRACTION' ? 
c_improper_angle_d_prot ?        ?   ? ? 'X-RAY DIFFRACTION' ? 
c_mcbond_it             1.517    1.5 ? ? 'X-RAY DIFFRACTION' ? 
c_mcangle_it            2.703    2.0 ? ? 'X-RAY DIFFRACTION' ? 
c_scbond_it             1.924    2.0 ? ? 'X-RAY DIFFRACTION' ? 
c_scangle_it            3.123    2.5 ? ? 'X-RAY DIFFRACTION' ? 
# 
_refine_ls_shell.pdbx_total_number_of_bins_used   6 
_refine_ls_shell.d_res_high                       3.00 
_refine_ls_shell.d_res_low                        3.19 
_refine_ls_shell.number_reflns_R_work             1721 
_refine_ls_shell.R_factor_R_work                  0.285 
_refine_ls_shell.percent_reflns_obs               84.7 
_refine_ls_shell.R_factor_R_free                  0.332 
_refine_ls_shell.R_factor_R_free_error            0.033 
_refine_ls_shell.percent_reflns_R_free            5.4 
_refine_ls_shell.number_reflns_R_free             99 
_refine_ls_shell.number_reflns_all                ? 
_refine_ls_shell.R_factor_all                     ? 
_refine_ls_shell.redundancy_reflns_obs            ? 
_refine_ls_shell.number_reflns_obs                ? 
_refine_ls_shell.pdbx_refine_id                   'X-RAY DIFFRACTION' 
# 
loop_
_pdbx_xplor_file.serial_no 
_pdbx_xplor_file.param_file 
_pdbx_xplor_file.topol_file 
_pdbx_xplor_file.pdbx_refine_id 
1 protein_rep.param protein.top 'X-RAY DIFFRACTION' 
2 ion.param         ion.top     'X-RAY DIFFRACTION' 
# 
_struct.entry_id                  3B57 
_struct.title                     
'Crystal structure of the Lin1889 protein (Q92AN1) from Listeria innocua. Northeast Structural Consortium target LkR65' 
_struct.pdbx_model_details        ? 
_struct.pdbx_CASP_flag            N 
_struct.pdbx_model_type_details   ? 
# 
_struct_keywords.entry_id        3B57 
_struct_keywords.pdbx_keywords   'STRUCTURAL GENOMICS, UNKNOWN FUNCTION' 
_struct_keywords.text            
;Lin1889, Q92AN1, NESG, Structural Genomics, PSI-2, Protein Structure Initiative, Northeast Structural Genomics Consortium, UNKNOWN FUNCTION
;
# 
loop_
_struct_asym.id 
_struct_asym.pdbx_blank_PDB_chainid_flag 
_struct_asym.pdbx_modified 
_struct_asym.entity_id 
_struct_asym.details 
A N N 1 ? 
B N N 2 ? 
# 
_struct_ref.id                         1 
_struct_ref.db_name                    UNP 
_struct_ref.db_code                    Q92AN1_LISIN 
_struct_ref.pdbx_db_accession          Q92AN1 
_struct_ref.entity_id                  1 
_struct_ref.pdbx_seq_one_letter_code   
;MNKEEIILSAKNWMHSHFENETTGHDWSHIKRVWKLSKEIQSKEGGDLFTIELAALFHDYSDIKLTTDEQEATKTLINWM
ETKEIPSELIKKIIRIIQSVSFKKGKNTFKALTIEEKIVQDADRLDAIGAIGIARTFTYGGAHNREIANQNNPKNTTLQH
FYDKLLLIKDQLNTETAKTIAKEKQKIMQDFIQALEKELKV
;
_struct_ref.pdbx_align_begin           1 
_struct_ref.pdbx_db_isoform            ? 
# 
_struct_ref_seq.align_id                      1 
_struct_ref_seq.ref_id                        1 
_struct_ref_seq.pdbx_PDB_id_code              3B57 
_struct_ref_seq.pdbx_strand_id                A 
_struct_ref_seq.seq_align_beg                 1 
_struct_ref_seq.pdbx_seq_align_beg_ins_code   ? 
_struct_ref_seq.seq_align_end                 201 
_struct_ref_seq.pdbx_seq_align_end_ins_code   ? 
_struct_ref_seq.pdbx_db_accession             Q92AN1 
_struct_ref_seq.db_align_beg                  1 
_struct_ref_seq.pdbx_db_align_beg_ins_code    ? 
_struct_ref_seq.db_align_end                  201 
_struct_ref_seq.pdbx_db_align_end_ins_code    ? 
_struct_ref_seq.pdbx_auth_seq_align_beg       1 
_struct_ref_seq.pdbx_auth_seq_align_end       201 
# 
loop_
_struct_ref_seq_dif.align_id 
_struct_ref_seq_dif.pdbx_pdb_id_code 
_struct_ref_seq_dif.mon_id 
_struct_ref_seq_dif.pdbx_pdb_strand_id 
_struct_ref_seq_dif.seq_num 
_struct_ref_seq_dif.pdbx_pdb_ins_code 
_struct_ref_seq_dif.pdbx_seq_db_name 
_struct_ref_seq_dif.pdbx_seq_db_accession_code 
_struct_ref_seq_dif.db_mon_id 
_struct_ref_seq_dif.pdbx_seq_db_seq_num 
_struct_ref_seq_dif.details 
_struct_ref_seq_dif.pdbx_auth_seq_num 
_struct_ref_seq_dif.pdbx_ordinal 
1 3B57 LEU A 202 ? UNP Q92AN1 ? ? 'expression tag' 202 1 
1 3B57 GLU A 203 ? UNP Q92AN1 ? ? 'expression tag' 203 2 
1 3B57 HIS A 204 ? UNP Q92AN1 ? ? 'expression tag' 204 3 
1 3B57 HIS A 205 ? UNP Q92AN1 ? ? 'expression tag' 205 4 
1 3B57 HIS A 206 ? UNP Q92AN1 ? ? 'expression tag' 206 5 
1 3B57 HIS A 207 ? UNP Q92AN1 ? ? 'expression tag' 207 6 
1 3B57 HIS A 208 ? UNP Q92AN1 ? ? 'expression tag' 208 7 
1 3B57 HIS A 209 ? UNP Q92AN1 ? ? 'expression tag' 209 8 
# 
_pdbx_struct_assembly.id                   1 
_pdbx_struct_assembly.details              author_and_software_defined_assembly 
_pdbx_struct_assembly.method_details       PISA 
_pdbx_struct_assembly.oligomeric_details   dimeric 
_pdbx_struct_assembly.oligomeric_count     2 
# 
_pdbx_struct_assembly_prop.biol_id   1 
_pdbx_struct_assembly_prop.type      'ABSA (A^2)' 
_pdbx_struct_assembly_prop.value     2820 
_pdbx_struct_assembly_prop.details   ? 
# 
_pdbx_struct_assembly_gen.assembly_id       1 
_pdbx_struct_assembly_gen.oper_expression   1,2 
_pdbx_struct_assembly_gen.asym_id_list      A,B 
# 
loop_
_pdbx_struct_oper_list.id 
_pdbx_struct_oper_list.type 
_pdbx_struct_oper_list.name 
_pdbx_struct_oper_list.symmetry_operation 
_pdbx_struct_oper_list.matrix[1][1] 
_pdbx_struct_oper_list.matrix[1][2] 
_pdbx_struct_oper_list.matrix[1][3] 
_pdbx_struct_oper_list.vector[1] 
_pdbx_struct_oper_list.matrix[2][1] 
_pdbx_struct_oper_list.matrix[2][2] 
_pdbx_struct_oper_list.matrix[2][3] 
_pdbx_struct_oper_list.vector[2] 
_pdbx_struct_oper_list.matrix[3][1] 
_pdbx_struct_oper_list.matrix[3][2] 
_pdbx_struct_oper_list.matrix[3][3] 
_pdbx_struct_oper_list.vector[3] 
1 'identity operation'         1_555  x,y,z              1.0000000000  0.0000000000 0.0000000000 0.0000000000  0.0000000000 1.0000000000  0.0000000000 0.0000000000   0.0000000000 0.0000000000 1.0000000000 0.0000000000 
2 'crystal symmetry operation' 22_564 z+1/4,-y+5/4,x-1/4 -0.9999977997 0.0003217959 0.0020729144 -5.8741923554 0.0003217959 -0.9529363271 0.3031703365 -34.1459504483 0.0020729144 0.3031703365 0.9529341268 5.3069972223 
# 
_struct_biol.id        1 
_struct_biol.details   ? 
# 
loop_
_struct_conf.conf_type_id 
_struct_conf.id 
_struct_conf.pdbx_PDB_helix_id 
_struct_conf.beg_label_comp_id 
_struct_conf.beg_label_asym_id 
_struct_conf.beg_label_seq_id 
_struct_conf.pdbx_beg_PDB_ins_code 
_struct_conf.end_label_comp_id 
_struct_conf.end_label_asym_id 
_struct_conf.end_label_seq_id 
_struct_conf.pdbx_end_PDB_ins_code 
_struct_conf.beg_auth_comp_id 
_struct_conf.beg_auth_asym_id 
_struct_conf.beg_auth_seq_id 
_struct_conf.end_auth_comp_id 
_struct_conf.end_auth_asym_id 
_struct_conf.end_auth_seq_id 
_struct_conf.pdbx_PDB_helix_class 
_struct_conf.details 
_struct_conf.pdbx_PDB_helix_length 
HELX_P HELX_P1  1  ASN A 2   ? SER A 16  ? ASN A 2   SER A 16  1 ? 15 
HELX_P HELX_P2  2  ASP A 26  ? GLY A 45  ? ASP A 26  GLY A 45  1 ? 20 
HELX_P HELX_P3  3  ASP A 47  ? HIS A 58  ? ASP A 47  HIS A 58  1 ? 12 
HELX_P HELX_P4  4  GLN A 70  ? LYS A 83  ? GLN A 70  LYS A 83  1 ? 14 
HELX_P HELX_P5  5  PRO A 86  ? SER A 101 ? PRO A 86  SER A 101 1 ? 16 
HELX_P HELX_P6  6  THR A 113 ? ASP A 126 ? THR A 113 ASP A 126 1 ? 14 
HELX_P HELX_P7  7  ILE A 128 ? GLY A 141 ? ILE A 128 GLY A 141 1 ? 14 
HELX_P HELX_P8  8  THR A 156 ? LYS A 164 ? THR A 156 LYS A 164 1 ? 9  
HELX_P HELX_P9  9  LYS A 164 ? LEU A 172 ? LYS A 164 LEU A 172 1 ? 9  
HELX_P HELX_P10 10 THR A 174 ? ILE A 180 ? THR A 174 ILE A 180 1 ? 7  
HELX_P HELX_P11 11 ALA A 181 ? LEU A 199 ? ALA A 181 LEU A 199 1 ? 19 
# 
_struct_conf_type.id          HELX_P 
_struct_conf_type.criteria    ? 
_struct_conf_type.reference   ? 
# 
loop_
_struct_conn.id 
_struct_conn.conn_type_id 
_struct_conn.pdbx_leaving_atom_flag 
_struct_conn.pdbx_PDB_id 
_struct_conn.ptnr1_label_asym_id 
_struct_conn.ptnr1_label_comp_id 
_struct_conn.ptnr1_label_seq_id 
_struct_conn.ptnr1_label_atom_id 
_struct_conn.pdbx_ptnr1_label_alt_id 
_struct_conn.pdbx_ptnr1_PDB_ins_code 
_struct_conn.pdbx_ptnr1_standard_comp_id 
_struct_conn.ptnr1_symmetry 
_struct_conn.ptnr2_label_asym_id 
_struct_conn.ptnr2_label_comp_id 
_struct_conn.ptnr2_label_seq_id 
_struct_conn.ptnr2_label_atom_id 
_struct_conn.pdbx_ptnr2_label_alt_id 
_struct_conn.pdbx_ptnr2_PDB_ins_code 
_struct_conn.ptnr1_auth_asym_id 
_struct_conn.ptnr1_auth_comp_id 
_struct_conn.ptnr1_auth_seq_id 
_struct_conn.ptnr2_auth_asym_id 
_struct_conn.ptnr2_auth_comp_id 
_struct_conn.ptnr2_auth_seq_id 
_struct_conn.ptnr2_symmetry 
_struct_conn.pdbx_ptnr3_label_atom_id 
_struct_conn.pdbx_ptnr3_label_seq_id 
_struct_conn.pdbx_ptnr3_label_comp_id 
_struct_conn.pdbx_ptnr3_label_asym_id 
_struct_conn.pdbx_ptnr3_label_alt_id 
_struct_conn.pdbx_ptnr3_PDB_ins_code 
_struct_conn.details 
_struct_conn.pdbx_dist_value 
_struct_conn.pdbx_value_order 
_struct_conn.pdbx_role 
covale1 covale both ? A MSE 1   C ? ? ? 1_555 A ASN 2   N ? ? A MSE 1   A ASN 2   1_555 ? ? ? ? ? ? ? 1.333 ? ? 
covale2 covale both ? A TRP 13  C ? ? ? 1_555 A MSE 14  N ? ? A TRP 13  A MSE 14  1_555 ? ? ? ? ? ? ? 1.329 ? ? 
covale3 covale both ? A MSE 14  C ? ? ? 1_555 A HIS 15  N ? ? A MSE 14  A HIS 15  1_555 ? ? ? ? ? ? ? 1.329 ? ? 
covale4 covale both ? A TRP 79  C ? ? ? 1_555 A MSE 80  N ? ? A TRP 79  A MSE 80  1_555 ? ? ? ? ? ? ? 1.329 ? ? 
covale5 covale both ? A MSE 80  C ? ? ? 1_555 A GLU 81  N ? ? A MSE 80  A GLU 81  1_555 ? ? ? ? ? ? ? 1.329 ? ? 
covale6 covale both ? A ILE 187 C ? ? ? 1_555 A MSE 188 N ? ? A ILE 187 A MSE 188 1_555 ? ? ? ? ? ? ? 1.322 ? ? 
covale7 covale both ? A MSE 188 C ? ? ? 1_555 A GLN 189 N ? ? A MSE 188 A GLN 189 1_555 ? ? ? ? ? ? ? 1.328 ? ? 
# 
_struct_conn_type.id          covale 
_struct_conn_type.criteria    ? 
_struct_conn_type.reference   ? 
# 
loop_
_pdbx_modification_feature.ordinal 
_pdbx_modification_feature.label_comp_id 
_pdbx_modification_feature.label_asym_id 
_pdbx_modification_feature.label_seq_id 
_pdbx_modification_feature.label_alt_id 
_pdbx_modification_feature.modified_residue_label_comp_id 
_pdbx_modification_feature.modified_residue_label_asym_id 
_pdbx_modification_feature.modified_residue_label_seq_id 
_pdbx_modification_feature.modified_residue_label_alt_id 
_pdbx_modification_feature.auth_comp_id 
_pdbx_modification_feature.auth_asym_id 
_pdbx_modification_feature.auth_seq_id 
_pdbx_modification_feature.PDB_ins_code 
_pdbx_modification_feature.symmetry 
_pdbx_modification_feature.modified_residue_auth_comp_id 
_pdbx_modification_feature.modified_residue_auth_asym_id 
_pdbx_modification_feature.modified_residue_auth_seq_id 
_pdbx_modification_feature.modified_residue_PDB_ins_code 
_pdbx_modification_feature.modified_residue_symmetry 
_pdbx_modification_feature.comp_id_linking_atom 
_pdbx_modification_feature.modified_residue_id_linking_atom 
_pdbx_modification_feature.modified_residue_id 
_pdbx_modification_feature.ref_pcm_id 
_pdbx_modification_feature.ref_comp_id 
_pdbx_modification_feature.type 
_pdbx_modification_feature.category 
1 MSE A 1   ? . . . . MSE A 1   ? 1_555 . . . . . . . MET 1 MSE Selenomethionine 'Named protein modification' 
2 MSE A 14  ? . . . . MSE A 14  ? 1_555 . . . . . . . MET 1 MSE Selenomethionine 'Named protein modification' 
3 MSE A 80  ? . . . . MSE A 80  ? 1_555 . . . . . . . MET 1 MSE Selenomethionine 'Named protein modification' 
4 MSE A 188 ? . . . . MSE A 188 ? 1_555 . . . . . . . MET 1 MSE Selenomethionine 'Named protein modification' 
# 
_struct_site.id                   AC1 
_struct_site.pdbx_evidence_code   Software 
_struct_site.pdbx_auth_asym_id    A 
_struct_site.pdbx_auth_comp_id    MG 
_struct_site.pdbx_auth_seq_id     210 
_struct_site.pdbx_auth_ins_code   ? 
_struct_site.pdbx_num_residues    4 
_struct_site.details              'BINDING SITE FOR RESIDUE MG A 210' 
# 
loop_
_struct_site_gen.id 
_struct_site_gen.site_id 
_struct_site_gen.pdbx_num_res 
_struct_site_gen.label_comp_id 
_struct_site_gen.label_asym_id 
_struct_site_gen.label_seq_id 
_struct_site_gen.pdbx_auth_ins_code 
_struct_site_gen.auth_comp_id 
_struct_site_gen.auth_asym_id 
_struct_site_gen.auth_seq_id 
_struct_site_gen.label_atom_id 
_struct_site_gen.label_alt_id 
_struct_site_gen.symmetry 
_struct_site_gen.details 
1 AC1 4 HIS A 29  ? HIS A 29  . ? 1_555 ? 
2 AC1 4 HIS A 58  ? HIS A 58  . ? 1_555 ? 
3 AC1 4 ASP A 59  ? ASP A 59  . ? 1_555 ? 
4 AC1 4 ASP A 123 ? ASP A 123 . ? 1_555 ? 
# 
_pdbx_entry_details.entry_id                   3B57 
_pdbx_entry_details.compound_details           ? 
_pdbx_entry_details.source_details             ? 
_pdbx_entry_details.nonpolymer_details         ? 
_pdbx_entry_details.sequence_details           ? 
_pdbx_entry_details.has_ligand_of_interest     ? 
_pdbx_entry_details.has_protein_modification   Y 
# 
loop_
_pdbx_validate_torsion.id 
_pdbx_validate_torsion.PDB_model_num 
_pdbx_validate_torsion.auth_comp_id 
_pdbx_validate_torsion.auth_asym_id 
_pdbx_validate_torsion.auth_seq_id 
_pdbx_validate_torsion.PDB_ins_code 
_pdbx_validate_torsion.label_alt_id 
_pdbx_validate_torsion.phi 
_pdbx_validate_torsion.psi 
1  1 SER A 16  ? ? -83.53  39.04   
2  1 ASP A 26  ? ? -77.38  -166.44 
3  1 SER A 42  ? ? -57.75  -5.91   
4  1 VAL A 100 ? ? -91.06  -78.95  
5  1 HIS A 143 ? ? -144.55 19.52   
6  1 ASN A 149 ? ? -176.80 90.77   
7  1 LYS A 164 ? ? -114.92 -84.06  
8  1 LEU A 165 ? ? -21.93  -68.96  
9  1 LYS A 169 ? ? -39.51  -31.81  
10 1 ASN A 173 ? ? -109.65 49.98   
11 1 VAL A 201 ? ? 58.87   84.79   
# 
_pdbx_SG_project.id                    1 
_pdbx_SG_project.project_name          'PSI, Protein Structure Initiative' 
_pdbx_SG_project.full_name_of_center   'Northeast Structural Genomics Consortium' 
_pdbx_SG_project.initial_of_center     NESG 
# 
loop_
_pdbx_struct_mod_residue.id 
_pdbx_struct_mod_residue.label_asym_id 
_pdbx_struct_mod_residue.label_comp_id 
_pdbx_struct_mod_residue.label_seq_id 
_pdbx_struct_mod_residue.auth_asym_id 
_pdbx_struct_mod_residue.auth_comp_id 
_pdbx_struct_mod_residue.auth_seq_id 
_pdbx_struct_mod_residue.PDB_ins_code 
_pdbx_struct_mod_residue.parent_comp_id 
_pdbx_struct_mod_residue.details 
1 A MSE 1   A MSE 1   ? MET SELENOMETHIONINE 
2 A MSE 14  A MSE 14  ? MET SELENOMETHIONINE 
3 A MSE 80  A MSE 80  ? MET SELENOMETHIONINE 
4 A MSE 188 A MSE 188 ? MET SELENOMETHIONINE 
# 
loop_
_pdbx_unobs_or_zero_occ_residues.id 
_pdbx_unobs_or_zero_occ_residues.PDB_model_num 
_pdbx_unobs_or_zero_occ_residues.polymer_flag 
_pdbx_unobs_or_zero_occ_residues.occupancy_flag 
_pdbx_unobs_or_zero_occ_residues.auth_asym_id 
_pdbx_unobs_or_zero_occ_residues.auth_comp_id 
_pdbx_unobs_or_zero_occ_residues.auth_seq_id 
_pdbx_unobs_or_zero_occ_residues.PDB_ins_code 
_pdbx_unobs_or_zero_occ_residues.label_asym_id 
_pdbx_unobs_or_zero_occ_residues.label_comp_id 
_pdbx_unobs_or_zero_occ_residues.label_seq_id 
1  1 Y 1 A GLU 19  ? A GLU 19  
2  1 Y 1 A ASN 20  ? A ASN 20  
3  1 Y 1 A GLU 21  ? A GLU 21  
4  1 Y 1 A THR 22  ? A THR 22  
5  1 Y 1 A THR 23  ? A THR 23  
6  1 Y 1 A GLY 24  ? A GLY 24  
7  1 Y 1 A ILE 63  ? A ILE 63  
8  1 Y 1 A LYS 64  ? A LYS 64  
9  1 Y 1 A LEU 65  ? A LEU 65  
10 1 Y 1 A THR 66  ? A THR 66  
11 1 Y 1 A THR 67  ? A THR 67  
12 1 Y 1 A ASP 68  ? A ASP 68  
13 1 Y 1 A GLU 69  ? A GLU 69  
14 1 Y 1 A PHE 102 ? A PHE 102 
15 1 Y 1 A LYS 103 ? A LYS 103 
16 1 Y 1 A LYS 104 ? A LYS 104 
17 1 Y 1 A GLY 105 ? A GLY 105 
18 1 Y 1 A LYS 106 ? A LYS 106 
19 1 Y 1 A ASN 107 ? A ASN 107 
20 1 Y 1 A THR 108 ? A THR 108 
21 1 Y 1 A PHE 109 ? A PHE 109 
22 1 Y 1 A LYS 110 ? A LYS 110 
23 1 Y 1 A ASN 152 ? A ASN 152 
24 1 Y 1 A HIS 204 ? A HIS 204 
25 1 Y 1 A HIS 205 ? A HIS 205 
26 1 Y 1 A HIS 206 ? A HIS 206 
27 1 Y 1 A HIS 207 ? A HIS 207 
28 1 Y 1 A HIS 208 ? A HIS 208 
29 1 Y 1 A HIS 209 ? A HIS 209 
# 
loop_
_chem_comp_atom.comp_id 
_chem_comp_atom.atom_id 
_chem_comp_atom.type_symbol 
_chem_comp_atom.pdbx_aromatic_flag 
_chem_comp_atom.pdbx_stereo_config 
_chem_comp_atom.pdbx_ordinal 
ALA N    N  N N 1   
ALA CA   C  N S 2   
ALA C    C  N N 3   
ALA O    O  N N 4   
ALA CB   C  N N 5   
ALA OXT  O  N N 6   
ALA H    H  N N 7   
ALA H2   H  N N 8   
ALA HA   H  N N 9   
ALA HB1  H  N N 10  
ALA HB2  H  N N 11  
ALA HB3  H  N N 12  
ALA HXT  H  N N 13  
ARG N    N  N N 14  
ARG CA   C  N S 15  
ARG C    C  N N 16  
ARG O    O  N N 17  
ARG CB   C  N N 18  
ARG CG   C  N N 19  
ARG CD   C  N N 20  
ARG NE   N  N N 21  
ARG CZ   C  N N 22  
ARG NH1  N  N N 23  
ARG NH2  N  N N 24  
ARG OXT  O  N N 25  
ARG H    H  N N 26  
ARG H2   H  N N 27  
ARG HA   H  N N 28  
ARG HB2  H  N N 29  
ARG HB3  H  N N 30  
ARG HG2  H  N N 31  
ARG HG3  H  N N 32  
ARG HD2  H  N N 33  
ARG HD3  H  N N 34  
ARG HE   H  N N 35  
ARG HH11 H  N N 36  
ARG HH12 H  N N 37  
ARG HH21 H  N N 38  
ARG HH22 H  N N 39  
ARG HXT  H  N N 40  
ASN N    N  N N 41  
ASN CA   C  N S 42  
ASN C    C  N N 43  
ASN O    O  N N 44  
ASN CB   C  N N 45  
ASN CG   C  N N 46  
ASN OD1  O  N N 47  
ASN ND2  N  N N 48  
ASN OXT  O  N N 49  
ASN H    H  N N 50  
ASN H2   H  N N 51  
ASN HA   H  N N 52  
ASN HB2  H  N N 53  
ASN HB3  H  N N 54  
ASN HD21 H  N N 55  
ASN HD22 H  N N 56  
ASN HXT  H  N N 57  
ASP N    N  N N 58  
ASP CA   C  N S 59  
ASP C    C  N N 60  
ASP O    O  N N 61  
ASP CB   C  N N 62  
ASP CG   C  N N 63  
ASP OD1  O  N N 64  
ASP OD2  O  N N 65  
ASP OXT  O  N N 66  
ASP H    H  N N 67  
ASP H2   H  N N 68  
ASP HA   H  N N 69  
ASP HB2  H  N N 70  
ASP HB3  H  N N 71  
ASP HD2  H  N N 72  
ASP HXT  H  N N 73  
GLN N    N  N N 74  
GLN CA   C  N S 75  
GLN C    C  N N 76  
GLN O    O  N N 77  
GLN CB   C  N N 78  
GLN CG   C  N N 79  
GLN CD   C  N N 80  
GLN OE1  O  N N 81  
GLN NE2  N  N N 82  
GLN OXT  O  N N 83  
GLN H    H  N N 84  
GLN H2   H  N N 85  
GLN HA   H  N N 86  
GLN HB2  H  N N 87  
GLN HB3  H  N N 88  
GLN HG2  H  N N 89  
GLN HG3  H  N N 90  
GLN HE21 H  N N 91  
GLN HE22 H  N N 92  
GLN HXT  H  N N 93  
GLU N    N  N N 94  
GLU CA   C  N S 95  
GLU C    C  N N 96  
GLU O    O  N N 97  
GLU CB   C  N N 98  
GLU CG   C  N N 99  
GLU CD   C  N N 100 
GLU OE1  O  N N 101 
GLU OE2  O  N N 102 
GLU OXT  O  N N 103 
GLU H    H  N N 104 
GLU H2   H  N N 105 
GLU HA   H  N N 106 
GLU HB2  H  N N 107 
GLU HB3  H  N N 108 
GLU HG2  H  N N 109 
GLU HG3  H  N N 110 
GLU HE2  H  N N 111 
GLU HXT  H  N N 112 
GLY N    N  N N 113 
GLY CA   C  N N 114 
GLY C    C  N N 115 
GLY O    O  N N 116 
GLY OXT  O  N N 117 
GLY H    H  N N 118 
GLY H2   H  N N 119 
GLY HA2  H  N N 120 
GLY HA3  H  N N 121 
GLY HXT  H  N N 122 
HIS N    N  N N 123 
HIS CA   C  N S 124 
HIS C    C  N N 125 
HIS O    O  N N 126 
HIS CB   C  N N 127 
HIS CG   C  Y N 128 
HIS ND1  N  Y N 129 
HIS CD2  C  Y N 130 
HIS CE1  C  Y N 131 
HIS NE2  N  Y N 132 
HIS OXT  O  N N 133 
HIS H    H  N N 134 
HIS H2   H  N N 135 
HIS HA   H  N N 136 
HIS HB2  H  N N 137 
HIS HB3  H  N N 138 
HIS HD1  H  N N 139 
HIS HD2  H  N N 140 
HIS HE1  H  N N 141 
HIS HE2  H  N N 142 
HIS HXT  H  N N 143 
ILE N    N  N N 144 
ILE CA   C  N S 145 
ILE C    C  N N 146 
ILE O    O  N N 147 
ILE CB   C  N S 148 
ILE CG1  C  N N 149 
ILE CG2  C  N N 150 
ILE CD1  C  N N 151 
ILE OXT  O  N N 152 
ILE H    H  N N 153 
ILE H2   H  N N 154 
ILE HA   H  N N 155 
ILE HB   H  N N 156 
ILE HG12 H  N N 157 
ILE HG13 H  N N 158 
ILE HG21 H  N N 159 
ILE HG22 H  N N 160 
ILE HG23 H  N N 161 
ILE HD11 H  N N 162 
ILE HD12 H  N N 163 
ILE HD13 H  N N 164 
ILE HXT  H  N N 165 
LEU N    N  N N 166 
LEU CA   C  N S 167 
LEU C    C  N N 168 
LEU O    O  N N 169 
LEU CB   C  N N 170 
LEU CG   C  N N 171 
LEU CD1  C  N N 172 
LEU CD2  C  N N 173 
LEU OXT  O  N N 174 
LEU H    H  N N 175 
LEU H2   H  N N 176 
LEU HA   H  N N 177 
LEU HB2  H  N N 178 
LEU HB3  H  N N 179 
LEU HG   H  N N 180 
LEU HD11 H  N N 181 
LEU HD12 H  N N 182 
LEU HD13 H  N N 183 
LEU HD21 H  N N 184 
LEU HD22 H  N N 185 
LEU HD23 H  N N 186 
LEU HXT  H  N N 187 
LYS N    N  N N 188 
LYS CA   C  N S 189 
LYS C    C  N N 190 
LYS O    O  N N 191 
LYS CB   C  N N 192 
LYS CG   C  N N 193 
LYS CD   C  N N 194 
LYS CE   C  N N 195 
LYS NZ   N  N N 196 
LYS OXT  O  N N 197 
LYS H    H  N N 198 
LYS H2   H  N N 199 
LYS HA   H  N N 200 
LYS HB2  H  N N 201 
LYS HB3  H  N N 202 
LYS HG2  H  N N 203 
LYS HG3  H  N N 204 
LYS HD2  H  N N 205 
LYS HD3  H  N N 206 
LYS HE2  H  N N 207 
LYS HE3  H  N N 208 
LYS HZ1  H  N N 209 
LYS HZ2  H  N N 210 
LYS HZ3  H  N N 211 
LYS HXT  H  N N 212 
MG  MG   MG N N 213 
MSE N    N  N N 214 
MSE CA   C  N S 215 
MSE C    C  N N 216 
MSE O    O  N N 217 
MSE OXT  O  N N 218 
MSE CB   C  N N 219 
MSE CG   C  N N 220 
MSE SE   SE N N 221 
MSE CE   C  N N 222 
MSE H    H  N N 223 
MSE H2   H  N N 224 
MSE HA   H  N N 225 
MSE HXT  H  N N 226 
MSE HB2  H  N N 227 
MSE HB3  H  N N 228 
MSE HG2  H  N N 229 
MSE HG3  H  N N 230 
MSE HE1  H  N N 231 
MSE HE2  H  N N 232 
MSE HE3  H  N N 233 
PHE N    N  N N 234 
PHE CA   C  N S 235 
PHE C    C  N N 236 
PHE O    O  N N 237 
PHE CB   C  N N 238 
PHE CG   C  Y N 239 
PHE CD1  C  Y N 240 
PHE CD2  C  Y N 241 
PHE CE1  C  Y N 242 
PHE CE2  C  Y N 243 
PHE CZ   C  Y N 244 
PHE OXT  O  N N 245 
PHE H    H  N N 246 
PHE H2   H  N N 247 
PHE HA   H  N N 248 
PHE HB2  H  N N 249 
PHE HB3  H  N N 250 
PHE HD1  H  N N 251 
PHE HD2  H  N N 252 
PHE HE1  H  N N 253 
PHE HE2  H  N N 254 
PHE HZ   H  N N 255 
PHE HXT  H  N N 256 
PRO N    N  N N 257 
PRO CA   C  N S 258 
PRO C    C  N N 259 
PRO O    O  N N 260 
PRO CB   C  N N 261 
PRO CG   C  N N 262 
PRO CD   C  N N 263 
PRO OXT  O  N N 264 
PRO H    H  N N 265 
PRO HA   H  N N 266 
PRO HB2  H  N N 267 
PRO HB3  H  N N 268 
PRO HG2  H  N N 269 
PRO HG3  H  N N 270 
PRO HD2  H  N N 271 
PRO HD3  H  N N 272 
PRO HXT  H  N N 273 
SER N    N  N N 274 
SER CA   C  N S 275 
SER C    C  N N 276 
SER O    O  N N 277 
SER CB   C  N N 278 
SER OG   O  N N 279 
SER OXT  O  N N 280 
SER H    H  N N 281 
SER H2   H  N N 282 
SER HA   H  N N 283 
SER HB2  H  N N 284 
SER HB3  H  N N 285 
SER HG   H  N N 286 
SER HXT  H  N N 287 
THR N    N  N N 288 
THR CA   C  N S 289 
THR C    C  N N 290 
THR O    O  N N 291 
THR CB   C  N R 292 
THR OG1  O  N N 293 
THR CG2  C  N N 294 
THR OXT  O  N N 295 
THR H    H  N N 296 
THR H2   H  N N 297 
THR HA   H  N N 298 
THR HB   H  N N 299 
THR HG1  H  N N 300 
THR HG21 H  N N 301 
THR HG22 H  N N 302 
THR HG23 H  N N 303 
THR HXT  H  N N 304 
TRP N    N  N N 305 
TRP CA   C  N S 306 
TRP C    C  N N 307 
TRP O    O  N N 308 
TRP CB   C  N N 309 
TRP CG   C  Y N 310 
TRP CD1  C  Y N 311 
TRP CD2  C  Y N 312 
TRP NE1  N  Y N 313 
TRP CE2  C  Y N 314 
TRP CE3  C  Y N 315 
TRP CZ2  C  Y N 316 
TRP CZ3  C  Y N 317 
TRP CH2  C  Y N 318 
TRP OXT  O  N N 319 
TRP H    H  N N 320 
TRP H2   H  N N 321 
TRP HA   H  N N 322 
TRP HB2  H  N N 323 
TRP HB3  H  N N 324 
TRP HD1  H  N N 325 
TRP HE1  H  N N 326 
TRP HE3  H  N N 327 
TRP HZ2  H  N N 328 
TRP HZ3  H  N N 329 
TRP HH2  H  N N 330 
TRP HXT  H  N N 331 
TYR N    N  N N 332 
TYR CA   C  N S 333 
TYR C    C  N N 334 
TYR O    O  N N 335 
TYR CB   C  N N 336 
TYR CG   C  Y N 337 
TYR CD1  C  Y N 338 
TYR CD2  C  Y N 339 
TYR CE1  C  Y N 340 
TYR CE2  C  Y N 341 
TYR CZ   C  Y N 342 
TYR OH   O  N N 343 
TYR OXT  O  N N 344 
TYR H    H  N N 345 
TYR H2   H  N N 346 
TYR HA   H  N N 347 
TYR HB2  H  N N 348 
TYR HB3  H  N N 349 
TYR HD1  H  N N 350 
TYR HD2  H  N N 351 
TYR HE1  H  N N 352 
TYR HE2  H  N N 353 
TYR HH   H  N N 354 
TYR HXT  H  N N 355 
VAL N    N  N N 356 
VAL CA   C  N S 357 
VAL C    C  N N 358 
VAL O    O  N N 359 
VAL CB   C  N N 360 
VAL CG1  C  N N 361 
VAL CG2  C  N N 362 
VAL OXT  O  N N 363 
VAL H    H  N N 364 
VAL H2   H  N N 365 
VAL HA   H  N N 366 
VAL HB   H  N N 367 
VAL HG11 H  N N 368 
VAL HG12 H  N N 369 
VAL HG13 H  N N 370 
VAL HG21 H  N N 371 
VAL HG22 H  N N 372 
VAL HG23 H  N N 373 
VAL HXT  H  N N 374 
# 
loop_
_chem_comp_bond.comp_id 
_chem_comp_bond.atom_id_1 
_chem_comp_bond.atom_id_2 
_chem_comp_bond.value_order 
_chem_comp_bond.pdbx_aromatic_flag 
_chem_comp_bond.pdbx_stereo_config 
_chem_comp_bond.pdbx_ordinal 
ALA N   CA   sing N N 1   
ALA N   H    sing N N 2   
ALA N   H2   sing N N 3   
ALA CA  C    sing N N 4   
ALA CA  CB   sing N N 5   
ALA CA  HA   sing N N 6   
ALA C   O    doub N N 7   
ALA C   OXT  sing N N 8   
ALA CB  HB1  sing N N 9   
ALA CB  HB2  sing N N 10  
ALA CB  HB3  sing N N 11  
ALA OXT HXT  sing N N 12  
ARG N   CA   sing N N 13  
ARG N   H    sing N N 14  
ARG N   H2   sing N N 15  
ARG CA  C    sing N N 16  
ARG CA  CB   sing N N 17  
ARG CA  HA   sing N N 18  
ARG C   O    doub N N 19  
ARG C   OXT  sing N N 20  
ARG CB  CG   sing N N 21  
ARG CB  HB2  sing N N 22  
ARG CB  HB3  sing N N 23  
ARG CG  CD   sing N N 24  
ARG CG  HG2  sing N N 25  
ARG CG  HG3  sing N N 26  
ARG CD  NE   sing N N 27  
ARG CD  HD2  sing N N 28  
ARG CD  HD3  sing N N 29  
ARG NE  CZ   sing N N 30  
ARG NE  HE   sing N N 31  
ARG CZ  NH1  sing N N 32  
ARG CZ  NH2  doub N N 33  
ARG NH1 HH11 sing N N 34  
ARG NH1 HH12 sing N N 35  
ARG NH2 HH21 sing N N 36  
ARG NH2 HH22 sing N N 37  
ARG OXT HXT  sing N N 38  
ASN N   CA   sing N N 39  
ASN N   H    sing N N 40  
ASN N   H2   sing N N 41  
ASN CA  C    sing N N 42  
ASN CA  CB   sing N N 43  
ASN CA  HA   sing N N 44  
ASN C   O    doub N N 45  
ASN C   OXT  sing N N 46  
ASN CB  CG   sing N N 47  
ASN CB  HB2  sing N N 48  
ASN CB  HB3  sing N N 49  
ASN CG  OD1  doub N N 50  
ASN CG  ND2  sing N N 51  
ASN ND2 HD21 sing N N 52  
ASN ND2 HD22 sing N N 53  
ASN OXT HXT  sing N N 54  
ASP N   CA   sing N N 55  
ASP N   H    sing N N 56  
ASP N   H2   sing N N 57  
ASP CA  C    sing N N 58  
ASP CA  CB   sing N N 59  
ASP CA  HA   sing N N 60  
ASP C   O    doub N N 61  
ASP C   OXT  sing N N 62  
ASP CB  CG   sing N N 63  
ASP CB  HB2  sing N N 64  
ASP CB  HB3  sing N N 65  
ASP CG  OD1  doub N N 66  
ASP CG  OD2  sing N N 67  
ASP OD2 HD2  sing N N 68  
ASP OXT HXT  sing N N 69  
GLN N   CA   sing N N 70  
GLN N   H    sing N N 71  
GLN N   H2   sing N N 72  
GLN CA  C    sing N N 73  
GLN CA  CB   sing N N 74  
GLN CA  HA   sing N N 75  
GLN C   O    doub N N 76  
GLN C   OXT  sing N N 77  
GLN CB  CG   sing N N 78  
GLN CB  HB2  sing N N 79  
GLN CB  HB3  sing N N 80  
GLN CG  CD   sing N N 81  
GLN CG  HG2  sing N N 82  
GLN CG  HG3  sing N N 83  
GLN CD  OE1  doub N N 84  
GLN CD  NE2  sing N N 85  
GLN NE2 HE21 sing N N 86  
GLN NE2 HE22 sing N N 87  
GLN OXT HXT  sing N N 88  
GLU N   CA   sing N N 89  
GLU N   H    sing N N 90  
GLU N   H2   sing N N 91  
GLU CA  C    sing N N 92  
GLU CA  CB   sing N N 93  
GLU CA  HA   sing N N 94  
GLU C   O    doub N N 95  
GLU C   OXT  sing N N 96  
GLU CB  CG   sing N N 97  
GLU CB  HB2  sing N N 98  
GLU CB  HB3  sing N N 99  
GLU CG  CD   sing N N 100 
GLU CG  HG2  sing N N 101 
GLU CG  HG3  sing N N 102 
GLU CD  OE1  doub N N 103 
GLU CD  OE2  sing N N 104 
GLU OE2 HE2  sing N N 105 
GLU OXT HXT  sing N N 106 
GLY N   CA   sing N N 107 
GLY N   H    sing N N 108 
GLY N   H2   sing N N 109 
GLY CA  C    sing N N 110 
GLY CA  HA2  sing N N 111 
GLY CA  HA3  sing N N 112 
GLY C   O    doub N N 113 
GLY C   OXT  sing N N 114 
GLY OXT HXT  sing N N 115 
HIS N   CA   sing N N 116 
HIS N   H    sing N N 117 
HIS N   H2   sing N N 118 
HIS CA  C    sing N N 119 
HIS CA  CB   sing N N 120 
HIS CA  HA   sing N N 121 
HIS C   O    doub N N 122 
HIS C   OXT  sing N N 123 
HIS CB  CG   sing N N 124 
HIS CB  HB2  sing N N 125 
HIS CB  HB3  sing N N 126 
HIS CG  ND1  sing Y N 127 
HIS CG  CD2  doub Y N 128 
HIS ND1 CE1  doub Y N 129 
HIS ND1 HD1  sing N N 130 
HIS CD2 NE2  sing Y N 131 
HIS CD2 HD2  sing N N 132 
HIS CE1 NE2  sing Y N 133 
HIS CE1 HE1  sing N N 134 
HIS NE2 HE2  sing N N 135 
HIS OXT HXT  sing N N 136 
ILE N   CA   sing N N 137 
ILE N   H    sing N N 138 
ILE N   H2   sing N N 139 
ILE CA  C    sing N N 140 
ILE CA  CB   sing N N 141 
ILE CA  HA   sing N N 142 
ILE C   O    doub N N 143 
ILE C   OXT  sing N N 144 
ILE CB  CG1  sing N N 145 
ILE CB  CG2  sing N N 146 
ILE CB  HB   sing N N 147 
ILE CG1 CD1  sing N N 148 
ILE CG1 HG12 sing N N 149 
ILE CG1 HG13 sing N N 150 
ILE CG2 HG21 sing N N 151 
ILE CG2 HG22 sing N N 152 
ILE CG2 HG23 sing N N 153 
ILE CD1 HD11 sing N N 154 
ILE CD1 HD12 sing N N 155 
ILE CD1 HD13 sing N N 156 
ILE OXT HXT  sing N N 157 
LEU N   CA   sing N N 158 
LEU N   H    sing N N 159 
LEU N   H2   sing N N 160 
LEU CA  C    sing N N 161 
LEU CA  CB   sing N N 162 
LEU CA  HA   sing N N 163 
LEU C   O    doub N N 164 
LEU C   OXT  sing N N 165 
LEU CB  CG   sing N N 166 
LEU CB  HB2  sing N N 167 
LEU CB  HB3  sing N N 168 
LEU CG  CD1  sing N N 169 
LEU CG  CD2  sing N N 170 
LEU CG  HG   sing N N 171 
LEU CD1 HD11 sing N N 172 
LEU CD1 HD12 sing N N 173 
LEU CD1 HD13 sing N N 174 
LEU CD2 HD21 sing N N 175 
LEU CD2 HD22 sing N N 176 
LEU CD2 HD23 sing N N 177 
LEU OXT HXT  sing N N 178 
LYS N   CA   sing N N 179 
LYS N   H    sing N N 180 
LYS N   H2   sing N N 181 
LYS CA  C    sing N N 182 
LYS CA  CB   sing N N 183 
LYS CA  HA   sing N N 184 
LYS C   O    doub N N 185 
LYS C   OXT  sing N N 186 
LYS CB  CG   sing N N 187 
LYS CB  HB2  sing N N 188 
LYS CB  HB3  sing N N 189 
LYS CG  CD   sing N N 190 
LYS CG  HG2  sing N N 191 
LYS CG  HG3  sing N N 192 
LYS CD  CE   sing N N 193 
LYS CD  HD2  sing N N 194 
LYS CD  HD3  sing N N 195 
LYS CE  NZ   sing N N 196 
LYS CE  HE2  sing N N 197 
LYS CE  HE3  sing N N 198 
LYS NZ  HZ1  sing N N 199 
LYS NZ  HZ2  sing N N 200 
LYS NZ  HZ3  sing N N 201 
LYS OXT HXT  sing N N 202 
MSE N   CA   sing N N 203 
MSE N   H    sing N N 204 
MSE N   H2   sing N N 205 
MSE CA  C    sing N N 206 
MSE CA  CB   sing N N 207 
MSE CA  HA   sing N N 208 
MSE C   O    doub N N 209 
MSE C   OXT  sing N N 210 
MSE OXT HXT  sing N N 211 
MSE CB  CG   sing N N 212 
MSE CB  HB2  sing N N 213 
MSE CB  HB3  sing N N 214 
MSE CG  SE   sing N N 215 
MSE CG  HG2  sing N N 216 
MSE CG  HG3  sing N N 217 
MSE SE  CE   sing N N 218 
MSE CE  HE1  sing N N 219 
MSE CE  HE2  sing N N 220 
MSE CE  HE3  sing N N 221 
PHE N   CA   sing N N 222 
PHE N   H    sing N N 223 
PHE N   H2   sing N N 224 
PHE CA  C    sing N N 225 
PHE CA  CB   sing N N 226 
PHE CA  HA   sing N N 227 
PHE C   O    doub N N 228 
PHE C   OXT  sing N N 229 
PHE CB  CG   sing N N 230 
PHE CB  HB2  sing N N 231 
PHE CB  HB3  sing N N 232 
PHE CG  CD1  doub Y N 233 
PHE CG  CD2  sing Y N 234 
PHE CD1 CE1  sing Y N 235 
PHE CD1 HD1  sing N N 236 
PHE CD2 CE2  doub Y N 237 
PHE CD2 HD2  sing N N 238 
PHE CE1 CZ   doub Y N 239 
PHE CE1 HE1  sing N N 240 
PHE CE2 CZ   sing Y N 241 
PHE CE2 HE2  sing N N 242 
PHE CZ  HZ   sing N N 243 
PHE OXT HXT  sing N N 244 
PRO N   CA   sing N N 245 
PRO N   CD   sing N N 246 
PRO N   H    sing N N 247 
PRO CA  C    sing N N 248 
PRO CA  CB   sing N N 249 
PRO CA  HA   sing N N 250 
PRO C   O    doub N N 251 
PRO C   OXT  sing N N 252 
PRO CB  CG   sing N N 253 
PRO CB  HB2  sing N N 254 
PRO CB  HB3  sing N N 255 
PRO CG  CD   sing N N 256 
PRO CG  HG2  sing N N 257 
PRO CG  HG3  sing N N 258 
PRO CD  HD2  sing N N 259 
PRO CD  HD3  sing N N 260 
PRO OXT HXT  sing N N 261 
SER N   CA   sing N N 262 
SER N   H    sing N N 263 
SER N   H2   sing N N 264 
SER CA  C    sing N N 265 
SER CA  CB   sing N N 266 
SER CA  HA   sing N N 267 
SER C   O    doub N N 268 
SER C   OXT  sing N N 269 
SER CB  OG   sing N N 270 
SER CB  HB2  sing N N 271 
SER CB  HB3  sing N N 272 
SER OG  HG   sing N N 273 
SER OXT HXT  sing N N 274 
THR N   CA   sing N N 275 
THR N   H    sing N N 276 
THR N   H2   sing N N 277 
THR CA  C    sing N N 278 
THR CA  CB   sing N N 279 
THR CA  HA   sing N N 280 
THR C   O    doub N N 281 
THR C   OXT  sing N N 282 
THR CB  OG1  sing N N 283 
THR CB  CG2  sing N N 284 
THR CB  HB   sing N N 285 
THR OG1 HG1  sing N N 286 
THR CG2 HG21 sing N N 287 
THR CG2 HG22 sing N N 288 
THR CG2 HG23 sing N N 289 
THR OXT HXT  sing N N 290 
TRP N   CA   sing N N 291 
TRP N   H    sing N N 292 
TRP N   H2   sing N N 293 
TRP CA  C    sing N N 294 
TRP CA  CB   sing N N 295 
TRP CA  HA   sing N N 296 
TRP C   O    doub N N 297 
TRP C   OXT  sing N N 298 
TRP CB  CG   sing N N 299 
TRP CB  HB2  sing N N 300 
TRP CB  HB3  sing N N 301 
TRP CG  CD1  doub Y N 302 
TRP CG  CD2  sing Y N 303 
TRP CD1 NE1  sing Y N 304 
TRP CD1 HD1  sing N N 305 
TRP CD2 CE2  doub Y N 306 
TRP CD2 CE3  sing Y N 307 
TRP NE1 CE2  sing Y N 308 
TRP NE1 HE1  sing N N 309 
TRP CE2 CZ2  sing Y N 310 
TRP CE3 CZ3  doub Y N 311 
TRP CE3 HE3  sing N N 312 
TRP CZ2 CH2  doub Y N 313 
TRP CZ2 HZ2  sing N N 314 
TRP CZ3 CH2  sing Y N 315 
TRP CZ3 HZ3  sing N N 316 
TRP CH2 HH2  sing N N 317 
TRP OXT HXT  sing N N 318 
TYR N   CA   sing N N 319 
TYR N   H    sing N N 320 
TYR N   H2   sing N N 321 
TYR CA  C    sing N N 322 
TYR CA  CB   sing N N 323 
TYR CA  HA   sing N N 324 
TYR C   O    doub N N 325 
TYR C   OXT  sing N N 326 
TYR CB  CG   sing N N 327 
TYR CB  HB2  sing N N 328 
TYR CB  HB3  sing N N 329 
TYR CG  CD1  doub Y N 330 
TYR CG  CD2  sing Y N 331 
TYR CD1 CE1  sing Y N 332 
TYR CD1 HD1  sing N N 333 
TYR CD2 CE2  doub Y N 334 
TYR CD2 HD2  sing N N 335 
TYR CE1 CZ   doub Y N 336 
TYR CE1 HE1  sing N N 337 
TYR CE2 CZ   sing Y N 338 
TYR CE2 HE2  sing N N 339 
TYR CZ  OH   sing N N 340 
TYR OH  HH   sing N N 341 
TYR OXT HXT  sing N N 342 
VAL N   CA   sing N N 343 
VAL N   H    sing N N 344 
VAL N   H2   sing N N 345 
VAL CA  C    sing N N 346 
VAL CA  CB   sing N N 347 
VAL CA  HA   sing N N 348 
VAL C   O    doub N N 349 
VAL C   OXT  sing N N 350 
VAL CB  CG1  sing N N 351 
VAL CB  CG2  sing N N 352 
VAL CB  HB   sing N N 353 
VAL CG1 HG11 sing N N 354 
VAL CG1 HG12 sing N N 355 
VAL CG1 HG13 sing N N 356 
VAL CG2 HG21 sing N N 357 
VAL CG2 HG22 sing N N 358 
VAL CG2 HG23 sing N N 359 
VAL OXT HXT  sing N N 360 
# 
_atom_sites.entry_id                    3B57 
_atom_sites.fract_transf_matrix[1][1]   -0.00520751 
_atom_sites.fract_transf_matrix[1][2]   0.00285272 
_atom_sites.fract_transf_matrix[1][3]   0.00522003 
_atom_sites.fract_transf_matrix[2][1]   -0.00285416 
_atom_sites.fract_transf_matrix[2][2]   -0.00728510 
_atom_sites.fract_transf_matrix[2][3]   0.00113396 
_atom_sites.fract_transf_matrix[3][1]   0.00521924 
_atom_sites.fract_transf_matrix[3][2]   -0.00113758 
_atom_sites.fract_transf_matrix[3][3]   0.00582841 
_atom_sites.fract_transf_vector[1]      0.593056 
_atom_sites.fract_transf_vector[2]      0.489234 
_atom_sites.fract_transf_vector[3]      0.303938 
# 
loop_
_atom_type.symbol 
C  
MG 
N  
O  
SE 
# 
loop_
_atom_site.group_PDB 
_atom_site.id 
_atom_site.type_symbol 
_atom_site.label_atom_id 
_atom_site.label_alt_id 
_atom_site.label_comp_id 
_atom_site.label_asym_id 
_atom_site.label_entity_id 
_atom_site.label_seq_id 
_atom_site.pdbx_PDB_ins_code 
_atom_site.Cartn_x 
_atom_site.Cartn_y 
_atom_site.Cartn_z 
_atom_site.occupancy 
_atom_site.B_iso_or_equiv 
_atom_site.pdbx_formal_charge 
_atom_site.auth_seq_id 
_atom_site.auth_comp_id 
_atom_site.auth_asym_id 
_atom_site.auth_atom_id 
_atom_site.pdbx_PDB_model_num 
HETATM 1    N  N   . MSE A 1 1   ? 19.413  21.156  1.246   1.00 82.56 ? 1   MSE A N   1 
HETATM 2    C  CA  . MSE A 1 1   ? 19.055  19.756  1.609   1.00 82.35 ? 1   MSE A CA  1 
HETATM 3    C  C   . MSE A 1 1   ? 19.447  18.782  0.502   1.00 80.56 ? 1   MSE A C   1 
HETATM 4    O  O   . MSE A 1 1   ? 19.204  19.046  -0.677  1.00 80.77 ? 1   MSE A O   1 
HETATM 5    C  CB  . MSE A 1 1   ? 17.551  19.651  1.864   1.00 85.35 ? 1   MSE A CB  1 
HETATM 6    C  CG  . MSE A 1 1   ? 16.697  20.205  0.730   1.00 88.53 ? 1   MSE A CG  1 
HETATM 7    SE SE  . MSE A 1 1   ? 14.916  19.403  0.585   1.00 94.49 ? 1   MSE A SE  1 
HETATM 8    C  CE  . MSE A 1 1   ? 14.980  18.912  -1.272  1.00 90.85 ? 1   MSE A CE  1 
ATOM   9    N  N   . ASN A 1 2   ? 20.052  17.657  0.886   1.00 77.62 ? 2   ASN A N   1 
ATOM   10   C  CA  . ASN A 1 2   ? 20.465  16.636  -0.078  1.00 74.24 ? 2   ASN A CA  1 
ATOM   11   C  C   . ASN A 1 2   ? 19.399  15.545  -0.141  1.00 71.54 ? 2   ASN A C   1 
ATOM   12   O  O   . ASN A 1 2   ? 19.337  14.663  0.718   1.00 71.31 ? 2   ASN A O   1 
ATOM   13   C  CB  . ASN A 1 2   ? 21.814  16.026  0.325   1.00 75.66 ? 2   ASN A CB  1 
ATOM   14   C  CG  . ASN A 1 2   ? 22.387  15.110  -0.750  1.00 77.95 ? 2   ASN A CG  1 
ATOM   15   O  OD1 . ASN A 1 2   ? 21.799  14.078  -1.087  1.00 79.83 ? 2   ASN A OD1 1 
ATOM   16   N  ND2 . ASN A 1 2   ? 23.539  15.487  -1.295  1.00 78.14 ? 2   ASN A ND2 1 
ATOM   17   N  N   . LYS A 1 3   ? 18.560  15.617  -1.167  1.00 67.63 ? 3   LYS A N   1 
ATOM   18   C  CA  . LYS A 1 3   ? 17.477  14.664  -1.351  1.00 63.06 ? 3   LYS A CA  1 
ATOM   19   C  C   . LYS A 1 3   ? 17.904  13.210  -1.284  1.00 61.65 ? 3   LYS A C   1 
ATOM   20   O  O   . LYS A 1 3   ? 17.325  12.426  -0.542  1.00 61.21 ? 3   LYS A O   1 
ATOM   21   C  CB  . LYS A 1 3   ? 16.770  14.921  -2.681  1.00 59.65 ? 3   LYS A CB  1 
ATOM   22   C  CG  . LYS A 1 3   ? 15.820  16.101  -2.659  1.00 55.84 ? 3   LYS A CG  1 
ATOM   23   C  CD  . LYS A 1 3   ? 15.194  16.326  -4.024  1.00 54.32 ? 3   LYS A CD  1 
ATOM   24   C  CE  . LYS A 1 3   ? 14.096  17.382  -3.973  1.00 54.10 ? 3   LYS A CE  1 
ATOM   25   N  NZ  . LYS A 1 3   ? 13.520  17.683  -5.319  1.00 52.59 ? 3   LYS A NZ  1 
ATOM   26   N  N   . GLU A 1 4   ? 18.917  12.848  -2.057  1.00 61.19 ? 4   GLU A N   1 
ATOM   27   C  CA  . GLU A 1 4   ? 19.371  11.464  -2.077  1.00 60.84 ? 4   GLU A CA  1 
ATOM   28   C  C   . GLU A 1 4   ? 19.717  10.968  -0.684  1.00 59.27 ? 4   GLU A C   1 
ATOM   29   O  O   . GLU A 1 4   ? 19.439  9.820   -0.329  1.00 58.97 ? 4   GLU A O   1 
ATOM   30   C  CB  . GLU A 1 4   ? 20.592  11.314  -2.977  1.00 61.57 ? 4   GLU A CB  1 
ATOM   31   C  CG  . GLU A 1 4   ? 20.896  9.875   -3.347  1.00 62.97 ? 4   GLU A CG  1 
ATOM   32   C  CD  . GLU A 1 4   ? 22.304  9.703   -3.865  1.00 64.49 ? 4   GLU A CD  1 
ATOM   33   O  OE1 . GLU A 1 4   ? 22.735  10.546  -4.688  1.00 65.03 ? 4   GLU A OE1 1 
ATOM   34   O  OE2 . GLU A 1 4   ? 22.973  8.722   -3.455  1.00 62.91 ? 4   GLU A OE2 1 
ATOM   35   N  N   . GLU A 1 5   ? 20.328  11.842  0.106   1.00 57.53 ? 5   GLU A N   1 
ATOM   36   C  CA  . GLU A 1 5   ? 20.715  11.481  1.461   1.00 56.00 ? 5   GLU A CA  1 
ATOM   37   C  C   . GLU A 1 5   ? 19.530  11.376  2.418   1.00 53.62 ? 5   GLU A C   1 
ATOM   38   O  O   . GLU A 1 5   ? 19.444  10.422  3.199   1.00 51.59 ? 5   GLU A O   1 
ATOM   39   C  CB  . GLU A 1 5   ? 21.734  12.486  1.998   1.00 57.81 ? 5   GLU A CB  1 
ATOM   40   C  CG  . GLU A 1 5   ? 23.166  11.963  1.983   1.00 61.41 ? 5   GLU A CG  1 
ATOM   41   C  CD  . GLU A 1 5   ? 23.293  10.592  2.654   1.00 63.24 ? 5   GLU A CD  1 
ATOM   42   O  OE1 . GLU A 1 5   ? 22.486  10.287  3.566   1.00 63.57 ? 5   GLU A OE1 1 
ATOM   43   O  OE2 . GLU A 1 5   ? 24.208  9.828   2.275   1.00 63.06 ? 5   GLU A OE2 1 
ATOM   44   N  N   . ILE A 1 6   ? 18.633  12.362  2.356   1.00 51.24 ? 6   ILE A N   1 
ATOM   45   C  CA  . ILE A 1 6   ? 17.445  12.399  3.201   1.00 49.06 ? 6   ILE A CA  1 
ATOM   46   C  C   . ILE A 1 6   ? 16.633  11.127  2.997   1.00 48.42 ? 6   ILE A C   1 
ATOM   47   O  O   . ILE A 1 6   ? 16.169  10.509  3.958   1.00 48.84 ? 6   ILE A O   1 
ATOM   48   C  CB  . ILE A 1 6   ? 16.551  13.614  2.863   1.00 48.81 ? 6   ILE A CB  1 
ATOM   49   C  CG1 . ILE A 1 6   ? 17.307  14.912  3.135   1.00 48.73 ? 6   ILE A CG1 1 
ATOM   50   C  CG2 . ILE A 1 6   ? 15.270  13.579  3.697   1.00 49.09 ? 6   ILE A CG2 1 
ATOM   51   C  CD1 . ILE A 1 6   ? 16.446  16.157  3.005   1.00 47.85 ? 6   ILE A CD1 1 
ATOM   52   N  N   . ILE A 1 7   ? 16.466  10.739  1.738   1.00 47.39 ? 7   ILE A N   1 
ATOM   53   C  CA  . ILE A 1 7   ? 15.717  9.532   1.420   1.00 46.21 ? 7   ILE A CA  1 
ATOM   54   C  C   . ILE A 1 7   ? 16.374  8.334   2.086   1.00 46.48 ? 7   ILE A C   1 
ATOM   55   O  O   . ILE A 1 7   ? 15.701  7.500   2.691   1.00 46.85 ? 7   ILE A O   1 
ATOM   56   C  CB  . ILE A 1 7   ? 15.674  9.260   -0.091  1.00 44.23 ? 7   ILE A CB  1 
ATOM   57   C  CG1 . ILE A 1 7   ? 14.893  10.361  -0.804  1.00 43.54 ? 7   ILE A CG1 1 
ATOM   58   C  CG2 . ILE A 1 7   ? 15.033  7.916   -0.342  1.00 43.97 ? 7   ILE A CG2 1 
ATOM   59   C  CD1 . ILE A 1 7   ? 13.451  10.461  -0.381  1.00 43.47 ? 7   ILE A CD1 1 
ATOM   60   N  N   . LEU A 1 8   ? 17.694  8.262   1.974   1.00 46.36 ? 8   LEU A N   1 
ATOM   61   C  CA  . LEU A 1 8   ? 18.452  7.162   2.554   1.00 46.74 ? 8   LEU A CA  1 
ATOM   62   C  C   . LEU A 1 8   ? 18.244  7.084   4.061   1.00 46.93 ? 8   LEU A C   1 
ATOM   63   O  O   . LEU A 1 8   ? 18.071  6.001   4.628   1.00 46.53 ? 8   LEU A O   1 
ATOM   64   C  CB  . LEU A 1 8   ? 19.937  7.345   2.270   1.00 46.82 ? 8   LEU A CB  1 
ATOM   65   C  CG  . LEU A 1 8   ? 20.715  6.038   2.291   1.00 45.21 ? 8   LEU A CG  1 
ATOM   66   C  CD1 . LEU A 1 8   ? 20.566  5.381   0.920   1.00 44.85 ? 8   LEU A CD1 1 
ATOM   67   C  CD2 . LEU A 1 8   ? 22.179  6.302   2.606   1.00 44.45 ? 8   LEU A CD2 1 
ATOM   68   N  N   . SER A 1 9   ? 18.280  8.248   4.701   1.00 47.01 ? 9   SER A N   1 
ATOM   69   C  CA  . SER A 1 9   ? 18.103  8.365   6.140   1.00 46.94 ? 9   SER A CA  1 
ATOM   70   C  C   . SER A 1 9   ? 16.712  7.878   6.552   1.00 46.36 ? 9   SER A C   1 
ATOM   71   O  O   . SER A 1 9   ? 16.565  7.060   7.459   1.00 44.16 ? 9   SER A O   1 
ATOM   72   C  CB  . SER A 1 9   ? 18.304  9.826   6.548   1.00 47.95 ? 9   SER A CB  1 
ATOM   73   O  OG  . SER A 1 9   ? 18.018  10.033  7.924   1.00 51.78 ? 9   SER A OG  1 
ATOM   74   N  N   . ALA A 1 10  ? 15.695  8.394   5.869   1.00 47.40 ? 10  ALA A N   1 
ATOM   75   C  CA  . ALA A 1 10  ? 14.315  8.015   6.138   1.00 47.57 ? 10  ALA A CA  1 
ATOM   76   C  C   . ALA A 1 10  ? 14.192  6.507   5.982   1.00 47.32 ? 10  ALA A C   1 
ATOM   77   O  O   . ALA A 1 10  ? 13.566  5.829   6.794   1.00 46.63 ? 10  ALA A O   1 
ATOM   78   C  CB  . ALA A 1 10  ? 13.382  8.721   5.164   1.00 45.18 ? 10  ALA A CB  1 
ATOM   79   N  N   . LYS A 1 11  ? 14.806  5.989   4.930   1.00 47.91 ? 11  LYS A N   1 
ATOM   80   C  CA  . LYS A 1 11  ? 14.772  4.564   4.657   1.00 48.91 ? 11  LYS A CA  1 
ATOM   81   C  C   . LYS A 1 11  ? 15.347  3.782   5.835   1.00 49.04 ? 11  LYS A C   1 
ATOM   82   O  O   . LYS A 1 11  ? 14.694  2.884   6.359   1.00 48.74 ? 11  LYS A O   1 
ATOM   83   C  CB  . LYS A 1 11  ? 15.558  4.281   3.377   1.00 48.80 ? 11  LYS A CB  1 
ATOM   84   C  CG  . LYS A 1 11  ? 15.192  3.016   2.634   1.00 49.38 ? 11  LYS A CG  1 
ATOM   85   C  CD  . LYS A 1 11  ? 15.726  3.120   1.213   1.00 50.53 ? 11  LYS A CD  1 
ATOM   86   C  CE  . LYS A 1 11  ? 16.390  1.838   0.739   1.00 51.68 ? 11  LYS A CE  1 
ATOM   87   N  NZ  . LYS A 1 11  ? 17.366  2.141   -0.357  1.00 51.27 ? 11  LYS A NZ  1 
ATOM   88   N  N   . ASN A 1 12  ? 16.555  4.133   6.265   1.00 50.45 ? 12  ASN A N   1 
ATOM   89   C  CA  . ASN A 1 12  ? 17.194  3.435   7.383   1.00 52.09 ? 12  ASN A CA  1 
ATOM   90   C  C   . ASN A 1 12  ? 16.472  3.608   8.715   1.00 52.79 ? 12  ASN A C   1 
ATOM   91   O  O   . ASN A 1 12  ? 16.544  2.737   9.581   1.00 52.91 ? 12  ASN A O   1 
ATOM   92   C  CB  . ASN A 1 12  ? 18.655  3.876   7.515   1.00 52.44 ? 12  ASN A CB  1 
ATOM   93   C  CG  . ASN A 1 12  ? 19.561  3.180   6.510   1.00 53.96 ? 12  ASN A CG  1 
ATOM   94   O  OD1 . ASN A 1 12  ? 19.891  2.000   6.659   1.00 54.70 ? 12  ASN A OD1 1 
ATOM   95   N  ND2 . ASN A 1 12  ? 19.949  3.903   5.468   1.00 55.94 ? 12  ASN A ND2 1 
ATOM   96   N  N   . TRP A 1 13  ? 15.774  4.728   8.869   1.00 54.19 ? 13  TRP A N   1 
ATOM   97   C  CA  . TRP A 1 13  ? 15.027  5.007   10.086  1.00 54.61 ? 13  TRP A CA  1 
ATOM   98   C  C   . TRP A 1 13  ? 13.784  4.112   10.161  1.00 56.06 ? 13  TRP A C   1 
ATOM   99   O  O   . TRP A 1 13  ? 13.546  3.475   11.182  1.00 56.28 ? 13  TRP A O   1 
ATOM   100  C  CB  . TRP A 1 13  ? 14.649  6.497   10.130  1.00 53.76 ? 13  TRP A CB  1 
ATOM   101  C  CG  . TRP A 1 13  ? 13.844  6.912   11.328  1.00 52.17 ? 13  TRP A CG  1 
ATOM   102  C  CD1 . TRP A 1 13  ? 13.904  6.373   12.571  1.00 52.39 ? 13  TRP A CD1 1 
ATOM   103  C  CD2 . TRP A 1 13  ? 12.875  7.971   11.395  1.00 51.79 ? 13  TRP A CD2 1 
ATOM   104  N  NE1 . TRP A 1 13  ? 13.031  7.021   13.415  1.00 51.71 ? 13  TRP A NE1 1 
ATOM   105  C  CE2 . TRP A 1 13  ? 12.387  8.006   12.719  1.00 51.75 ? 13  TRP A CE2 1 
ATOM   106  C  CE3 . TRP A 1 13  ? 12.373  8.891   10.466  1.00 51.68 ? 13  TRP A CE3 1 
ATOM   107  C  CZ2 . TRP A 1 13  ? 11.417  8.924   13.141  1.00 51.81 ? 13  TRP A CZ2 1 
ATOM   108  C  CZ3 . TRP A 1 13  ? 11.408  9.807   10.885  1.00 51.57 ? 13  TRP A CZ3 1 
ATOM   109  C  CH2 . TRP A 1 13  ? 10.942  9.814   12.213  1.00 51.96 ? 13  TRP A CH2 1 
HETATM 110  N  N   . MSE A 1 14  ? 12.998  4.050   9.091   1.00 58.09 ? 14  MSE A N   1 
HETATM 111  C  CA  . MSE A 1 14  ? 11.809  3.199   9.099   1.00 60.74 ? 14  MSE A CA  1 
HETATM 112  C  C   . MSE A 1 14  ? 12.187  1.730   9.243   1.00 61.75 ? 14  MSE A C   1 
HETATM 113  O  O   . MSE A 1 14  ? 11.486  0.961   9.900   1.00 61.87 ? 14  MSE A O   1 
HETATM 114  C  CB  . MSE A 1 14  ? 10.997  3.363   7.813   1.00 62.04 ? 14  MSE A CB  1 
HETATM 115  C  CG  . MSE A 1 14  ? 10.384  4.725   7.622   1.00 64.26 ? 14  MSE A CG  1 
HETATM 116  SE SE  . MSE A 1 14  ? 9.339   5.287   9.136   1.00 68.23 ? 14  MSE A SE  1 
HETATM 117  C  CE  . MSE A 1 14  ? 7.634   4.487   8.683   1.00 67.23 ? 14  MSE A CE  1 
ATOM   118  N  N   . HIS A 1 15  ? 13.295  1.342   8.618   1.00 62.83 ? 15  HIS A N   1 
ATOM   119  C  CA  . HIS A 1 15  ? 13.754  -0.040  8.674   1.00 64.08 ? 15  HIS A CA  1 
ATOM   120  C  C   . HIS A 1 15  ? 13.955  -0.484  10.110  1.00 64.26 ? 15  HIS A C   1 
ATOM   121  O  O   . HIS A 1 15  ? 13.487  -1.545  10.510  1.00 64.25 ? 15  HIS A O   1 
ATOM   122  C  CB  . HIS A 1 15  ? 15.068  -0.194  7.912   1.00 65.62 ? 15  HIS A CB  1 
ATOM   123  C  CG  . HIS A 1 15  ? 15.596  -1.596  7.887   1.00 68.26 ? 15  HIS A CG  1 
ATOM   124  N  ND1 . HIS A 1 15  ? 16.787  -1.931  7.278   1.00 70.30 ? 15  HIS A ND1 1 
ATOM   125  C  CD2 . HIS A 1 15  ? 15.092  -2.751  8.387   1.00 68.91 ? 15  HIS A CD2 1 
ATOM   126  C  CE1 . HIS A 1 15  ? 16.994  -3.231  7.403   1.00 70.18 ? 15  HIS A CE1 1 
ATOM   127  N  NE2 . HIS A 1 15  ? 15.981  -3.751  8.070   1.00 70.56 ? 15  HIS A NE2 1 
ATOM   128  N  N   . SER A 1 16  ? 14.657  0.336   10.880  1.00 64.96 ? 16  SER A N   1 
ATOM   129  C  CA  . SER A 1 16  ? 14.926  0.011   12.269  1.00 66.50 ? 16  SER A CA  1 
ATOM   130  C  C   . SER A 1 16  ? 13.756  0.414   13.142  1.00 66.80 ? 16  SER A C   1 
ATOM   131  O  O   . SER A 1 16  ? 13.931  0.898   14.257  1.00 67.71 ? 16  SER A O   1 
ATOM   132  C  CB  . SER A 1 16  ? 16.200  0.716   12.737  1.00 67.54 ? 16  SER A CB  1 
ATOM   133  O  OG  . SER A 1 16  ? 16.110  2.111   12.513  1.00 69.21 ? 16  SER A OG  1 
ATOM   134  N  N   . HIS A 1 17  ? 12.555  0.202   12.631  1.00 66.86 ? 17  HIS A N   1 
ATOM   135  C  CA  . HIS A 1 17  ? 11.366  0.554   13.378  1.00 67.54 ? 17  HIS A CA  1 
ATOM   136  C  C   . HIS A 1 17  ? 10.239  -0.425  13.045  1.00 68.53 ? 17  HIS A C   1 
ATOM   137  O  O   . HIS A 1 17  ? 9.109   -0.280  13.518  1.00 69.47 ? 17  HIS A O   1 
ATOM   138  C  CB  . HIS A 1 17  ? 10.954  1.980   13.021  1.00 66.82 ? 17  HIS A CB  1 
ATOM   139  C  CG  . HIS A 1 17  ? 9.871   2.525   13.890  1.00 67.52 ? 17  HIS A CG  1 
ATOM   140  N  ND1 . HIS A 1 17  ? 10.094  2.927   15.188  1.00 68.06 ? 17  HIS A ND1 1 
ATOM   141  C  CD2 . HIS A 1 17  ? 8.548   2.703   13.659  1.00 67.20 ? 17  HIS A CD2 1 
ATOM   142  C  CE1 . HIS A 1 17  ? 8.954   3.328   15.723  1.00 68.12 ? 17  HIS A CE1 1 
ATOM   143  N  NE2 . HIS A 1 17  ? 8.001   3.202   14.816  1.00 68.14 ? 17  HIS A NE2 1 
ATOM   144  N  N   . PHE A 1 18  ? 10.565  -1.429  12.231  1.00 68.77 ? 18  PHE A N   1 
ATOM   145  C  CA  . PHE A 1 18  ? 9.605   -2.443  11.799  1.00 67.58 ? 18  PHE A CA  1 
ATOM   146  C  C   . PHE A 1 18  ? 10.236  -3.832  11.683  1.00 67.10 ? 18  PHE A C   1 
ATOM   147  O  O   . PHE A 1 18  ? 11.459  -3.987  11.760  1.00 66.95 ? 18  PHE A O   1 
ATOM   148  C  CB  . PHE A 1 18  ? 9.001   -2.028  10.454  1.00 67.28 ? 18  PHE A CB  1 
ATOM   149  C  CG  . PHE A 1 18  ? 8.102   -0.826  10.540  1.00 67.27 ? 18  PHE A CG  1 
ATOM   150  C  CD1 . PHE A 1 18  ? 6.784   -0.953  10.963  1.00 67.86 ? 18  PHE A CD1 1 
ATOM   151  C  CD2 . PHE A 1 18  ? 8.572   0.439   10.210  1.00 67.82 ? 18  PHE A CD2 1 
ATOM   152  C  CE1 . PHE A 1 18  ? 5.946   0.163   11.063  1.00 68.00 ? 18  PHE A CE1 1 
ATOM   153  C  CE2 . PHE A 1 18  ? 7.742   1.559   10.307  1.00 67.97 ? 18  PHE A CE2 1 
ATOM   154  C  CZ  . PHE A 1 18  ? 6.427   1.418   10.733  1.00 67.70 ? 18  PHE A CZ  1 
ATOM   155  N  N   . HIS A 1 25  ? 2.059   -3.934  7.279   1.00 82.30 ? 25  HIS A N   1 
ATOM   156  C  CA  . HIS A 1 25  ? 2.583   -5.035  8.071   1.00 82.10 ? 25  HIS A CA  1 
ATOM   157  C  C   . HIS A 1 25  ? 4.042   -4.736  8.469   1.00 79.11 ? 25  HIS A C   1 
ATOM   158  O  O   . HIS A 1 25  ? 4.316   -3.709  9.093   1.00 78.17 ? 25  HIS A O   1 
ATOM   159  C  CB  . HIS A 1 25  ? 2.473   -6.350  7.273   1.00 85.95 ? 25  HIS A CB  1 
ATOM   160  C  CG  . HIS A 1 25  ? 2.615   -7.589  8.115   1.00 90.22 ? 25  HIS A CG  1 
ATOM   161  N  ND1 . HIS A 1 25  ? 1.834   -7.830  9.228   1.00 91.26 ? 25  HIS A ND1 1 
ATOM   162  C  CD2 . HIS A 1 25  ? 3.453   -8.650  8.011   1.00 90.70 ? 25  HIS A CD2 1 
ATOM   163  C  CE1 . HIS A 1 25  ? 2.186   -8.982  9.773   1.00 90.80 ? 25  HIS A CE1 1 
ATOM   164  N  NE2 . HIS A 1 25  ? 3.167   -9.499  9.054   1.00 90.55 ? 25  HIS A NE2 1 
ATOM   165  N  N   . ASP A 1 26  ? 4.970   -5.619  8.110   1.00 75.56 ? 26  ASP A N   1 
ATOM   166  C  CA  . ASP A 1 26  ? 6.375   -5.423  8.451   1.00 72.43 ? 26  ASP A CA  1 
ATOM   167  C  C   . ASP A 1 26  ? 7.073   -4.396  7.551   1.00 68.98 ? 26  ASP A C   1 
ATOM   168  O  O   . ASP A 1 26  ? 6.431   -3.630  6.823   1.00 67.58 ? 26  ASP A O   1 
ATOM   169  C  CB  . ASP A 1 26  ? 7.134   -6.763  8.385   1.00 74.72 ? 26  ASP A CB  1 
ATOM   170  C  CG  . ASP A 1 26  ? 7.019   -7.585  9.677   1.00 77.14 ? 26  ASP A CG  1 
ATOM   171  O  OD1 . ASP A 1 26  ? 5.897   -8.011  10.045  1.00 78.09 ? 26  ASP A OD1 1 
ATOM   172  O  OD2 . ASP A 1 26  ? 8.065   -7.816  10.328  1.00 77.43 ? 26  ASP A OD2 1 
ATOM   173  N  N   . TRP A 1 27  ? 8.398   -4.387  7.629   1.00 64.41 ? 27  TRP A N   1 
ATOM   174  C  CA  . TRP A 1 27  ? 9.230   -3.498  6.834   1.00 59.09 ? 27  TRP A CA  1 
ATOM   175  C  C   . TRP A 1 27  ? 9.074   -3.879  5.359   1.00 57.61 ? 27  TRP A C   1 
ATOM   176  O  O   . TRP A 1 27  ? 9.008   -3.011  4.487   1.00 57.58 ? 27  TRP A O   1 
ATOM   177  C  CB  . TRP A 1 27  ? 10.688  -3.634  7.294   1.00 56.28 ? 27  TRP A CB  1 
ATOM   178  C  CG  . TRP A 1 27  ? 11.696  -3.119  6.328   1.00 54.75 ? 27  TRP A CG  1 
ATOM   179  C  CD1 . TRP A 1 27  ? 12.634  -3.850  5.663   1.00 54.21 ? 27  TRP A CD1 1 
ATOM   180  C  CD2 . TRP A 1 27  ? 11.837  -1.768  5.866   1.00 54.38 ? 27  TRP A CD2 1 
ATOM   181  N  NE1 . TRP A 1 27  ? 13.351  -3.043  4.807   1.00 53.55 ? 27  TRP A NE1 1 
ATOM   182  C  CE2 . TRP A 1 27  ? 12.882  -1.761  4.912   1.00 53.75 ? 27  TRP A CE2 1 
ATOM   183  C  CE3 . TRP A 1 27  ? 11.182  -0.567  6.162   1.00 53.40 ? 27  TRP A CE3 1 
ATOM   184  C  CZ2 . TRP A 1 27  ? 13.284  -0.600  4.253   1.00 53.36 ? 27  TRP A CZ2 1 
ATOM   185  C  CZ3 . TRP A 1 27  ? 11.581  0.589   5.505   1.00 53.50 ? 27  TRP A CZ3 1 
ATOM   186  C  CH2 . TRP A 1 27  ? 12.625  0.563   4.560   1.00 53.64 ? 27  TRP A CH2 1 
ATOM   187  N  N   . SER A 1 28  ? 8.995   -5.180  5.090   1.00 55.32 ? 28  SER A N   1 
ATOM   188  C  CA  . SER A 1 28  ? 8.834   -5.677  3.728   1.00 52.71 ? 28  SER A CA  1 
ATOM   189  C  C   . SER A 1 28  ? 7.705   -4.945  3.007   1.00 51.77 ? 28  SER A C   1 
ATOM   190  O  O   . SER A 1 28  ? 7.808   -4.641  1.816   1.00 51.15 ? 28  SER A O   1 
ATOM   191  C  CB  . SER A 1 28  ? 8.530   -7.175  3.742   1.00 52.63 ? 28  SER A CB  1 
ATOM   192  O  OG  . SER A 1 28  ? 9.611   -7.904  4.280   1.00 53.47 ? 28  SER A OG  1 
ATOM   193  N  N   . HIS A 1 29  ? 6.628   -4.672  3.736   1.00 49.99 ? 29  HIS A N   1 
ATOM   194  C  CA  . HIS A 1 29  ? 5.476   -3.980  3.171   1.00 46.51 ? 29  HIS A CA  1 
ATOM   195  C  C   . HIS A 1 29  ? 5.837   -2.563  2.754   1.00 45.15 ? 29  HIS A C   1 
ATOM   196  O  O   . HIS A 1 29  ? 5.649   -2.182  1.599   1.00 44.89 ? 29  HIS A O   1 
ATOM   197  C  CB  . HIS A 1 29  ? 4.338   -3.934  4.187   1.00 45.17 ? 29  HIS A CB  1 
ATOM   198  C  CG  . HIS A 1 29  ? 3.139   -3.182  3.705   1.00 44.71 ? 29  HIS A CG  1 
ATOM   199  N  ND1 . HIS A 1 29  ? 2.385   -3.597  2.627   1.00 44.34 ? 29  HIS A ND1 1 
ATOM   200  C  CD2 . HIS A 1 29  ? 2.573   -2.034  4.143   1.00 44.70 ? 29  HIS A CD2 1 
ATOM   201  C  CE1 . HIS A 1 29  ? 1.404   -2.734  2.423   1.00 45.11 ? 29  HIS A CE1 1 
ATOM   202  N  NE2 . HIS A 1 29  ? 1.496   -1.777  3.329   1.00 43.70 ? 29  HIS A NE2 1 
ATOM   203  N  N   . ILE A 1 30  ? 6.350   -1.779  3.695   1.00 43.26 ? 30  ILE A N   1 
ATOM   204  C  CA  . ILE A 1 30  ? 6.732   -0.406  3.395   1.00 42.25 ? 30  ILE A CA  1 
ATOM   205  C  C   . ILE A 1 30  ? 7.665   -0.332  2.181   1.00 41.48 ? 30  ILE A C   1 
ATOM   206  O  O   . ILE A 1 30  ? 7.331   0.301   1.176   1.00 40.44 ? 30  ILE A O   1 
ATOM   207  C  CB  . ILE A 1 30  ? 7.391   0.251   4.615   1.00 41.73 ? 30  ILE A CB  1 
ATOM   208  C  CG1 . ILE A 1 30  ? 6.383   0.263   5.768   1.00 41.66 ? 30  ILE A CG1 1 
ATOM   209  C  CG2 . ILE A 1 30  ? 7.851   1.673   4.271   1.00 39.63 ? 30  ILE A CG2 1 
ATOM   210  C  CD1 . ILE A 1 30  ? 6.965   0.660   7.112   1.00 41.89 ? 30  ILE A CD1 1 
ATOM   211  N  N   . LYS A 1 31  ? 8.819   -0.990  2.254   1.00 40.09 ? 31  LYS A N   1 
ATOM   212  C  CA  . LYS A 1 31  ? 9.733   -0.964  1.119   1.00 40.16 ? 31  LYS A CA  1 
ATOM   213  C  C   . LYS A 1 31  ? 9.044   -1.334  -0.216  1.00 39.00 ? 31  LYS A C   1 
ATOM   214  O  O   . LYS A 1 31  ? 9.478   -0.887  -1.274  1.00 39.80 ? 31  LYS A O   1 
ATOM   215  C  CB  . LYS A 1 31  ? 10.942  -1.886  1.358   1.00 40.43 ? 31  LYS A CB  1 
ATOM   216  C  CG  . LYS A 1 31  ? 11.934  -1.877  0.192   1.00 43.14 ? 31  LYS A CG  1 
ATOM   217  C  CD  . LYS A 1 31  ? 13.054  -2.896  0.350   1.00 45.87 ? 31  LYS A CD  1 
ATOM   218  C  CE  . LYS A 1 31  ? 13.912  -2.621  1.574   1.00 47.32 ? 31  LYS A CE  1 
ATOM   219  N  NZ  . LYS A 1 31  ? 15.154  -3.447  1.554   1.00 46.82 ? 31  LYS A NZ  1 
ATOM   220  N  N   . ARG A 1 32  ? 7.986   -2.143  -0.182  1.00 37.64 ? 32  ARG A N   1 
ATOM   221  C  CA  . ARG A 1 32  ? 7.277   -2.507  -1.418  1.00 35.63 ? 32  ARG A CA  1 
ATOM   222  C  C   . ARG A 1 32  ? 6.461   -1.303  -1.899  1.00 35.71 ? 32  ARG A C   1 
ATOM   223  O  O   . ARG A 1 32  ? 6.495   -0.955  -3.078  1.00 35.98 ? 32  ARG A O   1 
ATOM   224  C  CB  . ARG A 1 32  ? 6.333   -3.704  -1.196  1.00 33.71 ? 32  ARG A CB  1 
ATOM   225  C  CG  . ARG A 1 32  ? 6.807   -5.037  -1.798  1.00 29.91 ? 32  ARG A CG  1 
ATOM   226  C  CD  . ARG A 1 32  ? 5.827   -6.172  -1.508  1.00 27.30 ? 32  ARG A CD  1 
ATOM   227  N  NE  . ARG A 1 32  ? 6.206   -6.962  -0.333  1.00 27.36 ? 32  ARG A NE  1 
ATOM   228  C  CZ  . ARG A 1 32  ? 5.446   -7.110  0.752   1.00 24.10 ? 32  ARG A CZ  1 
ATOM   229  N  NH1 . ARG A 1 32  ? 4.258   -6.520  0.822   1.00 21.23 ? 32  ARG A NH1 1 
ATOM   230  N  NH2 . ARG A 1 32  ? 5.871   -7.864  1.760   1.00 20.13 ? 32  ARG A NH2 1 
ATOM   231  N  N   . VAL A 1 33  ? 5.735   -0.666  -0.981  1.00 35.07 ? 33  VAL A N   1 
ATOM   232  C  CA  . VAL A 1 33  ? 4.923   0.497   -1.327  1.00 33.85 ? 33  VAL A CA  1 
ATOM   233  C  C   . VAL A 1 33  ? 5.824   1.616   -1.830  1.00 33.29 ? 33  VAL A C   1 
ATOM   234  O  O   . VAL A 1 33  ? 5.411   2.456   -2.630  1.00 33.36 ? 33  VAL A O   1 
ATOM   235  C  CB  . VAL A 1 33  ? 4.125   1.006   -0.114  1.00 33.92 ? 33  VAL A CB  1 
ATOM   236  C  CG1 . VAL A 1 33  ? 3.314   2.224   -0.511  1.00 33.37 ? 33  VAL A CG1 1 
ATOM   237  C  CG2 . VAL A 1 33  ? 3.210   -0.085  0.407   1.00 33.03 ? 33  VAL A CG2 1 
ATOM   238  N  N   . TRP A 1 34  ? 7.058   1.609   -1.340  1.00 32.13 ? 34  TRP A N   1 
ATOM   239  C  CA  . TRP A 1 34  ? 8.066   2.581   -1.730  1.00 31.56 ? 34  TRP A CA  1 
ATOM   240  C  C   . TRP A 1 34  ? 8.496   2.248   -3.161  1.00 31.75 ? 34  TRP A C   1 
ATOM   241  O  O   . TRP A 1 34  ? 8.397   3.090   -4.058  1.00 31.27 ? 34  TRP A O   1 
ATOM   242  C  CB  . TRP A 1 34  ? 9.256   2.500   -0.760  1.00 32.61 ? 34  TRP A CB  1 
ATOM   243  C  CG  . TRP A 1 34  ? 10.471  3.235   -1.180  1.00 32.54 ? 34  TRP A CG  1 
ATOM   244  C  CD1 . TRP A 1 34  ? 10.591  4.576   -1.389  1.00 33.04 ? 34  TRP A CD1 1 
ATOM   245  C  CD2 . TRP A 1 34  ? 11.737  2.662   -1.514  1.00 35.17 ? 34  TRP A CD2 1 
ATOM   246  N  NE1 . TRP A 1 34  ? 11.854  4.877   -1.845  1.00 32.86 ? 34  TRP A NE1 1 
ATOM   247  C  CE2 . TRP A 1 34  ? 12.578  3.718   -1.933  1.00 34.83 ? 34  TRP A CE2 1 
ATOM   248  C  CE3 . TRP A 1 34  ? 12.244  1.354   -1.506  1.00 37.10 ? 34  TRP A CE3 1 
ATOM   249  C  CZ2 . TRP A 1 34  ? 13.902  3.508   -2.343  1.00 36.58 ? 34  TRP A CZ2 1 
ATOM   250  C  CZ3 . TRP A 1 34  ? 13.567  1.146   -1.916  1.00 38.85 ? 34  TRP A CZ3 1 
ATOM   251  C  CH2 . TRP A 1 34  ? 14.376  2.220   -2.329  1.00 37.12 ? 34  TRP A CH2 1 
ATOM   252  N  N   . LYS A 1 35  ? 8.956   1.017   -3.380  1.00 31.81 ? 35  LYS A N   1 
ATOM   253  C  CA  . LYS A 1 35  ? 9.376   0.593   -4.716  1.00 31.87 ? 35  LYS A CA  1 
ATOM   254  C  C   . LYS A 1 35  ? 8.234   0.762   -5.711  1.00 32.57 ? 35  LYS A C   1 
ATOM   255  O  O   . LYS A 1 35  ? 8.438   1.204   -6.844  1.00 32.58 ? 35  LYS A O   1 
ATOM   256  C  CB  . LYS A 1 35  ? 9.787   -0.879  -4.724  1.00 31.42 ? 35  LYS A CB  1 
ATOM   257  C  CG  . LYS A 1 35  ? 11.110  -1.182  -4.073  1.00 34.34 ? 35  LYS A CG  1 
ATOM   258  C  CD  . LYS A 1 35  ? 11.561  -2.562  -4.491  1.00 36.97 ? 35  LYS A CD  1 
ATOM   259  C  CE  . LYS A 1 35  ? 12.998  -2.843  -4.087  1.00 38.84 ? 35  LYS A CE  1 
ATOM   260  N  NZ  . LYS A 1 35  ? 13.447  -4.177  -4.608  1.00 39.91 ? 35  LYS A NZ  1 
ATOM   261  N  N   . LEU A 1 36  ? 7.033   0.400   -5.273  1.00 32.01 ? 36  LEU A N   1 
ATOM   262  C  CA  . LEU A 1 36  ? 5.849   0.479   -6.108  1.00 32.86 ? 36  LEU A CA  1 
ATOM   263  C  C   . LEU A 1 36  ? 5.517   1.908   -6.502  1.00 33.57 ? 36  LEU A C   1 
ATOM   264  O  O   . LEU A 1 36  ? 5.245   2.196   -7.669  1.00 34.27 ? 36  LEU A O   1 
ATOM   265  C  CB  . LEU A 1 36  ? 4.664   -0.141  -5.374  1.00 34.22 ? 36  LEU A CB  1 
ATOM   266  C  CG  . LEU A 1 36  ? 3.889   -1.268  -6.060  1.00 33.72 ? 36  LEU A CG  1 
ATOM   267  C  CD1 . LEU A 1 36  ? 4.796   -2.131  -6.915  1.00 32.11 ? 36  LEU A CD1 1 
ATOM   268  C  CD2 . LEU A 1 36  ? 3.227   -2.099  -4.964  1.00 33.91 ? 36  LEU A CD2 1 
ATOM   269  N  N   . SER A 1 37  ? 5.530   2.812   -5.533  1.00 33.36 ? 37  SER A N   1 
ATOM   270  C  CA  . SER A 1 37  ? 5.221   4.191   -5.862  1.00 33.00 ? 37  SER A CA  1 
ATOM   271  C  C   . SER A 1 37  ? 6.342   4.753   -6.749  1.00 32.65 ? 37  SER A C   1 
ATOM   272  O  O   . SER A 1 37  ? 6.085   5.560   -7.641  1.00 32.46 ? 37  SER A O   1 
ATOM   273  C  CB  . SER A 1 37  ? 5.065   5.018   -4.594  1.00 32.33 ? 37  SER A CB  1 
ATOM   274  O  OG  . SER A 1 37  ? 6.265   5.008   -3.877  1.00 33.80 ? 37  SER A OG  1 
ATOM   275  N  N   . LYS A 1 38  ? 7.581   4.327   -6.523  1.00 31.28 ? 38  LYS A N   1 
ATOM   276  C  CA  . LYS A 1 38  ? 8.669   4.808   -7.359  1.00 31.91 ? 38  LYS A CA  1 
ATOM   277  C  C   . LYS A 1 38  ? 8.385   4.427   -8.816  1.00 33.96 ? 38  LYS A C   1 
ATOM   278  O  O   . LYS A 1 38  ? 8.422   5.281   -9.709  1.00 35.47 ? 38  LYS A O   1 
ATOM   279  C  CB  . LYS A 1 38  ? 9.997   4.210   -6.904  1.00 30.99 ? 38  LYS A CB  1 
ATOM   280  C  CG  . LYS A 1 38  ? 10.991  5.246   -6.376  1.00 31.39 ? 38  LYS A CG  1 
ATOM   281  C  CD  . LYS A 1 38  ? 12.039  4.602   -5.470  1.00 30.89 ? 38  LYS A CD  1 
ATOM   282  C  CE  . LYS A 1 38  ? 12.799  3.501   -6.193  1.00 32.54 ? 38  LYS A CE  1 
ATOM   283  N  NZ  . LYS A 1 38  ? 13.339  2.501   -5.232  1.00 33.18 ? 38  LYS A NZ  1 
ATOM   284  N  N   . GLU A 1 39  ? 8.078   3.146   -9.040  1.00 35.57 ? 39  GLU A N   1 
ATOM   285  C  CA  . GLU A 1 39  ? 7.775   2.598   -10.373 1.00 34.58 ? 39  GLU A CA  1 
ATOM   286  C  C   . GLU A 1 39  ? 6.652   3.364   -11.062 1.00 32.53 ? 39  GLU A C   1 
ATOM   287  O  O   . GLU A 1 39  ? 6.766   3.750   -12.218 1.00 33.22 ? 39  GLU A O   1 
ATOM   288  C  CB  . GLU A 1 39  ? 7.362   1.126   -10.243 1.00 36.23 ? 39  GLU A CB  1 
ATOM   289  C  CG  . GLU A 1 39  ? 7.337   0.359   -11.557 1.00 43.23 ? 39  GLU A CG  1 
ATOM   290  C  CD  . GLU A 1 39  ? 6.593   -0.983  -11.463 1.00 48.01 ? 39  GLU A CD  1 
ATOM   291  O  OE1 . GLU A 1 39  ? 5.354   -0.997  -11.649 1.00 49.73 ? 39  GLU A OE1 1 
ATOM   292  O  OE2 . GLU A 1 39  ? 7.241   -2.023  -11.195 1.00 50.07 ? 39  GLU A OE2 1 
ATOM   293  N  N   . ILE A 1 40  ? 5.565   3.568   -10.338 1.00 30.02 ? 40  ILE A N   1 
ATOM   294  C  CA  . ILE A 1 40  ? 4.425   4.279   -10.855 1.00 30.81 ? 40  ILE A CA  1 
ATOM   295  C  C   . ILE A 1 40  ? 4.724   5.706   -11.319 1.00 34.75 ? 40  ILE A C   1 
ATOM   296  O  O   . ILE A 1 40  ? 4.250   6.141   -12.379 1.00 36.11 ? 40  ILE A O   1 
ATOM   297  C  CB  . ILE A 1 40  ? 3.349   4.347   -9.796  1.00 29.74 ? 40  ILE A CB  1 
ATOM   298  C  CG1 . ILE A 1 40  ? 2.939   2.934   -9.434  1.00 29.64 ? 40  ILE A CG1 1 
ATOM   299  C  CG2 . ILE A 1 40  ? 2.184   5.219   -10.276 1.00 27.44 ? 40  ILE A CG2 1 
ATOM   300  C  CD1 . ILE A 1 40  ? 1.888   2.869   -8.381  1.00 32.06 ? 40  ILE A CD1 1 
ATOM   301  N  N   . GLN A 1 41  ? 5.504   6.446   -10.530 1.00 35.99 ? 41  GLN A N   1 
ATOM   302  C  CA  . GLN A 1 41  ? 5.797   7.838   -10.869 1.00 35.77 ? 41  GLN A CA  1 
ATOM   303  C  C   . GLN A 1 41  ? 6.581   7.960   -12.163 1.00 35.52 ? 41  GLN A C   1 
ATOM   304  O  O   . GLN A 1 41  ? 6.360   8.888   -12.947 1.00 34.33 ? 41  GLN A O   1 
ATOM   305  C  CB  . GLN A 1 41  ? 6.540   8.529   -9.711  1.00 36.75 ? 41  GLN A CB  1 
ATOM   306  C  CG  . GLN A 1 41  ? 8.043   8.761   -9.891  1.00 37.87 ? 41  GLN A CG  1 
ATOM   307  C  CD  . GLN A 1 41  ? 8.370   9.972   -10.769 1.00 37.13 ? 41  GLN A CD  1 
ATOM   308  O  OE1 . GLN A 1 41  ? 7.668   10.993  -10.738 1.00 34.99 ? 41  GLN A OE1 1 
ATOM   309  N  NE2 . GLN A 1 41  ? 9.456   9.869   -11.533 1.00 33.95 ? 41  GLN A NE2 1 
ATOM   310  N  N   . SER A 1 42  ? 7.483   7.008   -12.385 1.00 35.43 ? 42  SER A N   1 
ATOM   311  C  CA  . SER A 1 42  ? 8.307   6.999   -13.587 1.00 35.74 ? 42  SER A CA  1 
ATOM   312  C  C   . SER A 1 42  ? 7.449   6.975   -14.850 1.00 34.22 ? 42  SER A C   1 
ATOM   313  O  O   . SER A 1 42  ? 7.965   7.059   -15.962 1.00 33.28 ? 42  SER A O   1 
ATOM   314  C  CB  . SER A 1 42  ? 9.221   5.778   -13.598 1.00 35.69 ? 42  SER A CB  1 
ATOM   315  O  OG  . SER A 1 42  ? 8.594   4.740   -14.333 1.00 38.97 ? 42  SER A OG  1 
ATOM   316  N  N   . LYS A 1 43  ? 6.141   6.844   -14.680 1.00 33.40 ? 43  LYS A N   1 
ATOM   317  C  CA  . LYS A 1 43  ? 5.261   6.822   -15.831 1.00 33.77 ? 43  LYS A CA  1 
ATOM   318  C  C   . LYS A 1 43  ? 4.070   7.727   -15.634 1.00 34.58 ? 43  LYS A C   1 
ATOM   319  O  O   . LYS A 1 43  ? 3.351   8.032   -16.586 1.00 35.35 ? 43  LYS A O   1 
ATOM   320  C  CB  . LYS A 1 43  ? 4.782   5.405   -16.133 1.00 34.33 ? 43  LYS A CB  1 
ATOM   321  C  CG  . LYS A 1 43  ? 5.843   4.521   -16.739 1.00 34.56 ? 43  LYS A CG  1 
ATOM   322  C  CD  . LYS A 1 43  ? 5.225   3.289   -17.351 1.00 36.45 ? 43  LYS A CD  1 
ATOM   323  C  CE  . LYS A 1 43  ? 6.307   2.407   -17.934 1.00 37.76 ? 43  LYS A CE  1 
ATOM   324  N  NZ  . LYS A 1 43  ? 7.344   2.181   -16.887 1.00 41.07 ? 43  LYS A NZ  1 
ATOM   325  N  N   . GLU A 1 44  ? 3.846   8.163   -14.403 1.00 33.96 ? 44  GLU A N   1 
ATOM   326  C  CA  . GLU A 1 44  ? 2.724   9.057   -14.142 1.00 34.85 ? 44  GLU A CA  1 
ATOM   327  C  C   . GLU A 1 44  ? 3.200   10.435  -13.692 1.00 35.23 ? 44  GLU A C   1 
ATOM   328  O  O   . GLU A 1 44  ? 2.400   11.351  -13.513 1.00 34.65 ? 44  GLU A O   1 
ATOM   329  C  CB  . GLU A 1 44  ? 1.814   8.456   -13.081 1.00 35.71 ? 44  GLU A CB  1 
ATOM   330  C  CG  . GLU A 1 44  ? 1.197   7.143   -13.471 1.00 36.58 ? 44  GLU A CG  1 
ATOM   331  C  CD  . GLU A 1 44  ? 0.069   7.300   -14.470 1.00 38.36 ? 44  GLU A CD  1 
ATOM   332  O  OE1 . GLU A 1 44  ? -0.852  8.099   -14.202 1.00 39.38 ? 44  GLU A OE1 1 
ATOM   333  O  OE2 . GLU A 1 44  ? 0.092   6.616   -15.517 1.00 38.44 ? 44  GLU A OE2 1 
ATOM   334  N  N   . GLY A 1 45  ? 4.506   10.575  -13.499 1.00 34.94 ? 45  GLY A N   1 
ATOM   335  C  CA  . GLY A 1 45  ? 5.047   11.855  -13.081 1.00 36.20 ? 45  GLY A CA  1 
ATOM   336  C  C   . GLY A 1 45  ? 4.802   12.235  -11.631 1.00 35.82 ? 45  GLY A C   1 
ATOM   337  O  O   . GLY A 1 45  ? 4.287   11.429  -10.855 1.00 38.00 ? 45  GLY A O   1 
ATOM   338  N  N   . GLY A 1 46  ? 5.181   13.463  -11.272 1.00 33.78 ? 46  GLY A N   1 
ATOM   339  C  CA  . GLY A 1 46  ? 5.011   13.966  -9.918  1.00 30.76 ? 46  GLY A CA  1 
ATOM   340  C  C   . GLY A 1 46  ? 6.350   14.197  -9.239  1.00 30.06 ? 46  GLY A C   1 
ATOM   341  O  O   . GLY A 1 46  ? 7.385   13.786  -9.761  1.00 29.05 ? 46  GLY A O   1 
ATOM   342  N  N   . ASP A 1 47  ? 6.330   14.858  -8.083  1.00 29.13 ? 47  ASP A N   1 
ATOM   343  C  CA  . ASP A 1 47  ? 7.543   15.146  -7.305  1.00 30.74 ? 47  ASP A CA  1 
ATOM   344  C  C   . ASP A 1 47  ? 8.018   13.839  -6.662  1.00 31.36 ? 47  ASP A C   1 
ATOM   345  O  O   . ASP A 1 47  ? 7.533   13.444  -5.595  1.00 30.84 ? 47  ASP A O   1 
ATOM   346  C  CB  . ASP A 1 47  ? 7.223   16.178  -6.204  1.00 34.63 ? 47  ASP A CB  1 
ATOM   347  C  CG  . ASP A 1 47  ? 8.477   16.754  -5.519  1.00 38.11 ? 47  ASP A CG  1 
ATOM   348  O  OD1 . ASP A 1 47  ? 9.447   15.987  -5.268  1.00 38.06 ? 47  ASP A OD1 1 
ATOM   349  O  OD2 . ASP A 1 47  ? 8.471   17.981  -5.211  1.00 38.23 ? 47  ASP A OD2 1 
ATOM   350  N  N   . LEU A 1 48  ? 8.977   13.184  -7.306  1.00 30.81 ? 48  LEU A N   1 
ATOM   351  C  CA  . LEU A 1 48  ? 9.506   11.917  -6.815  1.00 30.90 ? 48  LEU A CA  1 
ATOM   352  C  C   . LEU A 1 48  ? 9.965   11.951  -5.352  1.00 32.57 ? 48  LEU A C   1 
ATOM   353  O  O   . LEU A 1 48  ? 9.768   10.992  -4.599  1.00 33.06 ? 48  LEU A O   1 
ATOM   354  C  CB  . LEU A 1 48  ? 10.660  11.458  -7.717  1.00 29.23 ? 48  LEU A CB  1 
ATOM   355  C  CG  . LEU A 1 48  ? 11.322  10.104  -7.443  1.00 29.63 ? 48  LEU A CG  1 
ATOM   356  C  CD1 . LEU A 1 48  ? 10.279  8.988   -7.460  1.00 30.55 ? 48  LEU A CD1 1 
ATOM   357  C  CD2 . LEU A 1 48  ? 12.384  9.855   -8.491  1.00 29.72 ? 48  LEU A CD2 1 
ATOM   358  N  N   . PHE A 1 49  ? 10.580  13.054  -4.948  1.00 34.35 ? 49  PHE A N   1 
ATOM   359  C  CA  . PHE A 1 49  ? 11.066  13.188  -3.578  1.00 35.29 ? 49  PHE A CA  1 
ATOM   360  C  C   . PHE A 1 49  ? 9.907   13.298  -2.604  1.00 35.79 ? 49  PHE A C   1 
ATOM   361  O  O   . PHE A 1 49  ? 9.929   12.744  -1.503  1.00 34.86 ? 49  PHE A O   1 
ATOM   362  C  CB  . PHE A 1 49  ? 11.955  14.425  -3.456  1.00 35.31 ? 49  PHE A CB  1 
ATOM   363  C  CG  . PHE A 1 49  ? 12.417  14.699  -2.061  1.00 34.32 ? 49  PHE A CG  1 
ATOM   364  C  CD1 . PHE A 1 49  ? 11.890  15.763  -1.338  1.00 34.97 ? 49  PHE A CD1 1 
ATOM   365  C  CD2 . PHE A 1 49  ? 13.369  13.883  -1.461  1.00 34.60 ? 49  PHE A CD2 1 
ATOM   366  C  CE1 . PHE A 1 49  ? 12.304  16.014  -0.033  1.00 35.68 ? 49  PHE A CE1 1 
ATOM   367  C  CE2 . PHE A 1 49  ? 13.790  14.124  -0.161  1.00 36.15 ? 49  PHE A CE2 1 
ATOM   368  C  CZ  . PHE A 1 49  ? 13.255  15.195  0.557   1.00 36.32 ? 49  PHE A CZ  1 
ATOM   369  N  N   . THR A 1 50  ? 8.891   14.030  -3.018  1.00 35.97 ? 50  THR A N   1 
ATOM   370  C  CA  . THR A 1 50  ? 7.731   14.210  -2.183  1.00 37.55 ? 50  THR A CA  1 
ATOM   371  C  C   . THR A 1 50  ? 6.983   12.873  -2.016  1.00 38.25 ? 50  THR A C   1 
ATOM   372  O  O   . THR A 1 50  ? 6.438   12.582  -0.943  1.00 38.41 ? 50  THR A O   1 
ATOM   373  C  CB  . THR A 1 50  ? 6.846   15.308  -2.800  1.00 37.96 ? 50  THR A CB  1 
ATOM   374  O  OG1 . THR A 1 50  ? 6.794   16.418  -1.899  1.00 40.17 ? 50  THR A OG1 1 
ATOM   375  C  CG2 . THR A 1 50  ? 5.448   14.810  -3.094  1.00 38.27 ? 50  THR A CG2 1 
ATOM   376  N  N   . ILE A 1 51  ? 6.999   12.068  -3.083  1.00 37.24 ? 51  ILE A N   1 
ATOM   377  C  CA  . ILE A 1 51  ? 6.357   10.747  -3.155  1.00 34.97 ? 51  ILE A CA  1 
ATOM   378  C  C   . ILE A 1 51  ? 7.124   9.697   -2.360  1.00 33.95 ? 51  ILE A C   1 
ATOM   379  O  O   . ILE A 1 51  ? 6.555   8.982   -1.538  1.00 33.94 ? 51  ILE A O   1 
ATOM   380  C  CB  . ILE A 1 51  ? 6.272   10.269  -4.644  1.00 35.65 ? 51  ILE A CB  1 
ATOM   381  C  CG1 . ILE A 1 51  ? 5.225   11.109  -5.397  1.00 35.65 ? 51  ILE A CG1 1 
ATOM   382  C  CG2 . ILE A 1 51  ? 5.982   8.764   -4.723  1.00 32.39 ? 51  ILE A CG2 1 
ATOM   383  C  CD1 . ILE A 1 51  ? 5.299   11.001  -6.912  1.00 33.44 ? 51  ILE A CD1 1 
ATOM   384  N  N   . GLU A 1 52  ? 8.421   9.613   -2.621  1.00 33.62 ? 52  GLU A N   1 
ATOM   385  C  CA  . GLU A 1 52  ? 9.292   8.651   -1.962  1.00 33.17 ? 52  GLU A CA  1 
ATOM   386  C  C   . GLU A 1 52  ? 9.216   8.690   -0.424  1.00 33.40 ? 52  GLU A C   1 
ATOM   387  O  O   . GLU A 1 52  ? 9.262   7.642   0.220   1.00 33.96 ? 52  GLU A O   1 
ATOM   388  C  CB  . GLU A 1 52  ? 10.725  8.885   -2.431  1.00 30.83 ? 52  GLU A CB  1 
ATOM   389  C  CG  . GLU A 1 52  ? 11.505  7.626   -2.675  1.00 32.01 ? 52  GLU A CG  1 
ATOM   390  C  CD  . GLU A 1 52  ? 12.461  7.783   -3.834  1.00 34.29 ? 52  GLU A CD  1 
ATOM   391  O  OE1 . GLU A 1 52  ? 12.001  8.312   -4.876  1.00 34.30 ? 52  GLU A OE1 1 
ATOM   392  O  OE2 . GLU A 1 52  ? 13.650  7.372   -3.721  1.00 31.88 ? 52  GLU A OE2 1 
ATOM   393  N  N   . LEU A 1 53  ? 9.094   9.882   0.162   1.00 32.62 ? 53  LEU A N   1 
ATOM   394  C  CA  . LEU A 1 53  ? 9.021   9.984   1.615   1.00 32.98 ? 53  LEU A CA  1 
ATOM   395  C  C   . LEU A 1 53  ? 7.621   9.719   2.108   1.00 34.22 ? 53  LEU A C   1 
ATOM   396  O  O   . LEU A 1 53  ? 7.436   9.024   3.106   1.00 36.91 ? 53  LEU A O   1 
ATOM   397  C  CB  . LEU A 1 53  ? 9.454   11.361  2.114   1.00 33.11 ? 53  LEU A CB  1 
ATOM   398  C  CG  . LEU A 1 53  ? 10.934  11.722  2.041   1.00 32.42 ? 53  LEU A CG  1 
ATOM   399  C  CD1 . LEU A 1 53  ? 11.116  13.180  2.419   1.00 31.91 ? 53  LEU A CD1 1 
ATOM   400  C  CD2 . LEU A 1 53  ? 11.722  10.815  2.950   1.00 30.97 ? 53  LEU A CD2 1 
ATOM   401  N  N   . ALA A 1 54  ? 6.621   10.267  1.439   1.00 33.16 ? 54  ALA A N   1 
ATOM   402  C  CA  . ALA A 1 54  ? 5.277   10.007  1.909   1.00 33.45 ? 54  ALA A CA  1 
ATOM   403  C  C   . ALA A 1 54  ? 5.093   8.495   1.904   1.00 35.26 ? 54  ALA A C   1 
ATOM   404  O  O   . ALA A 1 54  ? 4.501   7.942   2.823   1.00 37.85 ? 54  ALA A O   1 
ATOM   405  C  CB  . ALA A 1 54  ? 4.255   10.677  1.015   1.00 32.81 ? 54  ALA A CB  1 
ATOM   406  N  N   . ALA A 1 55  ? 5.628   7.821   0.887   1.00 36.14 ? 55  ALA A N   1 
ATOM   407  C  CA  . ALA A 1 55  ? 5.508   6.366   0.795   1.00 36.81 ? 55  ALA A CA  1 
ATOM   408  C  C   . ALA A 1 55  ? 6.187   5.661   1.960   1.00 37.82 ? 55  ALA A C   1 
ATOM   409  O  O   . ALA A 1 55  ? 5.649   4.707   2.512   1.00 39.00 ? 55  ALA A O   1 
ATOM   410  C  CB  . ALA A 1 55  ? 6.104   5.869   -0.504  1.00 36.43 ? 55  ALA A CB  1 
ATOM   411  N  N   . LEU A 1 56  ? 7.381   6.122   2.315   1.00 38.29 ? 56  LEU A N   1 
ATOM   412  C  CA  . LEU A 1 56  ? 8.112   5.521   3.410   1.00 38.79 ? 56  LEU A CA  1 
ATOM   413  C  C   . LEU A 1 56  ? 7.519   5.822   4.787   1.00 41.41 ? 56  LEU A C   1 
ATOM   414  O  O   . LEU A 1 56  ? 7.708   5.034   5.712   1.00 42.85 ? 56  LEU A O   1 
ATOM   415  C  CB  . LEU A 1 56  ? 9.570   5.957   3.371   1.00 35.29 ? 56  LEU A CB  1 
ATOM   416  C  CG  . LEU A 1 56  ? 10.396  5.346   2.248   1.00 34.42 ? 56  LEU A CG  1 
ATOM   417  C  CD1 . LEU A 1 56  ? 11.847  5.739   2.447   1.00 34.97 ? 56  LEU A CD1 1 
ATOM   418  C  CD2 . LEU A 1 56  ? 10.277  3.829   2.260   1.00 34.36 ? 56  LEU A CD2 1 
ATOM   419  N  N   . PHE A 1 57  ? 6.807   6.942   4.929   1.00 42.73 ? 57  PHE A N   1 
ATOM   420  C  CA  . PHE A 1 57  ? 6.204   7.298   6.216   1.00 45.31 ? 57  PHE A CA  1 
ATOM   421  C  C   . PHE A 1 57  ? 4.698   7.055   6.253   1.00 48.60 ? 57  PHE A C   1 
ATOM   422  O  O   . PHE A 1 57  ? 4.068   7.284   7.281   1.00 50.12 ? 57  PHE A O   1 
ATOM   423  C  CB  . PHE A 1 57  ? 6.440   8.781   6.572   1.00 43.02 ? 57  PHE A CB  1 
ATOM   424  C  CG  . PHE A 1 57  ? 7.888   9.173   6.689   1.00 40.85 ? 57  PHE A CG  1 
ATOM   425  C  CD1 . PHE A 1 57  ? 8.845   8.259   7.095   1.00 38.84 ? 57  PHE A CD1 1 
ATOM   426  C  CD2 . PHE A 1 57  ? 8.292   10.476  6.395   1.00 40.82 ? 57  PHE A CD2 1 
ATOM   427  C  CE1 . PHE A 1 57  ? 10.189  8.638   7.203   1.00 39.82 ? 57  PHE A CE1 1 
ATOM   428  C  CE2 . PHE A 1 57  ? 9.636   10.862  6.501   1.00 40.19 ? 57  PHE A CE2 1 
ATOM   429  C  CZ  . PHE A 1 57  ? 10.584  9.942   6.903   1.00 39.50 ? 57  PHE A CZ  1 
ATOM   430  N  N   . HIS A 1 58  ? 4.118   6.592   5.150   1.00 51.75 ? 58  HIS A N   1 
ATOM   431  C  CA  . HIS A 1 58  ? 2.672   6.379   5.098   1.00 54.67 ? 58  HIS A CA  1 
ATOM   432  C  C   . HIS A 1 58  ? 2.158   5.466   6.192   1.00 56.91 ? 58  HIS A C   1 
ATOM   433  O  O   . HIS A 1 58  ? 0.972   5.479   6.516   1.00 56.53 ? 58  HIS A O   1 
ATOM   434  C  CB  . HIS A 1 58  ? 2.256   5.815   3.731   1.00 56.30 ? 58  HIS A CB  1 
ATOM   435  C  CG  . HIS A 1 58  ? 2.398   4.325   3.599   1.00 57.70 ? 58  HIS A CG  1 
ATOM   436  N  ND1 . HIS A 1 58  ? 3.615   3.678   3.635   1.00 58.10 ? 58  HIS A ND1 1 
ATOM   437  C  CD2 . HIS A 1 58  ? 1.469   3.360   3.394   1.00 57.52 ? 58  HIS A CD2 1 
ATOM   438  C  CE1 . HIS A 1 58  ? 3.432   2.382   3.453   1.00 57.93 ? 58  HIS A CE1 1 
ATOM   439  N  NE2 . HIS A 1 58  ? 2.139   2.162   3.305   1.00 58.43 ? 58  HIS A NE2 1 
ATOM   440  N  N   . ASP A 1 59  ? 3.064   4.691   6.772   1.00 60.37 ? 59  ASP A N   1 
ATOM   441  C  CA  . ASP A 1 59  ? 2.692   3.737   7.802   1.00 64.22 ? 59  ASP A CA  1 
ATOM   442  C  C   . ASP A 1 59  ? 3.460   3.952   9.092   1.00 65.34 ? 59  ASP A C   1 
ATOM   443  O  O   . ASP A 1 59  ? 4.151   3.054   9.566   1.00 65.77 ? 59  ASP A O   1 
ATOM   444  C  CB  . ASP A 1 59  ? 2.954   2.323   7.291   1.00 67.02 ? 59  ASP A CB  1 
ATOM   445  C  CG  . ASP A 1 59  ? 1.786   1.403   7.518   1.00 69.38 ? 59  ASP A CG  1 
ATOM   446  O  OD1 . ASP A 1 59  ? 1.278   1.372   8.666   1.00 70.77 ? 59  ASP A OD1 1 
ATOM   447  O  OD2 . ASP A 1 59  ? 1.390   0.712   6.548   1.00 69.97 ? 59  ASP A OD2 1 
ATOM   448  N  N   . TYR A 1 60  ? 3.333   5.137   9.663   1.00 66.92 ? 60  TYR A N   1 
ATOM   449  C  CA  . TYR A 1 60  ? 4.036   5.446   10.894  1.00 68.21 ? 60  TYR A CA  1 
ATOM   450  C  C   . TYR A 1 60  ? 3.045   6.053   11.866  1.00 70.51 ? 60  TYR A C   1 
ATOM   451  O  O   . TYR A 1 60  ? 3.229   6.019   13.085  1.00 69.98 ? 60  TYR A O   1 
ATOM   452  C  CB  . TYR A 1 60  ? 5.155   6.439   10.604  1.00 66.59 ? 60  TYR A CB  1 
ATOM   453  C  CG  . TYR A 1 60  ? 5.971   6.803   11.811  1.00 64.58 ? 60  TYR A CG  1 
ATOM   454  C  CD1 . TYR A 1 60  ? 7.028   5.999   12.235  1.00 62.63 ? 60  TYR A CD1 1 
ATOM   455  C  CD2 . TYR A 1 60  ? 5.662   7.940   12.557  1.00 63.83 ? 60  TYR A CD2 1 
ATOM   456  C  CE1 . TYR A 1 60  ? 7.754   6.322   13.374  1.00 62.51 ? 60  TYR A CE1 1 
ATOM   457  C  CE2 . TYR A 1 60  ? 6.376   8.271   13.695  1.00 62.78 ? 60  TYR A CE2 1 
ATOM   458  C  CZ  . TYR A 1 60  ? 7.419   7.460   14.100  1.00 62.76 ? 60  TYR A CZ  1 
ATOM   459  O  OH  . TYR A 1 60  ? 8.112   7.795   15.234  1.00 62.42 ? 60  TYR A OH  1 
ATOM   460  N  N   . SER A 1 61  ? 1.981   6.605   11.297  1.00 73.91 ? 61  SER A N   1 
ATOM   461  C  CA  . SER A 1 61  ? 0.929   7.239   12.072  1.00 76.32 ? 61  SER A CA  1 
ATOM   462  C  C   . SER A 1 61  ? -0.001  6.210   12.729  1.00 77.82 ? 61  SER A C   1 
ATOM   463  O  O   . SER A 1 61  ? -1.190  6.133   12.407  1.00 78.60 ? 61  SER A O   1 
ATOM   464  C  CB  . SER A 1 61  ? 0.145   8.188   11.159  1.00 75.60 ? 61  SER A CB  1 
ATOM   465  O  OG  . SER A 1 61  ? 1.043   9.048   10.465  1.00 73.64 ? 61  SER A OG  1 
ATOM   466  N  N   . ASP A 1 62  ? 0.559   5.422   13.648  1.00 79.39 ? 62  ASP A N   1 
ATOM   467  C  CA  . ASP A 1 62  ? -0.193  4.399   14.382  1.00 81.01 ? 62  ASP A CA  1 
ATOM   468  C  C   . ASP A 1 62  ? 0.643   3.751   15.493  1.00 80.30 ? 62  ASP A C   1 
ATOM   469  O  O   . ASP A 1 62  ? 1.107   4.420   16.413  1.00 78.92 ? 62  ASP A O   1 
ATOM   470  C  CB  . ASP A 1 62  ? -0.696  3.307   13.428  1.00 83.26 ? 62  ASP A CB  1 
ATOM   471  C  CG  . ASP A 1 62  ? 0.439   2.569   12.723  1.00 85.24 ? 62  ASP A CG  1 
ATOM   472  O  OD1 . ASP A 1 62  ? 1.146   3.208   11.907  1.00 86.12 ? 62  ASP A OD1 1 
ATOM   473  O  OD2 . ASP A 1 62  ? 0.619   1.353   12.984  1.00 85.16 ? 62  ASP A OD2 1 
ATOM   474  N  N   . GLN A 1 70  ? -1.313  11.638  17.275  1.00 79.56 ? 70  GLN A N   1 
ATOM   475  C  CA  . GLN A 1 70  ? -0.904  12.839  16.561  1.00 80.17 ? 70  GLN A CA  1 
ATOM   476  C  C   . GLN A 1 70  ? 0.546   13.208  16.880  1.00 80.32 ? 70  GLN A C   1 
ATOM   477  O  O   . GLN A 1 70  ? 1.136   14.080  16.233  1.00 80.82 ? 70  GLN A O   1 
ATOM   478  C  CB  . GLN A 1 70  ? -1.827  14.011  16.914  1.00 80.48 ? 70  GLN A CB  1 
ATOM   479  C  CG  . GLN A 1 70  ? -1.452  15.321  16.226  1.00 82.02 ? 70  GLN A CG  1 
ATOM   480  C  CD  . GLN A 1 70  ? -2.466  16.430  16.464  1.00 83.78 ? 70  GLN A CD  1 
ATOM   481  O  OE1 . GLN A 1 70  ? -2.776  16.778  17.610  1.00 83.55 ? 70  GLN A OE1 1 
ATOM   482  N  NE2 . GLN A 1 70  ? -2.983  17.001  15.375  1.00 83.80 ? 70  GLN A NE2 1 
ATOM   483  N  N   . GLU A 1 71  ? 1.116   12.547  17.884  1.00 79.23 ? 71  GLU A N   1 
ATOM   484  C  CA  . GLU A 1 71  ? 2.501   12.801  18.275  1.00 77.49 ? 71  GLU A CA  1 
ATOM   485  C  C   . GLU A 1 71  ? 3.411   12.248  17.182  1.00 75.18 ? 71  GLU A C   1 
ATOM   486  O  O   . GLU A 1 71  ? 4.407   12.871  16.809  1.00 75.11 ? 71  GLU A O   1 
ATOM   487  C  CB  . GLU A 1 71  ? 2.816   12.120  19.615  1.00 79.16 ? 71  GLU A CB  1 
ATOM   488  C  CG  . GLU A 1 71  ? 4.283   12.194  20.027  1.00 82.41 ? 71  GLU A CG  1 
ATOM   489  C  CD  . GLU A 1 71  ? 4.570   11.508  21.354  1.00 84.45 ? 71  GLU A CD  1 
ATOM   490  O  OE1 . GLU A 1 71  ? 4.148   12.036  22.409  1.00 86.32 ? 71  GLU A OE1 1 
ATOM   491  O  OE2 . GLU A 1 71  ? 5.216   10.433  21.344  1.00 84.81 ? 71  GLU A OE2 1 
ATOM   492  N  N   . ALA A 1 72  ? 3.049   11.077  16.671  1.00 72.49 ? 72  ALA A N   1 
ATOM   493  C  CA  . ALA A 1 72  ? 3.811   10.436  15.610  1.00 69.72 ? 72  ALA A CA  1 
ATOM   494  C  C   . ALA A 1 72  ? 3.961   11.433  14.471  1.00 67.72 ? 72  ALA A C   1 
ATOM   495  O  O   . ALA A 1 72  ? 5.055   11.654  13.961  1.00 67.04 ? 72  ALA A O   1 
ATOM   496  C  CB  . ALA A 1 72  ? 3.082   9.189   15.124  1.00 69.28 ? 72  ALA A CB  1 
ATOM   497  N  N   . THR A 1 73  ? 2.846   12.033  14.080  1.00 66.07 ? 73  THR A N   1 
ATOM   498  C  CA  . THR A 1 73  ? 2.854   13.015  13.007  1.00 65.05 ? 73  THR A CA  1 
ATOM   499  C  C   . THR A 1 73  ? 3.812   14.148  13.337  1.00 64.48 ? 73  THR A C   1 
ATOM   500  O  O   . THR A 1 73  ? 4.621   14.570  12.505  1.00 65.30 ? 73  THR A O   1 
ATOM   501  C  CB  . THR A 1 73  ? 1.471   13.625  12.811  1.00 64.44 ? 73  THR A CB  1 
ATOM   502  O  OG1 . THR A 1 73  ? 0.523   12.573  12.611  1.00 65.18 ? 73  THR A OG1 1 
ATOM   503  C  CG2 . THR A 1 73  ? 1.471   14.554  11.609  1.00 61.82 ? 73  THR A CG2 1 
ATOM   504  N  N   . LYS A 1 74  ? 3.714   14.648  14.561  1.00 62.55 ? 74  LYS A N   1 
ATOM   505  C  CA  . LYS A 1 74  ? 4.568   15.739  14.972  1.00 60.84 ? 74  LYS A CA  1 
ATOM   506  C  C   . LYS A 1 74  ? 6.031   15.289  14.979  1.00 59.39 ? 74  LYS A C   1 
ATOM   507  O  O   . LYS A 1 74  ? 6.938   16.100  14.779  1.00 60.88 ? 74  LYS A O   1 
ATOM   508  C  CB  . LYS A 1 74  ? 4.137   16.255  16.347  1.00 62.14 ? 74  LYS A CB  1 
ATOM   509  C  CG  . LYS A 1 74  ? 4.532   17.707  16.579  1.00 63.67 ? 74  LYS A CG  1 
ATOM   510  C  CD  . LYS A 1 74  ? 3.919   18.290  17.844  1.00 64.98 ? 74  LYS A CD  1 
ATOM   511  C  CE  . LYS A 1 74  ? 2.413   18.491  17.731  1.00 63.41 ? 74  LYS A CE  1 
ATOM   512  N  NZ  . LYS A 1 74  ? 1.942   19.287  18.904  1.00 62.52 ? 74  LYS A NZ  1 
ATOM   513  N  N   . THR A 1 75  ? 6.262   13.997  15.189  1.00 56.16 ? 75  THR A N   1 
ATOM   514  C  CA  . THR A 1 75  ? 7.623   13.459  15.196  1.00 52.95 ? 75  THR A CA  1 
ATOM   515  C  C   . THR A 1 75  ? 8.226   13.510  13.793  1.00 51.38 ? 75  THR A C   1 
ATOM   516  O  O   . THR A 1 75  ? 9.394   13.867  13.613  1.00 50.50 ? 75  THR A O   1 
ATOM   517  C  CB  . THR A 1 75  ? 7.635   12.010  15.685  1.00 52.36 ? 75  THR A CB  1 
ATOM   518  O  OG1 . THR A 1 75  ? 7.149   11.965  17.031  1.00 51.90 ? 75  THR A OG1 1 
ATOM   519  C  CG2 . THR A 1 75  ? 9.045   11.440  15.635  1.00 50.72 ? 75  THR A CG2 1 
ATOM   520  N  N   . LEU A 1 76  ? 7.420   13.142  12.803  1.00 49.45 ? 76  LEU A N   1 
ATOM   521  C  CA  . LEU A 1 76  ? 7.871   13.173  11.423  1.00 48.39 ? 76  LEU A CA  1 
ATOM   522  C  C   . LEU A 1 76  ? 8.215   14.611  11.042  1.00 48.00 ? 76  LEU A C   1 
ATOM   523  O  O   . LEU A 1 76  ? 9.317   14.888  10.550  1.00 46.56 ? 76  LEU A O   1 
ATOM   524  C  CB  . LEU A 1 76  ? 6.787   12.631  10.477  1.00 47.27 ? 76  LEU A CB  1 
ATOM   525  C  CG  . LEU A 1 76  ? 6.540   11.117  10.448  1.00 45.66 ? 76  LEU A CG  1 
ATOM   526  C  CD1 . LEU A 1 76  ? 5.393   10.780  9.502   1.00 44.63 ? 76  LEU A CD1 1 
ATOM   527  C  CD2 . LEU A 1 76  ? 7.809   10.410  10.011  1.00 44.97 ? 76  LEU A CD2 1 
ATOM   528  N  N   . ILE A 1 77  ? 7.280   15.531  11.274  1.00 47.13 ? 77  ILE A N   1 
ATOM   529  C  CA  . ILE A 1 77  ? 7.533   16.924  10.929  1.00 47.25 ? 77  ILE A CA  1 
ATOM   530  C  C   . ILE A 1 77  ? 8.892   17.332  11.483  1.00 48.66 ? 77  ILE A C   1 
ATOM   531  O  O   . ILE A 1 77  ? 9.736   17.879  10.768  1.00 49.44 ? 77  ILE A O   1 
ATOM   532  C  CB  . ILE A 1 77  ? 6.454   17.861  11.489  1.00 44.12 ? 77  ILE A CB  1 
ATOM   533  C  CG1 . ILE A 1 77  ? 5.076   17.342  11.088  1.00 41.99 ? 77  ILE A CG1 1 
ATOM   534  C  CG2 . ILE A 1 77  ? 6.661   19.260  10.930  1.00 42.72 ? 77  ILE A CG2 1 
ATOM   535  C  CD1 . ILE A 1 77  ? 3.921   18.212  11.512  1.00 39.46 ? 77  ILE A CD1 1 
ATOM   536  N  N   . ASN A 1 78  ? 9.103   17.038  12.757  1.00 48.85 ? 78  ASN A N   1 
ATOM   537  C  CA  . ASN A 1 78  ? 10.360  17.349  13.408  1.00 49.53 ? 78  ASN A CA  1 
ATOM   538  C  C   . ASN A 1 78  ? 11.535  16.782  12.632  1.00 49.29 ? 78  ASN A C   1 
ATOM   539  O  O   . ASN A 1 78  ? 12.432  17.511  12.209  1.00 47.91 ? 78  ASN A O   1 
ATOM   540  C  CB  . ASN A 1 78  ? 10.356  16.774  14.814  1.00 50.64 ? 78  ASN A CB  1 
ATOM   541  C  CG  . ASN A 1 78  ? 10.478  17.837  15.851  1.00 51.14 ? 78  ASN A CG  1 
ATOM   542  O  OD1 . ASN A 1 78  ? 11.584  18.256  16.189  1.00 50.46 ? 78  ASN A OD1 1 
ATOM   543  N  ND2 . ASN A 1 78  ? 9.335   18.318  16.344  1.00 50.98 ? 78  ASN A ND2 1 
ATOM   544  N  N   . TRP A 1 79  ? 11.519  15.468  12.450  1.00 50.46 ? 79  TRP A N   1 
ATOM   545  C  CA  . TRP A 1 79  ? 12.580  14.798  11.725  1.00 51.51 ? 79  TRP A CA  1 
ATOM   546  C  C   . TRP A 1 79  ? 12.778  15.498  10.379  1.00 52.93 ? 79  TRP A C   1 
ATOM   547  O  O   . TRP A 1 79  ? 13.903  15.640  9.908   1.00 53.92 ? 79  TRP A O   1 
ATOM   548  C  CB  . TRP A 1 79  ? 12.215  13.326  11.501  1.00 50.63 ? 79  TRP A CB  1 
ATOM   549  C  CG  . TRP A 1 79  ? 13.310  12.522  10.873  1.00 48.96 ? 79  TRP A CG  1 
ATOM   550  C  CD1 . TRP A 1 79  ? 14.309  11.859  11.516  1.00 48.36 ? 79  TRP A CD1 1 
ATOM   551  C  CD2 . TRP A 1 79  ? 13.555  12.359  9.472   1.00 48.53 ? 79  TRP A CD2 1 
ATOM   552  N  NE1 . TRP A 1 79  ? 15.168  11.294  10.602  1.00 49.85 ? 79  TRP A NE1 1 
ATOM   553  C  CE2 . TRP A 1 79  ? 14.727  11.589  9.339   1.00 49.06 ? 79  TRP A CE2 1 
ATOM   554  C  CE3 . TRP A 1 79  ? 12.896  12.793  8.317   1.00 47.59 ? 79  TRP A CE3 1 
ATOM   555  C  CZ2 . TRP A 1 79  ? 15.260  11.244  8.087   1.00 48.63 ? 79  TRP A CZ2 1 
ATOM   556  C  CZ3 . TRP A 1 79  ? 13.425  12.451  7.075   1.00 47.66 ? 79  TRP A CZ3 1 
ATOM   557  C  CH2 . TRP A 1 79  ? 14.594  11.686  6.971   1.00 46.91 ? 79  TRP A CH2 1 
HETATM 558  N  N   . MSE A 1 80  ? 11.692  15.959  9.768   1.00 54.02 ? 80  MSE A N   1 
HETATM 559  C  CA  . MSE A 1 80  ? 11.806  16.616  8.470   1.00 56.14 ? 80  MSE A CA  1 
HETATM 560  C  C   . MSE A 1 80  ? 12.309  18.055  8.503   1.00 56.35 ? 80  MSE A C   1 
HETATM 561  O  O   . MSE A 1 80  ? 13.029  18.491  7.595   1.00 56.44 ? 80  MSE A O   1 
HETATM 562  C  CB  . MSE A 1 80  ? 10.477  16.567  7.727   1.00 57.42 ? 80  MSE A CB  1 
HETATM 563  C  CG  . MSE A 1 80  ? 10.107  15.194  7.236   1.00 59.37 ? 80  MSE A CG  1 
HETATM 564  SE SE  . MSE A 1 80  ? 8.637   15.254  6.004   1.00 62.48 ? 80  MSE A SE  1 
HETATM 565  C  CE  . MSE A 1 80  ? 7.161   15.093  7.229   1.00 60.67 ? 80  MSE A CE  1 
ATOM   566  N  N   . GLU A 1 81  ? 11.912  18.806  9.525   1.00 55.91 ? 81  GLU A N   1 
ATOM   567  C  CA  . GLU A 1 81  ? 12.372  20.181  9.642   1.00 54.28 ? 81  GLU A CA  1 
ATOM   568  C  C   . GLU A 1 81  ? 13.865  20.091  9.922   1.00 54.05 ? 81  GLU A C   1 
ATOM   569  O  O   . GLU A 1 81  ? 14.656  20.845  9.362   1.00 54.12 ? 81  GLU A O   1 
ATOM   570  C  CB  . GLU A 1 81  ? 11.646  20.899  10.778  1.00 51.88 ? 81  GLU A CB  1 
ATOM   571  C  CG  . GLU A 1 81  ? 10.145  20.968  10.581  1.00 52.53 ? 81  GLU A CG  1 
ATOM   572  C  CD  . GLU A 1 81  ? 9.444   21.745  11.681  1.00 53.63 ? 81  GLU A CD  1 
ATOM   573  O  OE1 . GLU A 1 81  ? 9.740   21.482  12.870  1.00 54.83 ? 81  GLU A OE1 1 
ATOM   574  O  OE2 . GLU A 1 81  ? 8.587   22.610  11.368  1.00 52.47 ? 81  GLU A OE2 1 
ATOM   575  N  N   . THR A 1 82  ? 14.246  19.133  10.761  1.00 53.57 ? 82  THR A N   1 
ATOM   576  C  CA  . THR A 1 82  ? 15.648  18.937  11.095  1.00 55.15 ? 82  THR A CA  1 
ATOM   577  C  C   . THR A 1 82  ? 16.475  18.647  9.845   1.00 54.80 ? 82  THR A C   1 
ATOM   578  O  O   . THR A 1 82  ? 17.682  18.882  9.820   1.00 55.11 ? 82  THR A O   1 
ATOM   579  C  CB  . THR A 1 82  ? 15.836  17.768  12.074  1.00 56.49 ? 82  THR A CB  1 
ATOM   580  O  OG1 . THR A 1 82  ? 15.082  18.015  13.267  1.00 57.88 ? 82  THR A OG1 1 
ATOM   581  C  CG2 . THR A 1 82  ? 17.307  17.608  12.430  1.00 56.68 ? 82  THR A CG2 1 
ATOM   582  N  N   . LYS A 1 83  ? 15.834  18.123  8.810   1.00 54.51 ? 83  LYS A N   1 
ATOM   583  C  CA  . LYS A 1 83  ? 16.543  17.827  7.573   1.00 53.98 ? 83  LYS A CA  1 
ATOM   584  C  C   . LYS A 1 83  ? 16.511  19.049  6.671   1.00 54.18 ? 83  LYS A C   1 
ATOM   585  O  O   . LYS A 1 83  ? 17.026  19.025  5.554   1.00 55.30 ? 83  LYS A O   1 
ATOM   586  C  CB  . LYS A 1 83  ? 15.911  16.630  6.865   1.00 53.20 ? 83  LYS A CB  1 
ATOM   587  C  CG  . LYS A 1 83  ? 16.239  15.304  7.515   1.00 51.49 ? 83  LYS A CG  1 
ATOM   588  C  CD  . LYS A 1 83  ? 17.732  15.037  7.446   1.00 50.78 ? 83  LYS A CD  1 
ATOM   589  C  CE  . LYS A 1 83  ? 18.088  13.699  8.068   1.00 48.72 ? 83  LYS A CE  1 
ATOM   590  N  NZ  . LYS A 1 83  ? 17.608  13.615  9.463   1.00 46.59 ? 83  LYS A NZ  1 
ATOM   591  N  N   . GLU A 1 84  ? 15.896  20.119  7.162   1.00 53.05 ? 84  GLU A N   1 
ATOM   592  C  CA  . GLU A 1 84  ? 15.822  21.358  6.410   1.00 52.03 ? 84  GLU A CA  1 
ATOM   593  C  C   . GLU A 1 84  ? 14.946  21.241  5.173   1.00 50.33 ? 84  GLU A C   1 
ATOM   594  O  O   . GLU A 1 84  ? 15.245  21.834  4.138   1.00 50.38 ? 84  GLU A O   1 
ATOM   595  C  CB  . GLU A 1 84  ? 17.222  21.803  5.978   1.00 54.16 ? 84  GLU A CB  1 
ATOM   596  C  CG  . GLU A 1 84  ? 18.189  22.120  7.104   1.00 56.56 ? 84  GLU A CG  1 
ATOM   597  C  CD  . GLU A 1 84  ? 19.611  22.265  6.602   1.00 58.88 ? 84  GLU A CD  1 
ATOM   598  O  OE1 . GLU A 1 84  ? 19.839  23.135  5.731   1.00 60.35 ? 84  GLU A OE1 1 
ATOM   599  O  OE2 . GLU A 1 84  ? 20.497  21.506  7.073   1.00 59.33 ? 84  GLU A OE2 1 
ATOM   600  N  N   . ILE A 1 85  ? 13.876  20.465  5.257   1.00 48.85 ? 85  ILE A N   1 
ATOM   601  C  CA  . ILE A 1 85  ? 12.990  20.353  4.110   1.00 47.50 ? 85  ILE A CA  1 
ATOM   602  C  C   . ILE A 1 85  ? 12.038  21.541  4.212   1.00 47.26 ? 85  ILE A C   1 
ATOM   603  O  O   . ILE A 1 85  ? 11.379  21.717  5.228   1.00 46.82 ? 85  ILE A O   1 
ATOM   604  C  CB  . ILE A 1 85  ? 12.165  19.050  4.151   1.00 47.54 ? 85  ILE A CB  1 
ATOM   605  C  CG1 . ILE A 1 85  ? 13.093  17.833  4.157   1.00 48.21 ? 85  ILE A CG1 1 
ATOM   606  C  CG2 . ILE A 1 85  ? 11.246  18.990  2.955   1.00 46.94 ? 85  ILE A CG2 1 
ATOM   607  C  CD1 . ILE A 1 85  ? 12.369  16.510  4.325   1.00 48.54 ? 85  ILE A CD1 1 
ATOM   608  N  N   . PRO A 1 86  ? 11.974  22.388  3.175   1.00 47.25 ? 86  PRO A N   1 
ATOM   609  C  CA  . PRO A 1 86  ? 11.078  23.553  3.200   1.00 47.45 ? 86  PRO A CA  1 
ATOM   610  C  C   . PRO A 1 86  ? 9.753   23.141  3.828   1.00 49.15 ? 86  PRO A C   1 
ATOM   611  O  O   . PRO A 1 86  ? 9.270   22.043  3.556   1.00 50.43 ? 86  PRO A O   1 
ATOM   612  C  CB  . PRO A 1 86  ? 10.928  23.896  1.725   1.00 46.77 ? 86  PRO A CB  1 
ATOM   613  C  CG  . PRO A 1 86  ? 12.292  23.572  1.185   1.00 46.42 ? 86  PRO A CG  1 
ATOM   614  C  CD  . PRO A 1 86  ? 12.629  22.252  1.862   1.00 46.79 ? 86  PRO A CD  1 
ATOM   615  N  N   . SER A 1 87  ? 9.162   23.995  4.662   1.00 50.46 ? 87  SER A N   1 
ATOM   616  C  CA  . SER A 1 87  ? 7.899   23.637  5.318   1.00 51.80 ? 87  SER A CA  1 
ATOM   617  C  C   . SER A 1 87  ? 6.800   23.391  4.298   1.00 53.42 ? 87  SER A C   1 
ATOM   618  O  O   . SER A 1 87  ? 5.734   22.870  4.629   1.00 53.74 ? 87  SER A O   1 
ATOM   619  C  CB  . SER A 1 87  ? 7.437   24.735  6.272   1.00 50.61 ? 87  SER A CB  1 
ATOM   620  O  OG  . SER A 1 87  ? 6.651   25.690  5.578   1.00 49.24 ? 87  SER A OG  1 
ATOM   621  N  N   . GLU A 1 88  ? 7.061   23.777  3.056   1.00 55.68 ? 88  GLU A N   1 
ATOM   622  C  CA  . GLU A 1 88  ? 6.081   23.587  2.003   1.00 58.05 ? 88  GLU A CA  1 
ATOM   623  C  C   . GLU A 1 88  ? 6.008   22.112  1.593   1.00 56.71 ? 88  GLU A C   1 
ATOM   624  O  O   . GLU A 1 88  ? 4.923   21.577  1.368   1.00 56.63 ? 88  GLU A O   1 
ATOM   625  C  CB  . GLU A 1 88  ? 6.428   24.464  0.796   1.00 62.18 ? 88  GLU A CB  1 
ATOM   626  C  CG  . GLU A 1 88  ? 5.345   24.447  -0.268  1.00 68.18 ? 88  GLU A CG  1 
ATOM   627  C  CD  . GLU A 1 88  ? 3.965   24.659  0.341   1.00 72.10 ? 88  GLU A CD  1 
ATOM   628  O  OE1 . GLU A 1 88  ? 3.655   25.811  0.740   1.00 73.42 ? 88  GLU A OE1 1 
ATOM   629  O  OE2 . GLU A 1 88  ? 3.202   23.666  0.440   1.00 73.56 ? 88  GLU A OE2 1 
ATOM   630  N  N   . LEU A 1 89  ? 7.165   21.466  1.501   1.00 55.34 ? 89  LEU A N   1 
ATOM   631  C  CA  . LEU A 1 89  ? 7.231   20.056  1.143   1.00 54.31 ? 89  LEU A CA  1 
ATOM   632  C  C   . LEU A 1 89  ? 6.664   19.209  2.278   1.00 54.02 ? 89  LEU A C   1 
ATOM   633  O  O   . LEU A 1 89  ? 5.902   18.272  2.034   1.00 53.70 ? 89  LEU A O   1 
ATOM   634  C  CB  . LEU A 1 89  ? 8.677   19.645  0.865   1.00 54.84 ? 89  LEU A CB  1 
ATOM   635  C  CG  . LEU A 1 89  ? 9.235   20.066  -0.492  1.00 55.82 ? 89  LEU A CG  1 
ATOM   636  C  CD1 . LEU A 1 89  ? 8.505   19.323  -1.599  1.00 57.14 ? 89  LEU A CD1 1 
ATOM   637  C  CD2 . LEU A 1 89  ? 9.073   21.570  -0.670  1.00 56.70 ? 89  LEU A CD2 1 
ATOM   638  N  N   . ILE A 1 90  ? 7.041   19.540  3.514   1.00 53.24 ? 90  ILE A N   1 
ATOM   639  C  CA  . ILE A 1 90  ? 6.564   18.817  4.692   1.00 51.35 ? 90  ILE A CA  1 
ATOM   640  C  C   . ILE A 1 90  ? 5.044   18.803  4.644   1.00 52.45 ? 90  ILE A C   1 
ATOM   641  O  O   . ILE A 1 90  ? 4.399   17.789  4.922   1.00 53.63 ? 90  ILE A O   1 
ATOM   642  C  CB  . ILE A 1 90  ? 6.940   19.519  6.014   1.00 50.25 ? 90  ILE A CB  1 
ATOM   643  C  CG1 . ILE A 1 90  ? 8.362   20.079  5.956   1.00 48.91 ? 90  ILE A CG1 1 
ATOM   644  C  CG2 . ILE A 1 90  ? 6.785   18.542  7.164   1.00 49.64 ? 90  ILE A CG2 1 
ATOM   645  C  CD1 . ILE A 1 90  ? 9.441   19.056  6.057   1.00 49.84 ? 90  ILE A CD1 1 
ATOM   646  N  N   . LYS A 1 91  ? 4.474   19.947  4.290   1.00 52.30 ? 91  LYS A N   1 
ATOM   647  C  CA  . LYS A 1 91  ? 3.027   20.067  4.217   1.00 53.05 ? 91  LYS A CA  1 
ATOM   648  C  C   . LYS A 1 91  ? 2.467   19.034  3.234   1.00 52.38 ? 91  LYS A C   1 
ATOM   649  O  O   . LYS A 1 91  ? 1.601   18.232  3.594   1.00 50.53 ? 91  LYS A O   1 
ATOM   650  C  CB  . LYS A 1 91  ? 2.649   21.494  3.802   1.00 55.02 ? 91  LYS A CB  1 
ATOM   651  C  CG  . LYS A 1 91  ? 1.524   22.105  4.638   1.00 56.45 ? 91  LYS A CG  1 
ATOM   652  C  CD  . LYS A 1 91  ? 1.662   23.627  4.721   1.00 59.64 ? 91  LYS A CD  1 
ATOM   653  C  CE  . LYS A 1 91  ? 2.929   24.024  5.501   1.00 61.08 ? 91  LYS A CE  1 
ATOM   654  N  NZ  . LYS A 1 91  ? 3.148   25.502  5.606   1.00 60.66 ? 91  LYS A NZ  1 
ATOM   655  N  N   . LYS A 1 92  ? 2.986   19.041  2.005   1.00 51.75 ? 92  LYS A N   1 
ATOM   656  C  CA  . LYS A 1 92  ? 2.540   18.103  0.976   1.00 51.70 ? 92  LYS A CA  1 
ATOM   657  C  C   . LYS A 1 92  ? 2.709   16.643  1.415   1.00 51.32 ? 92  LYS A C   1 
ATOM   658  O  O   . LYS A 1 92  ? 1.765   15.845  1.346   1.00 50.82 ? 92  LYS A O   1 
ATOM   659  C  CB  . LYS A 1 92  ? 3.308   18.330  -0.330  1.00 52.20 ? 92  LYS A CB  1 
ATOM   660  C  CG  . LYS A 1 92  ? 2.992   19.632  -1.044  1.00 54.46 ? 92  LYS A CG  1 
ATOM   661  C  CD  . LYS A 1 92  ? 3.437   19.574  -2.512  1.00 56.22 ? 92  LYS A CD  1 
ATOM   662  C  CE  . LYS A 1 92  ? 3.072   20.851  -3.270  1.00 55.40 ? 92  LYS A CE  1 
ATOM   663  N  NZ  . LYS A 1 92  ? 3.837   22.026  -2.756  1.00 55.65 ? 92  LYS A NZ  1 
ATOM   664  N  N   . ILE A 1 93  ? 3.916   16.304  1.862   1.00 50.44 ? 93  ILE A N   1 
ATOM   665  C  CA  . ILE A 1 93  ? 4.219   14.954  2.317   1.00 50.20 ? 93  ILE A CA  1 
ATOM   666  C  C   . ILE A 1 93  ? 3.196   14.497  3.359   1.00 51.12 ? 93  ILE A C   1 
ATOM   667  O  O   . ILE A 1 93  ? 2.670   13.384  3.280   1.00 51.72 ? 93  ILE A O   1 
ATOM   668  C  CB  . ILE A 1 93  ? 5.659   14.879  2.895   1.00 48.45 ? 93  ILE A CB  1 
ATOM   669  C  CG1 . ILE A 1 93  ? 6.668   15.021  1.758   1.00 46.53 ? 93  ILE A CG1 1 
ATOM   670  C  CG2 . ILE A 1 93  ? 5.883   13.561  3.622   1.00 46.78 ? 93  ILE A CG2 1 
ATOM   671  C  CD1 . ILE A 1 93  ? 8.098   15.021  2.207   1.00 46.11 ? 93  ILE A CD1 1 
ATOM   672  N  N   . ILE A 1 94  ? 2.893   15.352  4.326   1.00 50.92 ? 94  ILE A N   1 
ATOM   673  C  CA  . ILE A 1 94  ? 1.914   14.965  5.326   1.00 51.03 ? 94  ILE A CA  1 
ATOM   674  C  C   . ILE A 1 94  ? 0.516   14.853  4.725   1.00 52.02 ? 94  ILE A C   1 
ATOM   675  O  O   . ILE A 1 94  ? -0.205  13.897  5.012   1.00 52.19 ? 94  ILE A O   1 
ATOM   676  C  CB  . ILE A 1 94  ? 1.925   15.935  6.523   1.00 49.27 ? 94  ILE A CB  1 
ATOM   677  C  CG1 . ILE A 1 94  ? 3.111   15.585  7.417   1.00 47.66 ? 94  ILE A CG1 1 
ATOM   678  C  CG2 . ILE A 1 94  ? 0.626   15.841  7.303   1.00 46.20 ? 94  ILE A CG2 1 
ATOM   679  C  CD1 . ILE A 1 94  ? 3.078   16.263  8.731   1.00 49.93 ? 94  ILE A CD1 1 
ATOM   680  N  N   . ARG A 1 95  ? 0.138   15.817  3.886   1.00 53.65 ? 95  ARG A N   1 
ATOM   681  C  CA  . ARG A 1 95  ? -1.175  15.794  3.237   1.00 54.90 ? 95  ARG A CA  1 
ATOM   682  C  C   . ARG A 1 95  ? -1.362  14.465  2.494   1.00 53.56 ? 95  ARG A C   1 
ATOM   683  O  O   . ARG A 1 95  ? -2.456  13.896  2.491   1.00 52.10 ? 95  ARG A O   1 
ATOM   684  C  CB  . ARG A 1 95  ? -1.302  16.964  2.249   1.00 58.00 ? 95  ARG A CB  1 
ATOM   685  C  CG  . ARG A 1 95  ? -1.550  18.331  2.910   1.00 63.55 ? 95  ARG A CG  1 
ATOM   686  C  CD  . ARG A 1 95  ? -1.503  19.493  1.895   1.00 67.48 ? 95  ARG A CD  1 
ATOM   687  N  NE  . ARG A 1 95  ? -2.274  19.217  0.681   1.00 71.06 ? 95  ARG A NE  1 
ATOM   688  C  CZ  . ARG A 1 95  ? -3.584  18.976  0.652   1.00 72.42 ? 95  ARG A CZ  1 
ATOM   689  N  NH1 . ARG A 1 95  ? -4.290  18.979  1.779   1.00 72.60 ? 95  ARG A NH1 1 
ATOM   690  N  NH2 . ARG A 1 95  ? -4.188  18.717  -0.505  1.00 71.69 ? 95  ARG A NH2 1 
ATOM   691  N  N   . ILE A 1 96  ? -0.284  13.982  1.875   1.00 51.49 ? 96  ILE A N   1 
ATOM   692  C  CA  . ILE A 1 96  ? -0.302  12.722  1.136   1.00 48.93 ? 96  ILE A CA  1 
ATOM   693  C  C   . ILE A 1 96  ? -0.578  11.558  2.077   1.00 49.63 ? 96  ILE A C   1 
ATOM   694  O  O   . ILE A 1 96  ? -1.488  10.760  1.847   1.00 50.32 ? 96  ILE A O   1 
ATOM   695  C  CB  . ILE A 1 96  ? 1.046   12.467  0.435   1.00 46.26 ? 96  ILE A CB  1 
ATOM   696  C  CG1 . ILE A 1 96  ? 1.279   13.535  -0.629  1.00 44.07 ? 96  ILE A CG1 1 
ATOM   697  C  CG2 . ILE A 1 96  ? 1.065   11.067  -0.180  1.00 42.63 ? 96  ILE A CG2 1 
ATOM   698  C  CD1 . ILE A 1 96  ? 2.630   13.450  -1.300  1.00 42.50 ? 96  ILE A CD1 1 
ATOM   699  N  N   . ILE A 1 97  ? 0.212   11.466  3.140   1.00 49.04 ? 97  ILE A N   1 
ATOM   700  C  CA  . ILE A 1 97  ? 0.045   10.392  4.099   1.00 49.30 ? 97  ILE A CA  1 
ATOM   701  C  C   . ILE A 1 97  ? -1.402  10.300  4.578   1.00 52.58 ? 97  ILE A C   1 
ATOM   702  O  O   . ILE A 1 97  ? -1.902  9.210   4.856   1.00 53.56 ? 97  ILE A O   1 
ATOM   703  C  CB  . ILE A 1 97  ? 0.994   10.580  5.293   1.00 46.08 ? 97  ILE A CB  1 
ATOM   704  C  CG1 . ILE A 1 97  ? 2.442   10.545  4.801   1.00 44.39 ? 97  ILE A CG1 1 
ATOM   705  C  CG2 . ILE A 1 97  ? 0.774   9.488   6.311   1.00 44.55 ? 97  ILE A CG2 1 
ATOM   706  C  CD1 . ILE A 1 97  ? 3.473   10.636  5.896   1.00 42.63 ? 97  ILE A CD1 1 
ATOM   707  N  N   . GLN A 1 98  ? -2.081  11.440  4.651   1.00 55.83 ? 98  GLN A N   1 
ATOM   708  C  CA  . GLN A 1 98  ? -3.474  11.471  5.094   1.00 59.00 ? 98  GLN A CA  1 
ATOM   709  C  C   . GLN A 1 98  ? -4.446  10.865  4.082   1.00 60.49 ? 98  GLN A C   1 
ATOM   710  O  O   . GLN A 1 98  ? -5.402  10.194  4.461   1.00 61.38 ? 98  GLN A O   1 
ATOM   711  C  CB  . GLN A 1 98  ? -3.890  12.906  5.396   1.00 60.21 ? 98  GLN A CB  1 
ATOM   712  C  CG  . GLN A 1 98  ? -3.121  13.524  6.540   1.00 63.83 ? 98  GLN A CG  1 
ATOM   713  C  CD  . GLN A 1 98  ? -3.432  14.998  6.716   1.00 66.31 ? 98  GLN A CD  1 
ATOM   714  O  OE1 . GLN A 1 98  ? -2.943  15.639  7.649   1.00 67.70 ? 98  GLN A OE1 1 
ATOM   715  N  NE2 . GLN A 1 98  ? -4.246  15.547  5.816   1.00 66.21 ? 98  GLN A NE2 1 
ATOM   716  N  N   . SER A 1 99  ? -4.205  11.102  2.797   1.00 62.09 ? 99  SER A N   1 
ATOM   717  C  CA  . SER A 1 99  ? -5.079  10.569  1.763   1.00 63.18 ? 99  SER A CA  1 
ATOM   718  C  C   . SER A 1 99  ? -4.829  9.078   1.550   1.00 64.15 ? 99  SER A C   1 
ATOM   719  O  O   . SER A 1 99  ? -5.567  8.408   0.829   1.00 64.53 ? 99  SER A O   1 
ATOM   720  C  CB  . SER A 1 99  ? -4.870  11.332  0.450   1.00 63.64 ? 99  SER A CB  1 
ATOM   721  O  OG  . SER A 1 99  ? -3.511  11.310  0.042   1.00 65.11 ? 99  SER A OG  1 
ATOM   722  N  N   . VAL A 1 100 ? -3.786  8.560   2.186   1.00 64.86 ? 100 VAL A N   1 
ATOM   723  C  CA  . VAL A 1 100 ? -3.446  7.149   2.067   1.00 65.54 ? 100 VAL A CA  1 
ATOM   724  C  C   . VAL A 1 100 ? -4.130  6.345   3.159   1.00 66.83 ? 100 VAL A C   1 
ATOM   725  O  O   . VAL A 1 100 ? -5.146  5.693   2.921   1.00 66.13 ? 100 VAL A O   1 
ATOM   726  C  CB  . VAL A 1 100 ? -1.934  6.947   2.186   1.00 64.74 ? 100 VAL A CB  1 
ATOM   727  C  CG1 . VAL A 1 100 ? -1.607  5.463   2.188   1.00 64.29 ? 100 VAL A CG1 1 
ATOM   728  C  CG2 . VAL A 1 100 ? -1.237  7.655   1.049   1.00 64.14 ? 100 VAL A CG2 1 
ATOM   729  N  N   . SER A 1 101 ? -3.557  6.396   4.357   1.00 69.27 ? 101 SER A N   1 
ATOM   730  C  CA  . SER A 1 101 ? -4.102  5.687   5.506   1.00 70.87 ? 101 SER A CA  1 
ATOM   731  C  C   . SER A 1 101 ? -5.052  6.613   6.256   1.00 70.54 ? 101 SER A C   1 
ATOM   732  O  O   . SER A 1 101 ? -6.022  7.106   5.682   1.00 70.74 ? 101 SER A O   1 
ATOM   733  C  CB  . SER A 1 101 ? -2.972  5.221   6.440   1.00 71.54 ? 101 SER A CB  1 
ATOM   734  O  OG  . SER A 1 101 ? -2.170  6.310   6.874   1.00 71.57 ? 101 SER A OG  1 
ATOM   735  N  N   . ALA A 1 111 ? -10.403 16.099  -4.742  1.00 56.90 ? 111 ALA A N   1 
ATOM   736  C  CA  . ALA A 1 111 ? -9.246  16.930  -5.062  1.00 57.69 ? 111 ALA A CA  1 
ATOM   737  C  C   . ALA A 1 111 ? -7.965  16.233  -4.612  1.00 57.55 ? 111 ALA A C   1 
ATOM   738  O  O   . ALA A 1 111 ? -7.519  16.408  -3.475  1.00 58.51 ? 111 ALA A O   1 
ATOM   739  C  CB  . ALA A 1 111 ? -9.372  18.293  -4.379  1.00 57.22 ? 111 ALA A CB  1 
ATOM   740  N  N   . LEU A 1 112 ? -7.383  15.437  -5.506  1.00 55.44 ? 112 LEU A N   1 
ATOM   741  C  CA  . LEU A 1 112 ? -6.159  14.703  -5.206  1.00 52.43 ? 112 LEU A CA  1 
ATOM   742  C  C   . LEU A 1 112 ? -5.057  14.997  -6.220  1.00 50.85 ? 112 LEU A C   1 
ATOM   743  O  O   . LEU A 1 112 ? -5.253  14.877  -7.430  1.00 50.21 ? 112 LEU A O   1 
ATOM   744  C  CB  . LEU A 1 112 ? -6.435  13.189  -5.172  1.00 53.81 ? 112 LEU A CB  1 
ATOM   745  C  CG  . LEU A 1 112 ? -6.869  12.492  -3.869  1.00 55.11 ? 112 LEU A CG  1 
ATOM   746  C  CD1 . LEU A 1 112 ? -8.180  13.065  -3.350  1.00 54.85 ? 112 LEU A CD1 1 
ATOM   747  C  CD2 . LEU A 1 112 ? -7.022  10.997  -4.128  1.00 54.46 ? 112 LEU A CD2 1 
ATOM   748  N  N   . THR A 1 113 ? -3.899  15.394  -5.708  1.00 48.91 ? 113 THR A N   1 
ATOM   749  C  CA  . THR A 1 113 ? -2.738  15.690  -6.539  1.00 47.20 ? 113 THR A CA  1 
ATOM   750  C  C   . THR A 1 113 ? -2.233  14.336  -7.055  1.00 46.49 ? 113 THR A C   1 
ATOM   751  O  O   . THR A 1 113 ? -2.564  13.301  -6.480  1.00 46.23 ? 113 THR A O   1 
ATOM   752  C  CB  . THR A 1 113 ? -1.637  16.379  -5.695  1.00 47.16 ? 113 THR A CB  1 
ATOM   753  O  OG1 . THR A 1 113 ? -0.954  15.410  -4.889  1.00 47.72 ? 113 THR A OG1 1 
ATOM   754  C  CG2 . THR A 1 113 ? -2.261  17.408  -4.763  1.00 45.45 ? 113 THR A CG2 1 
ATOM   755  N  N   . ILE A 1 114 ? -1.441  14.316  -8.124  1.00 45.30 ? 114 ILE A N   1 
ATOM   756  C  CA  . ILE A 1 114 ? -0.977  13.027  -8.613  1.00 43.63 ? 114 ILE A CA  1 
ATOM   757  C  C   . ILE A 1 114 ? -0.126  12.321  -7.569  1.00 43.67 ? 114 ILE A C   1 
ATOM   758  O  O   . ILE A 1 114 ? -0.190  11.097  -7.434  1.00 44.42 ? 114 ILE A O   1 
ATOM   759  C  CB  . ILE A 1 114 ? -0.166  13.138  -9.912  1.00 43.47 ? 114 ILE A CB  1 
ATOM   760  C  CG1 . ILE A 1 114 ? -0.006  11.737  -10.514 1.00 44.96 ? 114 ILE A CG1 1 
ATOM   761  C  CG2 . ILE A 1 114 ? 1.209   13.720  -9.635  1.00 39.82 ? 114 ILE A CG2 1 
ATOM   762  C  CD1 . ILE A 1 114 ? -0.003  11.705  -12.026 1.00 47.55 ? 114 ILE A CD1 1 
ATOM   763  N  N   . GLU A 1 115 ? 0.673   13.081  -6.826  1.00 42.31 ? 115 GLU A N   1 
ATOM   764  C  CA  . GLU A 1 115 ? 1.505   12.475  -5.792  1.00 41.24 ? 115 GLU A CA  1 
ATOM   765  C  C   . GLU A 1 115 ? 0.606   11.716  -4.809  1.00 40.74 ? 115 GLU A C   1 
ATOM   766  O  O   . GLU A 1 115 ? 0.908   10.588  -4.426  1.00 39.62 ? 115 GLU A O   1 
ATOM   767  C  CB  . GLU A 1 115 ? 2.321   13.536  -5.042  1.00 41.43 ? 115 GLU A CB  1 
ATOM   768  C  CG  . GLU A 1 115 ? 3.464   14.178  -5.836  1.00 40.55 ? 115 GLU A CG  1 
ATOM   769  C  CD  . GLU A 1 115 ? 3.038   15.389  -6.672  1.00 41.38 ? 115 GLU A CD  1 
ATOM   770  O  OE1 . GLU A 1 115 ? 1.925   15.931  -6.445  1.00 39.24 ? 115 GLU A OE1 1 
ATOM   771  O  OE2 . GLU A 1 115 ? 3.835   15.809  -7.551  1.00 39.84 ? 115 GLU A OE2 1 
ATOM   772  N  N   . GLU A 1 116 ? -0.503  12.327  -4.406  1.00 40.75 ? 116 GLU A N   1 
ATOM   773  C  CA  . GLU A 1 116 ? -1.406  11.649  -3.491  1.00 42.55 ? 116 GLU A CA  1 
ATOM   774  C  C   . GLU A 1 116 ? -2.033  10.427  -4.160  1.00 42.23 ? 116 GLU A C   1 
ATOM   775  O  O   . GLU A 1 116 ? -2.370  9.447   -3.497  1.00 42.50 ? 116 GLU A O   1 
ATOM   776  C  CB  . GLU A 1 116 ? -2.495  12.603  -3.012  1.00 43.62 ? 116 GLU A CB  1 
ATOM   777  C  CG  . GLU A 1 116 ? -1.944  13.835  -2.338  1.00 47.38 ? 116 GLU A CG  1 
ATOM   778  C  CD  . GLU A 1 116 ? -3.026  14.847  -2.013  1.00 50.55 ? 116 GLU A CD  1 
ATOM   779  O  OE1 . GLU A 1 116 ? -3.856  15.144  -2.905  1.00 51.27 ? 116 GLU A OE1 1 
ATOM   780  O  OE2 . GLU A 1 116 ? -3.038  15.360  -0.872  1.00 53.70 ? 116 GLU A OE2 1 
ATOM   781  N  N   . LYS A 1 117 ? -2.187  10.479  -5.477  1.00 42.28 ? 117 LYS A N   1 
ATOM   782  C  CA  . LYS A 1 117 ? -2.760  9.350   -6.198  1.00 41.46 ? 117 LYS A CA  1 
ATOM   783  C  C   . LYS A 1 117 ? -1.768  8.204   -6.284  1.00 40.04 ? 117 LYS A C   1 
ATOM   784  O  O   . LYS A 1 117 ? -2.108  7.064   -5.976  1.00 40.91 ? 117 LYS A O   1 
ATOM   785  C  CB  . LYS A 1 117 ? -3.176  9.770   -7.598  1.00 41.72 ? 117 LYS A CB  1 
ATOM   786  C  CG  . LYS A 1 117 ? -4.422  10.612  -7.609  1.00 43.25 ? 117 LYS A CG  1 
ATOM   787  C  CD  . LYS A 1 117 ? -4.694  11.113  -9.006  1.00 44.85 ? 117 LYS A CD  1 
ATOM   788  C  CE  . LYS A 1 117 ? -6.093  11.663  -9.097  1.00 46.71 ? 117 LYS A CE  1 
ATOM   789  N  NZ  . LYS A 1 117 ? -7.096  10.584  -8.805  1.00 49.94 ? 117 LYS A NZ  1 
ATOM   790  N  N   . ILE A 1 118 ? -0.543  8.506   -6.696  1.00 36.94 ? 118 ILE A N   1 
ATOM   791  C  CA  . ILE A 1 118 ? 0.482   7.484   -6.801  1.00 35.21 ? 118 ILE A CA  1 
ATOM   792  C  C   . ILE A 1 118 ? 0.615   6.676   -5.506  1.00 35.73 ? 118 ILE A C   1 
ATOM   793  O  O   . ILE A 1 118 ? 0.363   5.476   -5.510  1.00 35.90 ? 118 ILE A O   1 
ATOM   794  C  CB  . ILE A 1 118 ? 1.854   8.100   -7.111  1.00 35.81 ? 118 ILE A CB  1 
ATOM   795  C  CG1 . ILE A 1 118 ? 1.737   9.100   -8.262  1.00 36.32 ? 118 ILE A CG1 1 
ATOM   796  C  CG2 . ILE A 1 118 ? 2.852   7.004   -7.432  1.00 32.26 ? 118 ILE A CG2 1 
ATOM   797  C  CD1 . ILE A 1 118 ? 1.226   8.505   -9.546  1.00 41.92 ? 118 ILE A CD1 1 
ATOM   798  N  N   . VAL A 1 119 ? 0.998   7.330   -4.406  1.00 35.81 ? 119 VAL A N   1 
ATOM   799  C  CA  . VAL A 1 119 ? 1.193   6.640   -3.124  1.00 35.49 ? 119 VAL A CA  1 
ATOM   800  C  C   . VAL A 1 119 ? 0.005   5.805   -2.723  1.00 37.05 ? 119 VAL A C   1 
ATOM   801  O  O   . VAL A 1 119 ? 0.143   4.639   -2.333  1.00 37.34 ? 119 VAL A O   1 
ATOM   802  C  CB  . VAL A 1 119 ? 1.501   7.619   -1.975  1.00 33.92 ? 119 VAL A CB  1 
ATOM   803  C  CG1 . VAL A 1 119 ? 1.464   6.885   -0.641  1.00 31.97 ? 119 VAL A CG1 1 
ATOM   804  C  CG2 . VAL A 1 119 ? 2.875   8.221   -2.178  1.00 33.85 ? 119 VAL A CG2 1 
ATOM   805  N  N   . GLN A 1 120 ? -1.171  6.403   -2.816  1.00 38.80 ? 120 GLN A N   1 
ATOM   806  C  CA  . GLN A 1 120 ? -2.387  5.686   -2.487  1.00 39.55 ? 120 GLN A CA  1 
ATOM   807  C  C   . GLN A 1 120 ? -2.569  4.472   -3.415  1.00 38.26 ? 120 GLN A C   1 
ATOM   808  O  O   . GLN A 1 120 ? -3.070  3.440   -2.983  1.00 36.85 ? 120 GLN A O   1 
ATOM   809  C  CB  . GLN A 1 120 ? -3.571  6.629   -2.590  1.00 41.26 ? 120 GLN A CB  1 
ATOM   810  C  CG  . GLN A 1 120 ? -4.864  5.914   -2.734  1.00 44.35 ? 120 GLN A CG  1 
ATOM   811  C  CD  . GLN A 1 120 ? -5.998  6.872   -2.724  1.00 46.63 ? 120 GLN A CD  1 
ATOM   812  O  OE1 . GLN A 1 120 ? -6.518  7.215   -1.663  1.00 48.31 ? 120 GLN A OE1 1 
ATOM   813  N  NE2 . GLN A 1 120 ? -6.377  7.352   -3.907  1.00 47.37 ? 120 GLN A NE2 1 
ATOM   814  N  N   . ASP A 1 121 ? -2.166  4.605   -4.679  1.00 38.31 ? 121 ASP A N   1 
ATOM   815  C  CA  . ASP A 1 121 ? -2.259  3.501   -5.631  1.00 39.62 ? 121 ASP A CA  1 
ATOM   816  C  C   . ASP A 1 121 ? -1.248  2.434   -5.243  1.00 39.87 ? 121 ASP A C   1 
ATOM   817  O  O   . ASP A 1 121 ? -1.547  1.242   -5.276  1.00 41.11 ? 121 ASP A O   1 
ATOM   818  C  CB  . ASP A 1 121 ? -1.961  3.966   -7.063  1.00 40.96 ? 121 ASP A CB  1 
ATOM   819  C  CG  . ASP A 1 121 ? -3.201  4.484   -7.791  1.00 42.50 ? 121 ASP A CG  1 
ATOM   820  O  OD1 . ASP A 1 121 ? -4.162  4.931   -7.123  1.00 43.08 ? 121 ASP A OD1 1 
ATOM   821  O  OD2 . ASP A 1 121 ? -3.213  4.460   -9.040  1.00 41.66 ? 121 ASP A OD2 1 
ATOM   822  N  N   . ALA A 1 122 ? -0.046  2.861   -4.875  1.00 39.70 ? 122 ALA A N   1 
ATOM   823  C  CA  . ALA A 1 122 ? 0.997   1.917   -4.497  1.00 39.34 ? 122 ALA A CA  1 
ATOM   824  C  C   . ALA A 1 122 ? 0.583   1.147   -3.252  1.00 38.94 ? 122 ALA A C   1 
ATOM   825  O  O   . ALA A 1 122 ? 0.912   -0.027  -3.095  1.00 39.86 ? 122 ALA A O   1 
ATOM   826  C  CB  . ALA A 1 122 ? 2.312   2.653   -4.251  1.00 40.75 ? 122 ALA A CB  1 
ATOM   827  N  N   . ASP A 1 123 ? -0.131  1.809   -2.356  1.00 37.12 ? 123 ASP A N   1 
ATOM   828  C  CA  . ASP A 1 123 ? -0.575  1.131   -1.159  1.00 37.40 ? 123 ASP A CA  1 
ATOM   829  C  C   . ASP A 1 123 ? -1.598  0.056   -1.569  1.00 37.55 ? 123 ASP A C   1 
ATOM   830  O  O   . ASP A 1 123 ? -1.372  -1.138  -1.350  1.00 37.23 ? 123 ASP A O   1 
ATOM   831  C  CB  . ASP A 1 123 ? -1.197  2.139   -0.195  1.00 38.28 ? 123 ASP A CB  1 
ATOM   832  C  CG  . ASP A 1 123 ? -1.451  1.552   1.179   1.00 38.36 ? 123 ASP A CG  1 
ATOM   833  O  OD1 . ASP A 1 123 ? -2.586  1.705   1.678   1.00 37.58 ? 123 ASP A OD1 1 
ATOM   834  O  OD2 . ASP A 1 123 ? -0.515  0.949   1.753   1.00 38.70 ? 123 ASP A OD2 1 
ATOM   835  N  N   . ARG A 1 124 ? -2.707  0.477   -2.176  1.00 36.44 ? 124 ARG A N   1 
ATOM   836  C  CA  . ARG A 1 124 ? -3.739  -0.459  -2.613  1.00 36.58 ? 124 ARG A CA  1 
ATOM   837  C  C   . ARG A 1 124 ? -3.132  -1.625  -3.414  1.00 36.61 ? 124 ARG A C   1 
ATOM   838  O  O   . ARG A 1 124 ? -3.476  -2.784  -3.180  1.00 37.27 ? 124 ARG A O   1 
ATOM   839  C  CB  . ARG A 1 124 ? -4.793  0.263   -3.462  1.00 37.69 ? 124 ARG A CB  1 
ATOM   840  C  CG  . ARG A 1 124 ? -5.570  1.353   -2.740  1.00 41.59 ? 124 ARG A CG  1 
ATOM   841  C  CD  . ARG A 1 124 ? -6.582  0.783   -1.755  1.00 47.15 ? 124 ARG A CD  1 
ATOM   842  N  NE  . ARG A 1 124 ? -5.944  0.054   -0.656  1.00 53.25 ? 124 ARG A NE  1 
ATOM   843  C  CZ  . ARG A 1 124 ? -6.580  -0.794  0.156   1.00 54.83 ? 124 ARG A CZ  1 
ATOM   844  N  NH1 . ARG A 1 124 ? -7.885  -1.029  -0.005  1.00 54.14 ? 124 ARG A NH1 1 
ATOM   845  N  NH2 . ARG A 1 124 ? -5.909  -1.412  1.124   1.00 53.59 ? 124 ARG A NH2 1 
ATOM   846  N  N   . LEU A 1 125 ? -2.230  -1.331  -4.349  1.00 35.43 ? 125 LEU A N   1 
ATOM   847  C  CA  . LEU A 1 125 ? -1.605  -2.384  -5.150  1.00 34.26 ? 125 LEU A CA  1 
ATOM   848  C  C   . LEU A 1 125 ? -1.009  -3.523  -4.312  1.00 35.27 ? 125 LEU A C   1 
ATOM   849  O  O   . LEU A 1 125 ? -1.056  -4.686  -4.723  1.00 37.24 ? 125 LEU A O   1 
ATOM   850  C  CB  . LEU A 1 125 ? -0.501  -1.806  -6.039  1.00 31.98 ? 125 LEU A CB  1 
ATOM   851  C  CG  . LEU A 1 125 ? -0.919  -1.143  -7.355  1.00 32.78 ? 125 LEU A CG  1 
ATOM   852  C  CD1 . LEU A 1 125 ? 0.295   -0.501  -8.030  1.00 29.20 ? 125 LEU A CD1 1 
ATOM   853  C  CD2 . LEU A 1 125 ? -1.548  -2.182  -8.270  1.00 32.48 ? 125 LEU A CD2 1 
ATOM   854  N  N   . ASP A 1 126 ? -0.456  -3.203  -3.141  1.00 33.29 ? 126 ASP A N   1 
ATOM   855  C  CA  . ASP A 1 126 ? 0.151   -4.234  -2.305  1.00 32.28 ? 126 ASP A CA  1 
ATOM   856  C  C   . ASP A 1 126 ? -0.867  -5.030  -1.472  1.00 32.39 ? 126 ASP A C   1 
ATOM   857  O  O   . ASP A 1 126 ? -0.489  -5.904  -0.680  1.00 31.41 ? 126 ASP A O   1 
ATOM   858  C  CB  . ASP A 1 126 ? 1.188   -3.618  -1.373  1.00 31.92 ? 126 ASP A CB  1 
ATOM   859  C  CG  . ASP A 1 126 ? 2.269   -4.608  -0.982  1.00 35.05 ? 126 ASP A CG  1 
ATOM   860  O  OD1 . ASP A 1 126 ? 2.535   -4.728  0.237   1.00 36.09 ? 126 ASP A OD1 1 
ATOM   861  O  OD2 . ASP A 1 126 ? 2.861   -5.252  -1.895  1.00 33.30 ? 126 ASP A OD2 1 
ATOM   862  N  N   . ALA A 1 127 ? -2.150  -4.733  -1.673  1.00 29.86 ? 127 ALA A N   1 
ATOM   863  C  CA  . ALA A 1 127 ? -3.223  -5.383  -0.947  1.00 27.56 ? 127 ALA A CA  1 
ATOM   864  C  C   . ALA A 1 127 ? -3.839  -6.498  -1.762  1.00 27.79 ? 127 ALA A C   1 
ATOM   865  O  O   . ALA A 1 127 ? -4.520  -7.364  -1.215  1.00 29.29 ? 127 ALA A O   1 
ATOM   866  C  CB  . ALA A 1 127 ? -4.286  -4.353  -0.576  1.00 25.21 ? 127 ALA A CB  1 
ATOM   867  N  N   . ILE A 1 128 ? -3.596  -6.470  -3.068  1.00 27.01 ? 128 ILE A N   1 
ATOM   868  C  CA  . ILE A 1 128 ? -4.142  -7.472  -3.982  1.00 27.44 ? 128 ILE A CA  1 
ATOM   869  C  C   . ILE A 1 128 ? -3.015  -8.293  -4.585  1.00 28.04 ? 128 ILE A C   1 
ATOM   870  O  O   . ILE A 1 128 ? -1.855  -8.088  -4.245  1.00 30.33 ? 128 ILE A O   1 
ATOM   871  C  CB  . ILE A 1 128 ? -4.924  -6.820  -5.143  1.00 26.23 ? 128 ILE A CB  1 
ATOM   872  C  CG1 . ILE A 1 128 ? -3.953  -6.052  -6.053  1.00 25.88 ? 128 ILE A CG1 1 
ATOM   873  C  CG2 . ILE A 1 128 ? -5.992  -5.898  -4.582  1.00 26.29 ? 128 ILE A CG2 1 
ATOM   874  C  CD1 . ILE A 1 128 ? -4.603  -5.247  -7.148  1.00 22.59 ? 128 ILE A CD1 1 
ATOM   875  N  N   . GLY A 1 129 ? -3.360  -9.203  -5.495  1.00 27.50 ? 129 GLY A N   1 
ATOM   876  C  CA  . GLY A 1 129 ? -2.364  -10.057 -6.117  1.00 26.37 ? 129 GLY A CA  1 
ATOM   877  C  C   . GLY A 1 129 ? -1.861  -11.117 -5.151  1.00 26.87 ? 129 GLY A C   1 
ATOM   878  O  O   . GLY A 1 129 ? -2.436  -11.311 -4.082  1.00 27.11 ? 129 GLY A O   1 
ATOM   879  N  N   . ALA A 1 130 ? -0.780  -11.801 -5.503  1.00 27.01 ? 130 ALA A N   1 
ATOM   880  C  CA  . ALA A 1 130 ? -0.252  -12.841 -4.629  1.00 28.39 ? 130 ALA A CA  1 
ATOM   881  C  C   . ALA A 1 130 ? -0.016  -12.329 -3.206  1.00 30.55 ? 130 ALA A C   1 
ATOM   882  O  O   . ALA A 1 130 ? -0.377  -13.004 -2.238  1.00 29.73 ? 130 ALA A O   1 
ATOM   883  C  CB  . ALA A 1 130 ? 1.032   -13.402 -5.204  1.00 27.99 ? 130 ALA A CB  1 
ATOM   884  N  N   . ILE A 1 131 ? 0.580   -11.137 -3.085  1.00 32.32 ? 131 ILE A N   1 
ATOM   885  C  CA  . ILE A 1 131 ? 0.867   -10.511 -1.781  1.00 33.51 ? 131 ILE A CA  1 
ATOM   886  C  C   . ILE A 1 131 ? -0.433  -10.301 -1.015  1.00 32.56 ? 131 ILE A C   1 
ATOM   887  O  O   . ILE A 1 131 ? -0.507  -10.515 0.201   1.00 31.28 ? 131 ILE A O   1 
ATOM   888  C  CB  . ILE A 1 131 ? 1.520   -9.121  -1.941  1.00 35.71 ? 131 ILE A CB  1 
ATOM   889  C  CG1 . ILE A 1 131 ? 2.557   -9.163  -3.055  1.00 40.47 ? 131 ILE A CG1 1 
ATOM   890  C  CG2 . ILE A 1 131 ? 2.207   -8.705  -0.634  1.00 33.05 ? 131 ILE A CG2 1 
ATOM   891  C  CD1 . ILE A 1 131 ? 2.938   -7.768  -3.572  1.00 47.48 ? 131 ILE A CD1 1 
ATOM   892  N  N   . GLY A 1 132 ? -1.450  -9.855  -1.744  1.00 30.46 ? 132 GLY A N   1 
ATOM   893  C  CA  . GLY A 1 132 ? -2.745  -9.635  -1.139  1.00 30.33 ? 132 GLY A CA  1 
ATOM   894  C  C   . GLY A 1 132 ? -3.219  -10.925 -0.493  1.00 30.50 ? 132 GLY A C   1 
ATOM   895  O  O   . GLY A 1 132 ? -3.491  -10.961 0.714   1.00 30.79 ? 132 GLY A O   1 
ATOM   896  N  N   . ILE A 1 133 ? -3.309  -11.987 -1.296  1.00 28.01 ? 133 ILE A N   1 
ATOM   897  C  CA  . ILE A 1 133 ? -3.745  -13.291 -0.802  1.00 26.11 ? 133 ILE A CA  1 
ATOM   898  C  C   . ILE A 1 133 ? -2.983  -13.628 0.471   1.00 26.32 ? 133 ILE A C   1 
ATOM   899  O  O   . ILE A 1 133 ? -3.585  -13.815 1.531   1.00 25.73 ? 133 ILE A O   1 
ATOM   900  C  CB  . ILE A 1 133 ? -3.507  -14.404 -1.856  1.00 25.70 ? 133 ILE A CB  1 
ATOM   901  C  CG1 . ILE A 1 133 ? -4.414  -14.178 -3.066  1.00 25.51 ? 133 ILE A CG1 1 
ATOM   902  C  CG2 . ILE A 1 133 ? -3.786  -15.770 -1.254  1.00 23.61 ? 133 ILE A CG2 1 
ATOM   903  C  CD1 . ILE A 1 133 ? -4.154  -15.126 -4.220  1.00 24.76 ? 133 ILE A CD1 1 
ATOM   904  N  N   . ALA A 1 134 ? -1.658  -13.684 0.368   1.00 26.32 ? 134 ALA A N   1 
ATOM   905  C  CA  . ALA A 1 134 ? -0.818  -13.995 1.525   1.00 27.32 ? 134 ALA A CA  1 
ATOM   906  C  C   . ALA A 1 134 ? -1.081  -13.044 2.689   1.00 27.23 ? 134 ALA A C   1 
ATOM   907  O  O   . ALA A 1 134 ? -1.227  -13.476 3.833   1.00 27.26 ? 134 ALA A O   1 
ATOM   908  C  CB  . ALA A 1 134 ? 0.653   -13.932 1.139   1.00 26.47 ? 134 ALA A CB  1 
ATOM   909  N  N   . ARG A 1 135 ? -1.142  -11.750 2.407   1.00 26.28 ? 135 ARG A N   1 
ATOM   910  C  CA  . ARG A 1 135 ? -1.374  -10.810 3.483   1.00 26.10 ? 135 ARG A CA  1 
ATOM   911  C  C   . ARG A 1 135 ? -2.742  -10.956 4.126   1.00 26.15 ? 135 ARG A C   1 
ATOM   912  O  O   . ARG A 1 135 ? -2.840  -11.031 5.355   1.00 25.63 ? 135 ARG A O   1 
ATOM   913  C  CB  . ARG A 1 135 ? -1.165  -9.382  2.995   1.00 26.07 ? 135 ARG A CB  1 
ATOM   914  C  CG  . ARG A 1 135 ? 0.238   -8.887  3.243   1.00 26.14 ? 135 ARG A CG  1 
ATOM   915  C  CD  . ARG A 1 135 ? 0.649   -7.838  2.231   1.00 28.09 ? 135 ARG A CD  1 
ATOM   916  N  NE  . ARG A 1 135 ? -0.135  -6.608  2.294   1.00 28.23 ? 135 ARG A NE  1 
ATOM   917  C  CZ  . ARG A 1 135 ? -0.107  -5.750  3.306   1.00 29.46 ? 135 ARG A CZ  1 
ATOM   918  N  NH1 . ARG A 1 135 ? -0.860  -4.659  3.246   1.00 28.48 ? 135 ARG A NH1 1 
ATOM   919  N  NH2 . ARG A 1 135 ? 0.668   -5.986  4.369   1.00 30.15 ? 135 ARG A NH2 1 
ATOM   920  N  N   . THR A 1 136 ? -3.793  -11.021 3.313   1.00 25.75 ? 136 THR A N   1 
ATOM   921  C  CA  . THR A 1 136 ? -5.140  -11.137 3.854   1.00 27.42 ? 136 THR A CA  1 
ATOM   922  C  C   . THR A 1 136 ? -5.378  -12.441 4.620   1.00 28.69 ? 136 THR A C   1 
ATOM   923  O  O   . THR A 1 136 ? -6.098  -12.452 5.617   1.00 28.89 ? 136 THR A O   1 
ATOM   924  C  CB  . THR A 1 136 ? -6.206  -10.968 2.751   1.00 28.13 ? 136 THR A CB  1 
ATOM   925  O  OG1 . THR A 1 136 ? -7.508  -11.078 3.334   1.00 29.54 ? 136 THR A OG1 1 
ATOM   926  C  CG2 . THR A 1 136 ? -6.049  -12.014 1.678   1.00 30.36 ? 136 THR A CG2 1 
ATOM   927  N  N   . PHE A 1 137 ? -4.770  -13.536 4.173   1.00 30.54 ? 137 PHE A N   1 
ATOM   928  C  CA  . PHE A 1 137 ? -4.926  -14.793 4.889   1.00 32.02 ? 137 PHE A CA  1 
ATOM   929  C  C   . PHE A 1 137 ? -4.079  -14.788 6.153   1.00 34.17 ? 137 PHE A C   1 
ATOM   930  O  O   . PHE A 1 137 ? -4.441  -15.448 7.125   1.00 35.56 ? 137 PHE A O   1 
ATOM   931  C  CB  . PHE A 1 137 ? -4.559  -15.990 4.012   1.00 29.94 ? 137 PHE A CB  1 
ATOM   932  C  CG  . PHE A 1 137 ? -5.684  -16.458 3.161   1.00 28.40 ? 137 PHE A CG  1 
ATOM   933  C  CD1 . PHE A 1 137 ? -6.856  -16.926 3.753   1.00 27.31 ? 137 PHE A CD1 1 
ATOM   934  C  CD2 . PHE A 1 137 ? -5.614  -16.347 1.769   1.00 29.04 ? 137 PHE A CD2 1 
ATOM   935  C  CE1 . PHE A 1 137 ? -7.956  -17.267 2.973   1.00 27.47 ? 137 PHE A CE1 1 
ATOM   936  C  CE2 . PHE A 1 137 ? -6.703  -16.683 0.960   1.00 28.38 ? 137 PHE A CE2 1 
ATOM   937  C  CZ  . PHE A 1 137 ? -7.883  -17.145 1.561   1.00 29.74 ? 137 PHE A CZ  1 
ATOM   938  N  N   . THR A 1 138 ? -2.958  -14.061 6.161   1.00 36.14 ? 138 THR A N   1 
ATOM   939  C  CA  . THR A 1 138 ? -2.148  -14.014 7.380   1.00 37.96 ? 138 THR A CA  1 
ATOM   940  C  C   . THR A 1 138 ? -2.879  -13.171 8.399   1.00 40.79 ? 138 THR A C   1 
ATOM   941  O  O   . THR A 1 138 ? -2.795  -13.414 9.599   1.00 39.72 ? 138 THR A O   1 
ATOM   942  C  CB  . THR A 1 138 ? -0.771  -13.362 7.206   1.00 36.15 ? 138 THR A CB  1 
ATOM   943  O  OG1 . THR A 1 138 ? 0.026   -14.114 6.282   1.00 35.90 ? 138 THR A OG1 1 
ATOM   944  C  CG2 . THR A 1 138 ? -0.061  -13.330 8.564   1.00 33.02 ? 138 THR A CG2 1 
ATOM   945  N  N   . TYR A 1 139 ? -3.597  -12.169 7.905   1.00 44.91 ? 139 TYR A N   1 
ATOM   946  C  CA  . TYR A 1 139 ? -4.356  -11.284 8.774   1.00 49.37 ? 139 TYR A CA  1 
ATOM   947  C  C   . TYR A 1 139 ? -5.499  -12.060 9.410   1.00 50.98 ? 139 TYR A C   1 
ATOM   948  O  O   . TYR A 1 139 ? -5.719  -11.983 10.621  1.00 51.00 ? 139 TYR A O   1 
ATOM   949  C  CB  . TYR A 1 139 ? -4.890  -10.093 7.972   1.00 51.01 ? 139 TYR A CB  1 
ATOM   950  C  CG  . TYR A 1 139 ? -5.856  -9.224  8.732   1.00 53.27 ? 139 TYR A CG  1 
ATOM   951  C  CD1 . TYR A 1 139 ? -7.229  -9.493  8.706   1.00 53.33 ? 139 TYR A CD1 1 
ATOM   952  C  CD2 . TYR A 1 139 ? -5.399  -8.152  9.508   1.00 53.80 ? 139 TYR A CD2 1 
ATOM   953  C  CE1 . TYR A 1 139 ? -8.126  -8.721  9.431   1.00 54.60 ? 139 TYR A CE1 1 
ATOM   954  C  CE2 . TYR A 1 139 ? -6.288  -7.372  10.241  1.00 55.21 ? 139 TYR A CE2 1 
ATOM   955  C  CZ  . TYR A 1 139 ? -7.652  -7.663  10.199  1.00 55.99 ? 139 TYR A CZ  1 
ATOM   956  O  OH  . TYR A 1 139 ? -8.537  -6.902  10.926  1.00 56.23 ? 139 TYR A OH  1 
ATOM   957  N  N   . GLY A 1 140 ? -6.219  -12.816 8.584   1.00 52.24 ? 140 GLY A N   1 
ATOM   958  C  CA  . GLY A 1 140 ? -7.323  -13.615 9.089   1.00 53.14 ? 140 GLY A CA  1 
ATOM   959  C  C   . GLY A 1 140 ? -6.843  -14.577 10.163  1.00 53.73 ? 140 GLY A C   1 
ATOM   960  O  O   . GLY A 1 140 ? -7.568  -14.879 11.113  1.00 53.85 ? 140 GLY A O   1 
ATOM   961  N  N   . GLY A 1 141 ? -5.608  -15.050 10.013  1.00 53.17 ? 141 GLY A N   1 
ATOM   962  C  CA  . GLY A 1 141 ? -5.039  -15.979 10.972  1.00 54.42 ? 141 GLY A CA  1 
ATOM   963  C  C   . GLY A 1 141 ? -4.608  -15.331 12.275  1.00 55.36 ? 141 GLY A C   1 
ATOM   964  O  O   . GLY A 1 141 ? -3.965  -15.960 13.119  1.00 55.20 ? 141 GLY A O   1 
ATOM   965  N  N   . ALA A 1 142 ? -4.946  -14.062 12.443  1.00 56.10 ? 142 ALA A N   1 
ATOM   966  C  CA  . ALA A 1 142 ? -4.592  -13.359 13.664  1.00 56.35 ? 142 ALA A CA  1 
ATOM   967  C  C   . ALA A 1 142 ? -5.828  -12.667 14.210  1.00 56.98 ? 142 ALA A C   1 
ATOM   968  O  O   . ALA A 1 142 ? -5.740  -11.853 15.124  1.00 57.78 ? 142 ALA A O   1 
ATOM   969  C  CB  . ALA A 1 142 ? -3.492  -12.345 13.391  1.00 54.76 ? 142 ALA A CB  1 
ATOM   970  N  N   . HIS A 1 143 ? -6.984  -12.987 13.642  1.00 57.33 ? 143 HIS A N   1 
ATOM   971  C  CA  . HIS A 1 143 ? -8.235  -12.389 14.096  1.00 58.89 ? 143 HIS A CA  1 
ATOM   972  C  C   . HIS A 1 143 ? -9.344  -13.420 13.995  1.00 59.06 ? 143 HIS A C   1 
ATOM   973  O  O   . HIS A 1 143 ? -10.529 -13.077 13.971  1.00 58.01 ? 143 HIS A O   1 
ATOM   974  C  CB  . HIS A 1 143 ? -8.604  -11.176 13.240  1.00 60.94 ? 143 HIS A CB  1 
ATOM   975  C  CG  . HIS A 1 143 ? -7.590  -10.074 13.269  1.00 63.42 ? 143 HIS A CG  1 
ATOM   976  N  ND1 . HIS A 1 143 ? -6.269  -10.265 12.920  1.00 64.51 ? 143 HIS A ND1 1 
ATOM   977  C  CD2 . HIS A 1 143 ? -7.716  -8.756  13.553  1.00 63.70 ? 143 HIS A CD2 1 
ATOM   978  C  CE1 . HIS A 1 143 ? -5.627  -9.112  12.983  1.00 63.59 ? 143 HIS A CE1 1 
ATOM   979  N  NE2 . HIS A 1 143 ? -6.483  -8.180  13.363  1.00 64.59 ? 143 HIS A NE2 1 
ATOM   980  N  N   . ASN A 1 144 ? -8.937  -14.687 13.933  1.00 59.46 ? 144 ASN A N   1 
ATOM   981  C  CA  . ASN A 1 144 ? -9.858  -15.815 13.824  1.00 58.53 ? 144 ASN A CA  1 
ATOM   982  C  C   . ASN A 1 144 ? -10.957 -15.576 12.809  1.00 57.50 ? 144 ASN A C   1 
ATOM   983  O  O   . ASN A 1 144 ? -12.136 -15.572 13.150  1.00 56.50 ? 144 ASN A O   1 
ATOM   984  C  CB  . ASN A 1 144 ? -10.481 -16.129 15.183  1.00 60.14 ? 144 ASN A CB  1 
ATOM   985  C  CG  . ASN A 1 144 ? -9.511  -16.815 16.118  1.00 61.21 ? 144 ASN A CG  1 
ATOM   986  O  OD1 . ASN A 1 144 ? -8.457  -16.269 16.451  1.00 62.32 ? 144 ASN A OD1 1 
ATOM   987  N  ND2 . ASN A 1 144 ? -9.864  -18.021 16.550  1.00 61.29 ? 144 ASN A ND2 1 
ATOM   988  N  N   . ARG A 1 145 ? -10.561 -15.377 11.557  1.00 57.01 ? 145 ARG A N   1 
ATOM   989  C  CA  . ARG A 1 145 ? -11.527 -15.150 10.495  1.00 57.62 ? 145 ARG A CA  1 
ATOM   990  C  C   . ARG A 1 145 ? -11.589 -16.399 9.618   1.00 57.66 ? 145 ARG A C   1 
ATOM   991  O  O   . ARG A 1 145 ? -10.701 -16.644 8.799   1.00 57.68 ? 145 ARG A O   1 
ATOM   992  C  CB  . ARG A 1 145 ? -11.125 -13.925 9.665   1.00 58.27 ? 145 ARG A CB  1 
ATOM   993  C  CG  . ARG A 1 145 ? -12.191 -13.474 8.658   1.00 60.29 ? 145 ARG A CG  1 
ATOM   994  C  CD  . ARG A 1 145 ? -11.811 -12.180 7.928   1.00 60.28 ? 145 ARG A CD  1 
ATOM   995  N  NE  . ARG A 1 145 ? -10.566 -12.311 7.174   1.00 62.79 ? 145 ARG A NE  1 
ATOM   996  C  CZ  . ARG A 1 145 ? -9.809  -11.284 6.801   1.00 64.15 ? 145 ARG A CZ  1 
ATOM   997  N  NH1 . ARG A 1 145 ? -8.690  -11.493 6.117   1.00 64.49 ? 145 ARG A NH1 1 
ATOM   998  N  NH2 . ARG A 1 145 ? -10.163 -10.047 7.124   1.00 65.71 ? 145 ARG A NH2 1 
ATOM   999  N  N   . GLU A 1 146 ? -12.642 -17.188 9.801   1.00 57.73 ? 146 GLU A N   1 
ATOM   1000 C  CA  . GLU A 1 146 ? -12.821 -18.422 9.045   1.00 58.36 ? 146 GLU A CA  1 
ATOM   1001 C  C   . GLU A 1 146 ? -12.463 -18.238 7.566   1.00 57.32 ? 146 GLU A C   1 
ATOM   1002 O  O   . GLU A 1 146 ? -12.894 -17.276 6.922   1.00 57.85 ? 146 GLU A O   1 
ATOM   1003 C  CB  . GLU A 1 146 ? -14.264 -18.921 9.203   1.00 60.86 ? 146 GLU A CB  1 
ATOM   1004 C  CG  . GLU A 1 146 ? -14.743 -18.958 10.667  1.00 66.69 ? 146 GLU A CG  1 
ATOM   1005 C  CD  . GLU A 1 146 ? -13.972 -19.965 11.549  1.00 69.97 ? 146 GLU A CD  1 
ATOM   1006 O  OE1 . GLU A 1 146 ? -14.374 -21.156 11.596  1.00 70.43 ? 146 GLU A OE1 1 
ATOM   1007 O  OE2 . GLU A 1 146 ? -12.963 -19.565 12.189  1.00 69.26 ? 146 GLU A OE2 1 
ATOM   1008 N  N   . ILE A 1 147 ? -11.653 -19.154 7.040   1.00 55.31 ? 147 ILE A N   1 
ATOM   1009 C  CA  . ILE A 1 147 ? -11.227 -19.102 5.645   1.00 52.16 ? 147 ILE A CA  1 
ATOM   1010 C  C   . ILE A 1 147 ? -12.416 -18.850 4.727   1.00 53.22 ? 147 ILE A C   1 
ATOM   1011 O  O   . ILE A 1 147 ? -12.410 -17.913 3.924   1.00 52.05 ? 147 ILE A O   1 
ATOM   1012 C  CB  . ILE A 1 147 ? -10.540 -20.420 5.225   1.00 49.06 ? 147 ILE A CB  1 
ATOM   1013 C  CG1 . ILE A 1 147 ? -9.205  -20.563 5.956   1.00 47.77 ? 147 ILE A CG1 1 
ATOM   1014 C  CG2 . ILE A 1 147 ? -10.339 -20.450 3.726   1.00 47.28 ? 147 ILE A CG2 1 
ATOM   1015 C  CD1 . ILE A 1 147 ? -8.413  -21.797 5.560   1.00 45.74 ? 147 ILE A CD1 1 
ATOM   1016 N  N   . ALA A 1 148 ? -13.440 -19.684 4.862   1.00 55.00 ? 148 ALA A N   1 
ATOM   1017 C  CA  . ALA A 1 148 ? -14.640 -19.561 4.047   1.00 57.45 ? 148 ALA A CA  1 
ATOM   1018 C  C   . ALA A 1 148 ? -15.815 -20.200 4.753   1.00 59.44 ? 148 ALA A C   1 
ATOM   1019 O  O   . ALA A 1 148 ? -15.677 -20.707 5.861   1.00 59.70 ? 148 ALA A O   1 
ATOM   1020 C  CB  . ALA A 1 148 ? -14.423 -20.227 2.700   1.00 56.84 ? 148 ALA A CB  1 
ATOM   1021 N  N   . ASN A 1 149 ? -16.970 -20.182 4.100   1.00 63.11 ? 149 ASN A N   1 
ATOM   1022 C  CA  . ASN A 1 149 ? -18.169 -20.761 4.687   1.00 66.95 ? 149 ASN A CA  1 
ATOM   1023 C  C   . ASN A 1 149 ? -19.347 -20.687 3.712   1.00 70.30 ? 149 ASN A C   1 
ATOM   1024 O  O   . ASN A 1 149 ? -20.083 -19.702 3.704   1.00 71.19 ? 149 ASN A O   1 
ATOM   1025 C  CB  . ASN A 1 149 ? -18.502 -20.001 5.964   1.00 66.00 ? 149 ASN A CB  1 
ATOM   1026 C  CG  . ASN A 1 149 ? -19.449 -20.747 6.843   1.00 65.28 ? 149 ASN A CG  1 
ATOM   1027 O  OD1 . ASN A 1 149 ? -20.543 -21.116 6.423   1.00 65.43 ? 149 ASN A OD1 1 
ATOM   1028 N  ND2 . ASN A 1 149 ? -19.035 -20.985 8.078   1.00 64.93 ? 149 ASN A ND2 1 
ATOM   1029 N  N   . GLN A 1 150 ? -19.525 -21.728 2.898   1.00 74.29 ? 150 GLN A N   1 
ATOM   1030 C  CA  . GLN A 1 150 ? -20.610 -21.758 1.910   1.00 77.64 ? 150 GLN A CA  1 
ATOM   1031 C  C   . GLN A 1 150 ? -21.950 -21.310 2.476   1.00 79.71 ? 150 GLN A C   1 
ATOM   1032 O  O   . GLN A 1 150 ? -22.699 -20.581 1.823   1.00 80.35 ? 150 GLN A O   1 
ATOM   1033 C  CB  . GLN A 1 150 ? -20.777 -23.165 1.321   1.00 78.23 ? 150 GLN A CB  1 
ATOM   1034 C  CG  . GLN A 1 150 ? -20.063 -23.384 -0.009  1.00 79.44 ? 150 GLN A CG  1 
ATOM   1035 C  CD  . GLN A 1 150 ? -18.813 -24.243 0.119   1.00 79.34 ? 150 GLN A CD  1 
ATOM   1036 O  OE1 . GLN A 1 150 ? -18.890 -25.423 0.470   1.00 77.65 ? 150 GLN A OE1 1 
ATOM   1037 N  NE2 . GLN A 1 150 ? -17.653 -23.651 -0.166  1.00 78.42 ? 150 GLN A NE2 1 
ATOM   1038 N  N   . ASN A 1 151 ? -22.245 -21.746 3.694   1.00 81.35 ? 151 ASN A N   1 
ATOM   1039 C  CA  . ASN A 1 151 ? -23.501 -21.406 4.336   1.00 81.70 ? 151 ASN A CA  1 
ATOM   1040 C  C   . ASN A 1 151 ? -23.290 -20.404 5.475   1.00 80.72 ? 151 ASN A C   1 
ATOM   1041 O  O   . ASN A 1 151 ? -23.061 -19.217 5.241   1.00 78.37 ? 151 ASN A O   1 
ATOM   1042 C  CB  . ASN A 1 151 ? -24.148 -22.687 4.860   1.00 83.68 ? 151 ASN A CB  1 
ATOM   1043 C  CG  . ASN A 1 151 ? -25.641 -22.552 5.026   1.00 85.78 ? 151 ASN A CG  1 
ATOM   1044 O  OD1 . ASN A 1 151 ? -26.352 -22.226 4.070   1.00 86.03 ? 151 ASN A OD1 1 
ATOM   1045 N  ND2 . ASN A 1 151 ? -26.132 -22.806 6.239   1.00 86.69 ? 151 ASN A ND2 1 
ATOM   1046 N  N   . PRO A 1 153 ? -21.217 -16.560 4.528   1.00 72.25 ? 153 PRO A N   1 
ATOM   1047 C  CA  . PRO A 1 153 ? -20.117 -15.783 3.947   1.00 73.24 ? 153 PRO A CA  1 
ATOM   1048 C  C   . PRO A 1 153 ? -20.096 -14.332 4.431   1.00 74.42 ? 153 PRO A C   1 
ATOM   1049 O  O   . PRO A 1 153 ? -19.569 -13.458 3.744   1.00 75.71 ? 153 PRO A O   1 
ATOM   1050 C  CB  . PRO A 1 153 ? -20.394 -15.861 2.444   1.00 71.65 ? 153 PRO A CB  1 
ATOM   1051 C  CG  . PRO A 1 153 ? -21.080 -17.164 2.292   1.00 70.94 ? 153 PRO A CG  1 
ATOM   1052 C  CD  . PRO A 1 153 ? -22.024 -17.186 3.467   1.00 71.74 ? 153 PRO A CD  1 
ATOM   1053 N  N   . LYS A 1 154 ? -20.661 -14.073 5.605   1.00 75.22 ? 154 LYS A N   1 
ATOM   1054 C  CA  . LYS A 1 154 ? -20.711 -12.709 6.127   1.00 75.55 ? 154 LYS A CA  1 
ATOM   1055 C  C   . LYS A 1 154 ? -19.382 -12.172 6.654   1.00 73.95 ? 154 LYS A C   1 
ATOM   1056 O  O   . LYS A 1 154 ? -19.159 -10.961 6.661   1.00 74.61 ? 154 LYS A O   1 
ATOM   1057 C  CB  . LYS A 1 154 ? -21.788 -12.588 7.219   1.00 77.73 ? 154 LYS A CB  1 
ATOM   1058 C  CG  . LYS A 1 154 ? -23.231 -12.611 6.688   1.00 80.74 ? 154 LYS A CG  1 
ATOM   1059 C  CD  . LYS A 1 154 ? -24.266 -12.566 7.818   1.00 82.51 ? 154 LYS A CD  1 
ATOM   1060 C  CE  . LYS A 1 154 ? -25.700 -12.702 7.292   1.00 82.61 ? 154 LYS A CE  1 
ATOM   1061 N  NZ  . LYS A 1 154 ? -26.703 -12.835 8.397   1.00 82.40 ? 154 LYS A NZ  1 
ATOM   1062 N  N   . ASN A 1 155 ? -18.491 -13.054 7.090   1.00 70.85 ? 155 ASN A N   1 
ATOM   1063 C  CA  . ASN A 1 155 ? -17.218 -12.580 7.609   1.00 68.49 ? 155 ASN A CA  1 
ATOM   1064 C  C   . ASN A 1 155 ? -16.066 -13.457 7.194   1.00 66.59 ? 155 ASN A C   1 
ATOM   1065 O  O   . ASN A 1 155 ? -14.946 -13.298 7.678   1.00 67.29 ? 155 ASN A O   1 
ATOM   1066 C  CB  . ASN A 1 155 ? -17.272 -12.479 9.131   1.00 69.18 ? 155 ASN A CB  1 
ATOM   1067 C  CG  . ASN A 1 155 ? -18.108 -11.307 9.597   1.00 70.10 ? 155 ASN A CG  1 
ATOM   1068 O  OD1 . ASN A 1 155 ? -17.741 -10.150 9.382   1.00 70.59 ? 155 ASN A OD1 1 
ATOM   1069 N  ND2 . ASN A 1 155 ? -19.243 -11.596 10.226  1.00 70.33 ? 155 ASN A ND2 1 
ATOM   1070 N  N   . THR A 1 156 ? -16.340 -14.380 6.283   1.00 63.31 ? 156 THR A N   1 
ATOM   1071 C  CA  . THR A 1 156 ? -15.309 -15.273 5.804   1.00 57.95 ? 156 THR A CA  1 
ATOM   1072 C  C   . THR A 1 156 ? -14.301 -14.488 4.970   1.00 53.74 ? 156 THR A C   1 
ATOM   1073 O  O   . THR A 1 156 ? -14.664 -13.577 4.216   1.00 51.25 ? 156 THR A O   1 
ATOM   1074 C  CB  . THR A 1 156 ? -15.923 -16.414 4.956   1.00 59.45 ? 156 THR A CB  1 
ATOM   1075 O  OG1 . THR A 1 156 ? -16.361 -15.905 3.689   1.00 59.70 ? 156 THR A OG1 1 
ATOM   1076 C  CG2 . THR A 1 156 ? -17.119 -17.019 5.679   1.00 59.93 ? 156 THR A CG2 1 
ATOM   1077 N  N   . THR A 1 157 ? -13.029 -14.831 5.145   1.00 49.70 ? 157 THR A N   1 
ATOM   1078 C  CA  . THR A 1 157 ? -11.943 -14.199 4.409   1.00 46.22 ? 157 THR A CA  1 
ATOM   1079 C  C   . THR A 1 157 ? -12.259 -14.272 2.907   1.00 45.50 ? 157 THR A C   1 
ATOM   1080 O  O   . THR A 1 157 ? -12.060 -13.299 2.174   1.00 44.79 ? 157 THR A O   1 
ATOM   1081 C  CB  . THR A 1 157 ? -10.595 -14.907 4.713   1.00 44.80 ? 157 THR A CB  1 
ATOM   1082 O  OG1 . THR A 1 157 ? -10.308 -14.796 6.112   1.00 43.41 ? 157 THR A OG1 1 
ATOM   1083 C  CG2 . THR A 1 157 ? -9.447  -14.285 3.922   1.00 42.99 ? 157 THR A CG2 1 
ATOM   1084 N  N   . LEU A 1 158 ? -12.769 -15.417 2.451   1.00 43.65 ? 158 LEU A N   1 
ATOM   1085 C  CA  . LEU A 1 158 ? -13.118 -15.563 1.041   1.00 42.06 ? 158 LEU A CA  1 
ATOM   1086 C  C   . LEU A 1 158 ? -14.004 -14.415 0.594   1.00 41.73 ? 158 LEU A C   1 
ATOM   1087 O  O   . LEU A 1 158 ? -13.785 -13.846 -0.465  1.00 42.70 ? 158 LEU A O   1 
ATOM   1088 C  CB  . LEU A 1 158 ? -13.863 -16.877 0.764   1.00 40.78 ? 158 LEU A CB  1 
ATOM   1089 C  CG  . LEU A 1 158 ? -14.420 -16.998 -0.674  1.00 39.50 ? 158 LEU A CG  1 
ATOM   1090 C  CD1 . LEU A 1 158 ? -13.301 -17.341 -1.636  1.00 38.70 ? 158 LEU A CD1 1 
ATOM   1091 C  CD2 . LEU A 1 158 ? -15.506 -18.068 -0.750  1.00 40.46 ? 158 LEU A CD2 1 
ATOM   1092 N  N   . GLN A 1 159 ? -15.001 -14.069 1.400   1.00 41.94 ? 159 GLN A N   1 
ATOM   1093 C  CA  . GLN A 1 159 ? -15.918 -12.999 1.035   1.00 42.24 ? 159 GLN A CA  1 
ATOM   1094 C  C   . GLN A 1 159 ? -15.222 -11.642 0.924   1.00 40.99 ? 159 GLN A C   1 
ATOM   1095 O  O   . GLN A 1 159 ? -15.611 -10.799 0.110   1.00 38.94 ? 159 GLN A O   1 
ATOM   1096 C  CB  . GLN A 1 159 ? -17.076 -12.921 2.032   1.00 43.94 ? 159 GLN A CB  1 
ATOM   1097 C  CG  . GLN A 1 159 ? -18.253 -12.085 1.524   1.00 47.04 ? 159 GLN A CG  1 
ATOM   1098 C  CD  . GLN A 1 159 ? -18.783 -12.557 0.166   1.00 49.01 ? 159 GLN A CD  1 
ATOM   1099 O  OE1 . GLN A 1 159 ? -19.236 -11.752 -0.658  1.00 49.84 ? 159 GLN A OE1 1 
ATOM   1100 N  NE2 . GLN A 1 159 ? -18.736 -13.868 -0.065  1.00 49.13 ? 159 GLN A NE2 1 
ATOM   1101 N  N   . HIS A 1 160 ? -14.192 -11.439 1.739   1.00 39.66 ? 160 HIS A N   1 
ATOM   1102 C  CA  . HIS A 1 160 ? -13.434 -10.199 1.697   1.00 39.08 ? 160 HIS A CA  1 
ATOM   1103 C  C   . HIS A 1 160 ? -12.919 -9.984  0.259   1.00 38.68 ? 160 HIS A C   1 
ATOM   1104 O  O   . HIS A 1 160 ? -12.800 -8.849  -0.212  1.00 38.13 ? 160 HIS A O   1 
ATOM   1105 C  CB  . HIS A 1 160 ? -12.281 -10.270 2.701   1.00 40.61 ? 160 HIS A CB  1 
ATOM   1106 C  CG  . HIS A 1 160 ? -11.483 -9.010  2.790   1.00 43.84 ? 160 HIS A CG  1 
ATOM   1107 N  ND1 . HIS A 1 160 ? -12.053 -7.786  3.068   1.00 45.08 ? 160 HIS A ND1 1 
ATOM   1108 C  CD2 . HIS A 1 160 ? -10.165 -8.774  2.590   1.00 45.14 ? 160 HIS A CD2 1 
ATOM   1109 C  CE1 . HIS A 1 160 ? -11.122 -6.850  3.031   1.00 45.70 ? 160 HIS A CE1 1 
ATOM   1110 N  NE2 . HIS A 1 160 ? -9.967  -7.422  2.743   1.00 46.35 ? 160 HIS A NE2 1 
ATOM   1111 N  N   . PHE A 1 161 ? -12.627 -11.076 -0.444  1.00 38.15 ? 161 PHE A N   1 
ATOM   1112 C  CA  . PHE A 1 161 ? -12.169 -10.968 -1.828  1.00 37.97 ? 161 PHE A CA  1 
ATOM   1113 C  C   . PHE A 1 161 ? -13.261 -10.419 -2.741  1.00 38.72 ? 161 PHE A C   1 
ATOM   1114 O  O   . PHE A 1 161 ? -12.983 -9.658  -3.662  1.00 39.66 ? 161 PHE A O   1 
ATOM   1115 C  CB  . PHE A 1 161 ? -11.705 -12.322 -2.375  1.00 35.70 ? 161 PHE A CB  1 
ATOM   1116 C  CG  . PHE A 1 161 ? -10.323 -12.719 -1.929  1.00 33.98 ? 161 PHE A CG  1 
ATOM   1117 C  CD1 . PHE A 1 161 ? -10.091 -13.144 -0.629  1.00 33.00 ? 161 PHE A CD1 1 
ATOM   1118 C  CD2 . PHE A 1 161 ? -9.250  -12.659 -2.810  1.00 30.06 ? 161 PHE A CD2 1 
ATOM   1119 C  CE1 . PHE A 1 161 ? -8.810  -13.501 -0.222  1.00 31.37 ? 161 PHE A CE1 1 
ATOM   1120 C  CE2 . PHE A 1 161 ? -7.973  -13.017 -2.402  1.00 27.77 ? 161 PHE A CE2 1 
ATOM   1121 C  CZ  . PHE A 1 161 ? -7.753  -13.436 -1.112  1.00 28.59 ? 161 PHE A CZ  1 
ATOM   1122 N  N   . TYR A 1 162 ? -14.504 -10.808 -2.496  1.00 38.93 ? 162 TYR A N   1 
ATOM   1123 C  CA  . TYR A 1 162 ? -15.597 -10.320 -3.320  1.00 39.12 ? 162 TYR A CA  1 
ATOM   1124 C  C   . TYR A 1 162 ? -16.072 -8.924  -2.918  1.00 40.01 ? 162 TYR A C   1 
ATOM   1125 O  O   . TYR A 1 162 ? -16.613 -8.188  -3.741  1.00 38.89 ? 162 TYR A O   1 
ATOM   1126 C  CB  . TYR A 1 162 ? -16.762 -11.301 -3.268  1.00 36.55 ? 162 TYR A CB  1 
ATOM   1127 C  CG  . TYR A 1 162 ? -16.490 -12.581 -4.020  1.00 35.30 ? 162 TYR A CG  1 
ATOM   1128 C  CD1 . TYR A 1 162 ? -16.208 -12.568 -5.392  1.00 35.96 ? 162 TYR A CD1 1 
ATOM   1129 C  CD2 . TYR A 1 162 ? -16.510 -13.811 -3.368  1.00 33.76 ? 162 TYR A CD2 1 
ATOM   1130 C  CE1 . TYR A 1 162 ? -15.955 -13.755 -6.091  1.00 34.00 ? 162 TYR A CE1 1 
ATOM   1131 C  CE2 . TYR A 1 162 ? -16.256 -14.996 -4.056  1.00 31.52 ? 162 TYR A CE2 1 
ATOM   1132 C  CZ  . TYR A 1 162 ? -15.982 -14.960 -5.406  1.00 32.12 ? 162 TYR A CZ  1 
ATOM   1133 O  OH  . TYR A 1 162 ? -15.731 -16.125 -6.077  1.00 32.84 ? 162 TYR A OH  1 
ATOM   1134 N  N   . ASP A 1 163 ? -15.856 -8.563  -1.657  1.00 41.10 ? 163 ASP A N   1 
ATOM   1135 C  CA  . ASP A 1 163 ? -16.289 -7.267  -1.156  1.00 43.23 ? 163 ASP A CA  1 
ATOM   1136 C  C   . ASP A 1 163 ? -15.283 -6.143  -1.370  1.00 43.72 ? 163 ASP A C   1 
ATOM   1137 O  O   . ASP A 1 163 ? -15.667 -5.052  -1.783  1.00 45.04 ? 163 ASP A O   1 
ATOM   1138 C  CB  . ASP A 1 163 ? -16.636 -7.354  0.335   1.00 44.17 ? 163 ASP A CB  1 
ATOM   1139 C  CG  . ASP A 1 163 ? -17.851 -8.239  0.614   1.00 45.68 ? 163 ASP A CG  1 
ATOM   1140 O  OD1 . ASP A 1 163 ? -18.533 -8.677  -0.352  1.00 44.61 ? 163 ASP A OD1 1 
ATOM   1141 O  OD2 . ASP A 1 163 ? -18.122 -8.484  1.815   1.00 45.05 ? 163 ASP A OD2 1 
ATOM   1142 N  N   . LYS A 1 164 ? -14.007 -6.397  -1.085  1.00 43.20 ? 164 LYS A N   1 
ATOM   1143 C  CA  . LYS A 1 164 ? -12.977 -5.376  -1.259  1.00 41.97 ? 164 LYS A CA  1 
ATOM   1144 C  C   . LYS A 1 164 ? -11.955 -5.720  -2.327  1.00 40.11 ? 164 LYS A C   1 
ATOM   1145 O  O   . LYS A 1 164 ? -12.063 -5.287  -3.464  1.00 39.81 ? 164 LYS A O   1 
ATOM   1146 C  CB  . LYS A 1 164 ? -12.217 -5.133  0.046   1.00 44.57 ? 164 LYS A CB  1 
ATOM   1147 C  CG  . LYS A 1 164 ? -12.945 -4.316  1.092   1.00 48.85 ? 164 LYS A CG  1 
ATOM   1148 C  CD  . LYS A 1 164 ? -11.979 -3.314  1.743   1.00 51.23 ? 164 LYS A CD  1 
ATOM   1149 C  CE  . LYS A 1 164 ? -12.422 -2.918  3.157   1.00 52.20 ? 164 LYS A CE  1 
ATOM   1150 N  NZ  . LYS A 1 164 ? -12.086 -3.961  4.185   1.00 50.17 ? 164 LYS A NZ  1 
ATOM   1151 N  N   . LEU A 1 165 ? -10.959 -6.497  -1.925  1.00 38.81 ? 165 LEU A N   1 
ATOM   1152 C  CA  . LEU A 1 165 ? -9.864  -6.907  -2.780  1.00 37.69 ? 165 LEU A CA  1 
ATOM   1153 C  C   . LEU A 1 165 ? -10.097 -6.867  -4.282  1.00 37.64 ? 165 LEU A C   1 
ATOM   1154 O  O   . LEU A 1 165 ? -9.497  -6.042  -4.974  1.00 38.61 ? 165 LEU A O   1 
ATOM   1155 C  CB  . LEU A 1 165 ? -9.393  -8.293  -2.359  1.00 37.39 ? 165 LEU A CB  1 
ATOM   1156 C  CG  . LEU A 1 165 ? -9.024  -8.395  -0.871  1.00 37.88 ? 165 LEU A CG  1 
ATOM   1157 C  CD1 . LEU A 1 165 ? -8.289  -9.706  -0.649  1.00 38.59 ? 165 LEU A CD1 1 
ATOM   1158 C  CD2 . LEU A 1 165 ? -8.144  -7.225  -0.436  1.00 35.91 ? 165 LEU A CD2 1 
ATOM   1159 N  N   . LEU A 1 166 ? -10.953 -7.751  -4.792  1.00 37.26 ? 166 LEU A N   1 
ATOM   1160 C  CA  . LEU A 1 166 ? -11.242 -7.815  -6.230  1.00 35.98 ? 166 LEU A CA  1 
ATOM   1161 C  C   . LEU A 1 166 ? -11.686 -6.488  -6.842  1.00 35.64 ? 166 LEU A C   1 
ATOM   1162 O  O   . LEU A 1 166 ? -11.480 -6.250  -8.036  1.00 34.99 ? 166 LEU A O   1 
ATOM   1163 C  CB  . LEU A 1 166 ? -12.292 -8.894  -6.499  1.00 36.57 ? 166 LEU A CB  1 
ATOM   1164 C  CG  . LEU A 1 166 ? -11.781 -10.222 -7.084  1.00 37.48 ? 166 LEU A CG  1 
ATOM   1165 C  CD1 . LEU A 1 166 ? -10.590 -10.732 -6.309  1.00 37.96 ? 166 LEU A CD1 1 
ATOM   1166 C  CD2 . LEU A 1 166 ? -12.909 -11.253 -7.057  1.00 38.69 ? 166 LEU A CD2 1 
ATOM   1167 N  N   . LEU A 1 167 ? -12.279 -5.636  -6.011  1.00 35.60 ? 167 LEU A N   1 
ATOM   1168 C  CA  . LEU A 1 167 ? -12.747 -4.314  -6.418  1.00 37.69 ? 167 LEU A CA  1 
ATOM   1169 C  C   . LEU A 1 167 ? -11.644 -3.255  -6.475  1.00 39.50 ? 167 LEU A C   1 
ATOM   1170 O  O   . LEU A 1 167 ? -11.764 -2.270  -7.208  1.00 40.77 ? 167 LEU A O   1 
ATOM   1171 C  CB  . LEU A 1 167 ? -13.827 -3.826  -5.460  1.00 38.55 ? 167 LEU A CB  1 
ATOM   1172 C  CG  . LEU A 1 167 ? -15.245 -4.227  -5.805  1.00 38.43 ? 167 LEU A CG  1 
ATOM   1173 C  CD1 . LEU A 1 167 ? -15.664 -3.520  -7.088  1.00 41.68 ? 167 LEU A CD1 1 
ATOM   1174 C  CD2 . LEU A 1 167 ? -15.310 -5.724  -5.961  1.00 40.24 ? 167 LEU A CD2 1 
ATOM   1175 N  N   . ILE A 1 168 ? -10.587 -3.448  -5.686  1.00 40.06 ? 168 ILE A N   1 
ATOM   1176 C  CA  . ILE A 1 168 ? -9.474  -2.509  -5.633  1.00 40.44 ? 168 ILE A CA  1 
ATOM   1177 C  C   . ILE A 1 168 ? -8.899  -2.256  -7.020  1.00 41.19 ? 168 ILE A C   1 
ATOM   1178 O  O   . ILE A 1 168 ? -8.767  -1.114  -7.445  1.00 40.74 ? 168 ILE A O   1 
ATOM   1179 C  CB  . ILE A 1 168 ? -8.342  -3.025  -4.702  1.00 39.91 ? 168 ILE A CB  1 
ATOM   1180 C  CG1 . ILE A 1 168 ? -8.805  -3.015  -3.250  1.00 37.91 ? 168 ILE A CG1 1 
ATOM   1181 C  CG2 . ILE A 1 168 ? -7.110  -2.132  -4.817  1.00 40.49 ? 168 ILE A CG2 1 
ATOM   1182 C  CD1 . ILE A 1 168 ? -7.802  -3.610  -2.295  1.00 37.11 ? 168 ILE A CD1 1 
ATOM   1183 N  N   . LYS A 1 169 ? -8.560  -3.326  -7.722  1.00 42.89 ? 169 LYS A N   1 
ATOM   1184 C  CA  . LYS A 1 169 ? -8.007  -3.217  -9.065  1.00 44.83 ? 169 LYS A CA  1 
ATOM   1185 C  C   . LYS A 1 169 ? -8.667  -2.131  -9.919  1.00 45.59 ? 169 LYS A C   1 
ATOM   1186 O  O   . LYS A 1 169 ? -8.014  -1.517  -10.758 1.00 45.95 ? 169 LYS A O   1 
ATOM   1187 C  CB  . LYS A 1 169 ? -8.124  -4.577  -9.755  1.00 45.10 ? 169 LYS A CB  1 
ATOM   1188 C  CG  . LYS A 1 169 ? -8.255  -4.548  -11.261 1.00 43.26 ? 169 LYS A CG  1 
ATOM   1189 C  CD  . LYS A 1 169 ? -6.979  -4.134  -11.942 1.00 42.29 ? 169 LYS A CD  1 
ATOM   1190 C  CE  . LYS A 1 169 ? -7.006  -4.587  -13.393 1.00 42.10 ? 169 LYS A CE  1 
ATOM   1191 N  NZ  . LYS A 1 169 ? -8.283  -4.197  -14.065 1.00 39.70 ? 169 LYS A NZ  1 
ATOM   1192 N  N   . ASP A 1 170 ? -9.952  -1.881  -9.701  1.00 47.47 ? 170 ASP A N   1 
ATOM   1193 C  CA  . ASP A 1 170 ? -10.666 -0.878  -10.493 1.00 49.14 ? 170 ASP A CA  1 
ATOM   1194 C  C   . ASP A 1 170 ? -10.733 0.527   -9.893  1.00 48.37 ? 170 ASP A C   1 
ATOM   1195 O  O   . ASP A 1 170 ? -10.851 1.515   -10.621 1.00 47.29 ? 170 ASP A O   1 
ATOM   1196 C  CB  . ASP A 1 170 ? -12.087 -1.360  -10.772 1.00 52.93 ? 170 ASP A CB  1 
ATOM   1197 C  CG  . ASP A 1 170 ? -12.433 -1.300  -12.234 1.00 56.44 ? 170 ASP A CG  1 
ATOM   1198 O  OD1 . ASP A 1 170 ? -11.886 -2.140  -12.999 1.00 55.96 ? 170 ASP A OD1 1 
ATOM   1199 O  OD2 . ASP A 1 170 ? -13.243 -0.408  -12.610 1.00 58.71 ? 170 ASP A OD2 1 
ATOM   1200 N  N   . GLN A 1 171 ? -10.689 0.595   -8.566  1.00 47.82 ? 171 GLN A N   1 
ATOM   1201 C  CA  . GLN A 1 171 ? -10.729 1.853   -7.836  1.00 46.78 ? 171 GLN A CA  1 
ATOM   1202 C  C   . GLN A 1 171 ? -9.397  2.608   -8.009  1.00 44.15 ? 171 GLN A C   1 
ATOM   1203 O  O   . GLN A 1 171 ? -9.292  3.787   -7.670  1.00 42.72 ? 171 GLN A O   1 
ATOM   1204 C  CB  . GLN A 1 171 ? -10.993 1.570   -6.351  1.00 50.47 ? 171 GLN A CB  1 
ATOM   1205 C  CG  . GLN A 1 171 ? -12.309 0.821   -6.069  1.00 55.41 ? 171 GLN A CG  1 
ATOM   1206 C  CD  . GLN A 1 171 ? -12.326 0.104   -4.707  1.00 59.32 ? 171 GLN A CD  1 
ATOM   1207 O  OE1 . GLN A 1 171 ? -13.343 -0.483  -4.309  1.00 60.32 ? 171 GLN A OE1 1 
ATOM   1208 N  NE2 . GLN A 1 171 ? -11.193 0.140   -3.997  1.00 60.82 ? 171 GLN A NE2 1 
ATOM   1209 N  N   . LEU A 1 172 ? -8.382  1.924   -8.536  1.00 41.34 ? 172 LEU A N   1 
ATOM   1210 C  CA  . LEU A 1 172 ? -7.077  2.537   -8.761  1.00 39.04 ? 172 LEU A CA  1 
ATOM   1211 C  C   . LEU A 1 172 ? -7.220  3.817   -9.572  1.00 39.03 ? 172 LEU A C   1 
ATOM   1212 O  O   . LEU A 1 172 ? -7.967  3.846   -10.548 1.00 38.76 ? 172 LEU A O   1 
ATOM   1213 C  CB  . LEU A 1 172 ? -6.171  1.566   -9.509  1.00 36.27 ? 172 LEU A CB  1 
ATOM   1214 C  CG  . LEU A 1 172 ? -5.693  0.409   -8.648  1.00 35.36 ? 172 LEU A CG  1 
ATOM   1215 C  CD1 . LEU A 1 172 ? -4.700  -0.427  -9.432  1.00 35.27 ? 172 LEU A CD1 1 
ATOM   1216 C  CD2 . LEU A 1 172 ? -5.044  0.957   -7.392  1.00 34.91 ? 172 LEU A CD2 1 
ATOM   1217 N  N   . ASN A 1 173 ? -6.516  4.879   -9.189  1.00 37.62 ? 173 ASN A N   1 
ATOM   1218 C  CA  . ASN A 1 173 ? -6.648  6.115   -9.954  1.00 38.65 ? 173 ASN A CA  1 
ATOM   1219 C  C   . ASN A 1 173 ? -5.413  6.473   -10.768 1.00 38.04 ? 173 ASN A C   1 
ATOM   1220 O  O   . ASN A 1 173 ? -4.943  7.597   -10.739 1.00 39.50 ? 173 ASN A O   1 
ATOM   1221 C  CB  . ASN A 1 173 ? -7.082  7.282   -9.040  1.00 37.95 ? 173 ASN A CB  1 
ATOM   1222 C  CG  . ASN A 1 173 ? -6.213  7.435   -7.829  1.00 36.68 ? 173 ASN A CG  1 
ATOM   1223 O  OD1 . ASN A 1 173 ? -6.704  7.678   -6.737  1.00 35.36 ? 173 ASN A OD1 1 
ATOM   1224 N  ND2 . ASN A 1 173 ? -4.909  7.320   -8.017  1.00 38.96 ? 173 ASN A ND2 1 
ATOM   1225 N  N   . THR A 1 174 ? -4.923  5.505   -11.526 1.00 38.16 ? 174 THR A N   1 
ATOM   1226 C  CA  . THR A 1 174 ? -3.745  5.682   -12.353 1.00 38.29 ? 174 THR A CA  1 
ATOM   1227 C  C   . THR A 1 174 ? -3.692  4.533   -13.345 1.00 40.22 ? 174 THR A C   1 
ATOM   1228 O  O   . THR A 1 174 ? -3.837  3.362   -12.969 1.00 40.97 ? 174 THR A O   1 
ATOM   1229 C  CB  . THR A 1 174 ? -2.461  5.622   -11.512 1.00 37.25 ? 174 THR A CB  1 
ATOM   1230 O  OG1 . THR A 1 174 ? -2.242  6.885   -10.886 1.00 38.17 ? 174 THR A OG1 1 
ATOM   1231 C  CG2 . THR A 1 174 ? -1.267  5.253   -12.365 1.00 35.86 ? 174 THR A CG2 1 
ATOM   1232 N  N   . GLU A 1 175 ? -3.474  4.861   -14.609 1.00 40.58 ? 175 GLU A N   1 
ATOM   1233 C  CA  . GLU A 1 175 ? -3.394  3.831   -15.624 1.00 39.86 ? 175 GLU A CA  1 
ATOM   1234 C  C   . GLU A 1 175 ? -2.171  2.959   -15.424 1.00 38.32 ? 175 GLU A C   1 
ATOM   1235 O  O   . GLU A 1 175 ? -2.218  1.758   -15.671 1.00 40.22 ? 175 GLU A O   1 
ATOM   1236 C  CB  . GLU A 1 175 ? -3.356  4.456   -17.013 1.00 42.38 ? 175 GLU A CB  1 
ATOM   1237 C  CG  . GLU A 1 175 ? -4.598  4.149   -17.810 1.00 46.95 ? 175 GLU A CG  1 
ATOM   1238 C  CD  . GLU A 1 175 ? -5.864  4.561   -17.082 1.00 49.65 ? 175 GLU A CD  1 
ATOM   1239 O  OE1 . GLU A 1 175 ? -6.956  4.105   -17.499 1.00 49.99 ? 175 GLU A OE1 1 
ATOM   1240 O  OE2 . GLU A 1 175 ? -5.769  5.345   -16.102 1.00 51.12 ? 175 GLU A OE2 1 
ATOM   1241 N  N   . THR A 1 176 ? -1.068  3.551   -14.990 1.00 35.36 ? 176 THR A N   1 
ATOM   1242 C  CA  . THR A 1 176 ? 0.122   2.745   -14.790 1.00 34.49 ? 176 THR A CA  1 
ATOM   1243 C  C   . THR A 1 176 ? -0.198  1.750   -13.693 1.00 34.39 ? 176 THR A C   1 
ATOM   1244 O  O   . THR A 1 176 ? 0.019   0.548   -13.847 1.00 33.12 ? 176 THR A O   1 
ATOM   1245 C  CB  . THR A 1 176 ? 1.330   3.607   -14.394 1.00 34.12 ? 176 THR A CB  1 
ATOM   1246 O  OG1 . THR A 1 176 ? 1.594   4.554   -15.436 1.00 33.36 ? 176 THR A OG1 1 
ATOM   1247 C  CG2 . THR A 1 176 ? 2.565   2.742   -14.193 1.00 31.56 ? 176 THR A CG2 1 
ATOM   1248 N  N   . ALA A 1 177 ? -0.736  2.254   -12.590 1.00 34.45 ? 177 ALA A N   1 
ATOM   1249 C  CA  . ALA A 1 177 ? -1.107  1.390   -11.486 1.00 33.50 ? 177 ALA A CA  1 
ATOM   1250 C  C   . ALA A 1 177 ? -2.027  0.273   -11.977 1.00 31.83 ? 177 ALA A C   1 
ATOM   1251 O  O   . ALA A 1 177 ? -1.816  -0.889  -11.629 1.00 32.73 ? 177 ALA A O   1 
ATOM   1252 C  CB  . ALA A 1 177 ? -1.789  2.196   -10.387 1.00 35.67 ? 177 ALA A CB  1 
ATOM   1253 N  N   . LYS A 1 178 ? -3.028  0.612   -12.796 1.00 30.38 ? 178 LYS A N   1 
ATOM   1254 C  CA  . LYS A 1 178 ? -3.968  -0.394  -13.328 1.00 28.56 ? 178 LYS A CA  1 
ATOM   1255 C  C   . LYS A 1 178 ? -3.320  -1.501  -14.135 1.00 28.70 ? 178 LYS A C   1 
ATOM   1256 O  O   . LYS A 1 178 ? -3.795  -2.632  -14.109 1.00 30.74 ? 178 LYS A O   1 
ATOM   1257 C  CB  . LYS A 1 178 ? -5.036  0.234   -14.215 1.00 24.27 ? 178 LYS A CB  1 
ATOM   1258 C  CG  . LYS A 1 178 ? -6.027  1.088   -13.507 1.00 26.20 ? 178 LYS A CG  1 
ATOM   1259 C  CD  . LYS A 1 178 ? -6.859  1.866   -14.518 1.00 27.91 ? 178 LYS A CD  1 
ATOM   1260 C  CE  . LYS A 1 178 ? -7.680  2.970   -13.852 1.00 27.59 ? 178 LYS A CE  1 
ATOM   1261 N  NZ  . LYS A 1 178 ? -8.585  2.456   -12.785 1.00 28.99 ? 178 LYS A NZ  1 
ATOM   1262 N  N   . THR A 1 179 ? -2.254  -1.196  -14.863 1.00 29.22 ? 179 THR A N   1 
ATOM   1263 C  CA  . THR A 1 179 ? -1.635  -2.246  -15.647 1.00 31.10 ? 179 THR A CA  1 
ATOM   1264 C  C   . THR A 1 179 ? -0.711  -3.069  -14.766 1.00 32.73 ? 179 THR A C   1 
ATOM   1265 O  O   . THR A 1 179 ? -0.515  -4.248  -15.021 1.00 33.62 ? 179 THR A O   1 
ATOM   1266 C  CB  . THR A 1 179 ? -0.888  -1.699  -16.922 1.00 29.92 ? 179 THR A CB  1 
ATOM   1267 O  OG1 . THR A 1 179 ? 0.424   -1.262  -16.571 1.00 32.07 ? 179 THR A OG1 1 
ATOM   1268 C  CG2 . THR A 1 179 ? -1.657  -0.535  -17.543 1.00 26.55 ? 179 THR A CG2 1 
ATOM   1269 N  N   . ILE A 1 180 ? -0.144  -2.485  -13.715 1.00 35.36 ? 180 ILE A N   1 
ATOM   1270 C  CA  . ILE A 1 180 ? 0.711   -3.318  -12.874 1.00 39.70 ? 180 ILE A CA  1 
ATOM   1271 C  C   . ILE A 1 180 ? -0.164  -4.078  -11.903 1.00 41.55 ? 180 ILE A C   1 
ATOM   1272 O  O   . ILE A 1 180 ? 0.314   -4.793  -11.026 1.00 44.16 ? 180 ILE A O   1 
ATOM   1273 C  CB  . ILE A 1 180 ? 1.809   -2.530  -12.118 1.00 38.05 ? 180 ILE A CB  1 
ATOM   1274 C  CG1 . ILE A 1 180 ? 1.229   -1.410  -11.274 1.00 39.13 ? 180 ILE A CG1 1 
ATOM   1275 C  CG2 . ILE A 1 180 ? 2.766   -1.956  -13.123 1.00 42.29 ? 180 ILE A CG2 1 
ATOM   1276 C  CD1 . ILE A 1 180 ? 2.282   -0.352  -10.910 1.00 37.33 ? 180 ILE A CD1 1 
ATOM   1277 N  N   . ALA A 1 181 ? -1.466  -3.938  -12.097 1.00 42.10 ? 181 ALA A N   1 
ATOM   1278 C  CA  . ALA A 1 181 ? -2.425  -4.623  -11.260 1.00 43.84 ? 181 ALA A CA  1 
ATOM   1279 C  C   . ALA A 1 181 ? -3.006  -5.789  -12.050 1.00 45.68 ? 181 ALA A C   1 
ATOM   1280 O  O   . ALA A 1 181 ? -3.603  -6.698  -11.480 1.00 46.29 ? 181 ALA A O   1 
ATOM   1281 C  CB  . ALA A 1 181 ? -3.531  -3.668  -10.853 1.00 43.41 ? 181 ALA A CB  1 
ATOM   1282 N  N   . LYS A 1 182 ? -2.827  -5.760  -13.369 1.00 47.56 ? 182 LYS A N   1 
ATOM   1283 C  CA  . LYS A 1 182 ? -3.362  -6.806  -14.223 1.00 48.99 ? 182 LYS A CA  1 
ATOM   1284 C  C   . LYS A 1 182 ? -2.893  -8.194  -13.804 1.00 48.98 ? 182 LYS A C   1 
ATOM   1285 O  O   . LYS A 1 182 ? -3.710  -9.039  -13.438 1.00 49.84 ? 182 LYS A O   1 
ATOM   1286 C  CB  . LYS A 1 182 ? -3.000  -6.553  -15.691 1.00 51.28 ? 182 LYS A CB  1 
ATOM   1287 C  CG  . LYS A 1 182 ? -3.710  -7.501  -16.674 1.00 54.10 ? 182 LYS A CG  1 
ATOM   1288 C  CD  . LYS A 1 182 ? -3.470  -7.125  -18.138 1.00 56.26 ? 182 LYS A CD  1 
ATOM   1289 C  CE  . LYS A 1 182 ? -3.889  -5.681  -18.421 1.00 58.54 ? 182 LYS A CE  1 
ATOM   1290 N  NZ  . LYS A 1 182 ? -3.600  -5.276  -19.832 1.00 60.29 ? 182 LYS A NZ  1 
ATOM   1291 N  N   . GLU A 1 183 ? -1.590  -8.444  -13.853 1.00 48.03 ? 183 GLU A N   1 
ATOM   1292 C  CA  . GLU A 1 183 ? -1.092  -9.759  -13.450 1.00 47.34 ? 183 GLU A CA  1 
ATOM   1293 C  C   . GLU A 1 183 ? -1.606  -10.153 -12.067 1.00 45.73 ? 183 GLU A C   1 
ATOM   1294 O  O   . GLU A 1 183 ? -1.896  -11.326 -11.812 1.00 46.41 ? 183 GLU A O   1 
ATOM   1295 C  CB  . GLU A 1 183 ? 0.428   -9.780  -13.427 1.00 49.22 ? 183 GLU A CB  1 
ATOM   1296 C  CG  . GLU A 1 183 ? 1.049   -9.684  -14.780 1.00 54.82 ? 183 GLU A CG  1 
ATOM   1297 C  CD  . GLU A 1 183 ? 2.200   -10.648 -14.917 1.00 58.78 ? 183 GLU A CD  1 
ATOM   1298 O  OE1 . GLU A 1 183 ? 3.090   -10.622 -14.037 1.00 60.99 ? 183 GLU A OE1 1 
ATOM   1299 O  OE2 . GLU A 1 183 ? 2.213   -11.429 -15.896 1.00 60.89 ? 183 GLU A OE2 1 
ATOM   1300 N  N   . LYS A 1 184 ? -1.717  -9.170  -11.178 1.00 42.55 ? 184 LYS A N   1 
ATOM   1301 C  CA  . LYS A 1 184 ? -2.196  -9.421  -9.832  1.00 39.75 ? 184 LYS A CA  1 
ATOM   1302 C  C   . LYS A 1 184 ? -3.663  -9.830  -9.837  1.00 39.66 ? 184 LYS A C   1 
ATOM   1303 O  O   . LYS A 1 184 ? -4.014  -10.887 -9.314  1.00 41.18 ? 184 LYS A O   1 
ATOM   1304 C  CB  . LYS A 1 184 ? -2.003  -8.183  -8.956  1.00 37.91 ? 184 LYS A CB  1 
ATOM   1305 C  CG  . LYS A 1 184 ? -0.546  -7.852  -8.657  1.00 36.63 ? 184 LYS A CG  1 
ATOM   1306 C  CD  . LYS A 1 184 ? -0.429  -6.850  -7.514  1.00 35.68 ? 184 LYS A CD  1 
ATOM   1307 C  CE  . LYS A 1 184 ? 0.999   -6.741  -7.009  1.00 33.72 ? 184 LYS A CE  1 
ATOM   1308 N  NZ  . LYS A 1 184 ? 1.051   -6.352  -5.562  1.00 32.36 ? 184 LYS A NZ  1 
ATOM   1309 N  N   . GLN A 1 185 ? -4.516  -9.001  -10.434 1.00 38.34 ? 185 GLN A N   1 
ATOM   1310 C  CA  . GLN A 1 185 ? -5.947  -9.291  -10.500 1.00 36.34 ? 185 GLN A CA  1 
ATOM   1311 C  C   . GLN A 1 185 ? -6.195  -10.628 -11.178 1.00 36.04 ? 185 GLN A C   1 
ATOM   1312 O  O   . GLN A 1 185 ? -7.290  -11.174 -11.090 1.00 35.39 ? 185 GLN A O   1 
ATOM   1313 C  CB  . GLN A 1 185 ? -6.678  -8.203  -11.284 1.00 35.19 ? 185 GLN A CB  1 
ATOM   1314 C  CG  . GLN A 1 185 ? -8.179  -8.437  -11.414 1.00 34.87 ? 185 GLN A CG  1 
ATOM   1315 C  CD  . GLN A 1 185 ? -8.951  -7.947  -10.203 1.00 37.36 ? 185 GLN A CD  1 
ATOM   1316 O  OE1 . GLN A 1 185 ? -10.184 -7.896  -10.216 1.00 36.11 ? 185 GLN A OE1 1 
ATOM   1317 N  NE2 . GLN A 1 185 ? -8.228  -7.577  -9.145  1.00 40.03 ? 185 GLN A NE2 1 
ATOM   1318 N  N   . LYS A 1 186 ? -5.190  -11.151 -11.870 1.00 35.57 ? 186 LYS A N   1 
ATOM   1319 C  CA  . LYS A 1 186 ? -5.374  -12.426 -12.540 1.00 36.92 ? 186 LYS A CA  1 
ATOM   1320 C  C   . LYS A 1 186 ? -5.163  -13.577 -11.580 1.00 37.44 ? 186 LYS A C   1 
ATOM   1321 O  O   . LYS A 1 186 ? -6.095  -14.321 -11.289 1.00 38.30 ? 186 LYS A O   1 
ATOM   1322 C  CB  . LYS A 1 186 ? -4.422  -12.572 -13.723 1.00 38.10 ? 186 LYS A CB  1 
ATOM   1323 C  CG  . LYS A 1 186 ? -4.399  -13.970 -14.328 1.00 39.09 ? 186 LYS A CG  1 
ATOM   1324 C  CD  . LYS A 1 186 ? -3.359  -14.064 -15.445 1.00 43.20 ? 186 LYS A CD  1 
ATOM   1325 C  CE  . LYS A 1 186 ? -3.271  -15.481 -16.012 1.00 44.36 ? 186 LYS A CE  1 
ATOM   1326 N  NZ  . LYS A 1 186 ? -4.637  -16.058 -16.258 1.00 45.19 ? 186 LYS A NZ  1 
ATOM   1327 N  N   . ILE A 1 187 ? -3.938  -13.719 -11.085 1.00 37.52 ? 187 ILE A N   1 
ATOM   1328 C  CA  . ILE A 1 187 ? -3.614  -14.797 -10.160 1.00 35.61 ? 187 ILE A CA  1 
ATOM   1329 C  C   . ILE A 1 187 ? -4.621  -14.832 -9.013  1.00 36.60 ? 187 ILE A C   1 
ATOM   1330 O  O   . ILE A 1 187 ? -4.974  -15.888 -8.499  1.00 36.34 ? 187 ILE A O   1 
ATOM   1331 C  CB  . ILE A 1 187 ? -2.193  -14.617 -9.609  1.00 33.65 ? 187 ILE A CB  1 
ATOM   1332 C  CG1 . ILE A 1 187 ? -1.577  -15.997 -9.320  1.00 32.96 ? 187 ILE A CG1 1 
ATOM   1333 C  CG2 . ILE A 1 187 ? -2.209  -13.677 -8.408  1.00 29.11 ? 187 ILE A CG2 1 
ATOM   1334 C  CD1 . ILE A 1 187 ? -2.254  -16.802 -8.244  1.00 31.77 ? 187 ILE A CD1 1 
HETATM 1335 N  N   . MSE A 1 188 ? -5.099  -13.660 -8.629  1.00 38.18 ? 188 MSE A N   1 
HETATM 1336 C  CA  . MSE A 1 188 ? -6.059  -13.564 -7.555  1.00 39.47 ? 188 MSE A CA  1 
HETATM 1337 C  C   . MSE A 1 188 ? -7.355  -14.213 -8.022  1.00 40.20 ? 188 MSE A C   1 
HETATM 1338 O  O   . MSE A 1 188 ? -7.986  -14.973 -7.288  1.00 40.77 ? 188 MSE A O   1 
HETATM 1339 C  CB  . MSE A 1 188 ? -6.279  -12.098 -7.215  1.00 41.12 ? 188 MSE A CB  1 
HETATM 1340 C  CG  . MSE A 1 188 ? -7.044  -11.875 -5.948  1.00 45.20 ? 188 MSE A CG  1 
HETATM 1341 SE SE  . MSE A 1 188 ? -6.865  -10.074 -5.311  1.00 53.37 ? 188 MSE A SE  1 
HETATM 1342 C  CE  . MSE A 1 188 ? -5.739  -10.468 -3.807  1.00 50.05 ? 188 MSE A CE  1 
ATOM   1343 N  N   . GLN A 1 189 ? -7.739  -13.922 -9.259  1.00 40.80 ? 189 GLN A N   1 
ATOM   1344 C  CA  . GLN A 1 189 ? -8.954  -14.483 -9.830  1.00 39.28 ? 189 GLN A CA  1 
ATOM   1345 C  C   . GLN A 1 189 ? -8.786  -16.004 -9.947  1.00 38.57 ? 189 GLN A C   1 
ATOM   1346 O  O   . GLN A 1 189 ? -9.673  -16.767 -9.561  1.00 38.61 ? 189 GLN A O   1 
ATOM   1347 C  CB  . GLN A 1 189 ? -9.216  -13.843 -11.193 1.00 39.33 ? 189 GLN A CB  1 
ATOM   1348 C  CG  . GLN A 1 189 ? -10.682 -13.536 -11.447 1.00 42.93 ? 189 GLN A CG  1 
ATOM   1349 C  CD  . GLN A 1 189 ? -10.908 -12.104 -11.924 1.00 44.69 ? 189 GLN A CD  1 
ATOM   1350 O  OE1 . GLN A 1 189 ? -10.177 -11.605 -12.794 1.00 44.52 ? 189 GLN A OE1 1 
ATOM   1351 N  NE2 . GLN A 1 189 ? -11.933 -11.439 -11.368 1.00 42.93 ? 189 GLN A NE2 1 
ATOM   1352 N  N   . ASP A 1 190 ? -7.640  -16.439 -10.463 1.00 37.17 ? 190 ASP A N   1 
ATOM   1353 C  CA  . ASP A 1 190 ? -7.367  -17.860 -10.589 1.00 36.03 ? 190 ASP A CA  1 
ATOM   1354 C  C   . ASP A 1 190 ? -7.372  -18.516 -9.223  1.00 35.05 ? 190 ASP A C   1 
ATOM   1355 O  O   . ASP A 1 190 ? -7.970  -19.576 -9.036  1.00 36.01 ? 190 ASP A O   1 
ATOM   1356 C  CB  . ASP A 1 190 ? -6.023  -18.091 -11.264 1.00 37.29 ? 190 ASP A CB  1 
ATOM   1357 C  CG  . ASP A 1 190 ? -6.078  -17.836 -12.747 1.00 41.26 ? 190 ASP A CG  1 
ATOM   1358 O  OD1 . ASP A 1 190 ? -7.174  -17.466 -13.239 1.00 44.81 ? 190 ASP A OD1 1 
ATOM   1359 O  OD2 . ASP A 1 190 ? -5.031  -17.999 -13.417 1.00 42.52 ? 190 ASP A OD2 1 
ATOM   1360 N  N   . PHE A 1 191 ? -6.706  -17.886 -8.266  1.00 33.48 ? 191 PHE A N   1 
ATOM   1361 C  CA  . PHE A 1 191 ? -6.663  -18.432 -6.922  1.00 30.78 ? 191 PHE A CA  1 
ATOM   1362 C  C   . PHE A 1 191 ? -8.086  -18.638 -6.403  1.00 31.45 ? 191 PHE A C   1 
ATOM   1363 O  O   . PHE A 1 191 ? -8.429  -19.731 -5.952  1.00 31.42 ? 191 PHE A O   1 
ATOM   1364 C  CB  . PHE A 1 191 ? -5.879  -17.508 -5.993  1.00 26.65 ? 191 PHE A CB  1 
ATOM   1365 C  CG  . PHE A 1 191 ? -5.993  -17.882 -4.553  1.00 23.30 ? 191 PHE A CG  1 
ATOM   1366 C  CD1 . PHE A 1 191 ? -6.804  -17.143 -3.693  1.00 23.57 ? 191 PHE A CD1 1 
ATOM   1367 C  CD2 . PHE A 1 191 ? -5.361  -19.017 -4.068  1.00 21.41 ? 191 PHE A CD2 1 
ATOM   1368 C  CE1 . PHE A 1 191 ? -6.994  -17.534 -2.366  1.00 22.03 ? 191 PHE A CE1 1 
ATOM   1369 C  CE2 . PHE A 1 191 ? -5.545  -19.419 -2.746  1.00 20.66 ? 191 PHE A CE2 1 
ATOM   1370 C  CZ  . PHE A 1 191 ? -6.369  -18.671 -1.894  1.00 20.93 ? 191 PHE A CZ  1 
ATOM   1371 N  N   . ILE A 1 192 ? -8.918  -17.598 -6.474  1.00 31.85 ? 192 ILE A N   1 
ATOM   1372 C  CA  . ILE A 1 192 ? -10.301 -17.716 -6.013  1.00 33.46 ? 192 ILE A CA  1 
ATOM   1373 C  C   . ILE A 1 192 ? -11.060 -18.852 -6.705  1.00 35.19 ? 192 ILE A C   1 
ATOM   1374 O  O   . ILE A 1 192 ? -11.654 -19.708 -6.039  1.00 35.25 ? 192 ILE A O   1 
ATOM   1375 C  CB  . ILE A 1 192 ? -11.083 -16.393 -6.192  1.00 30.13 ? 192 ILE A CB  1 
ATOM   1376 C  CG1 . ILE A 1 192 ? -10.564 -15.373 -5.193  1.00 29.08 ? 192 ILE A CG1 1 
ATOM   1377 C  CG2 . ILE A 1 192 ? -12.569 -16.621 -5.934  1.00 29.74 ? 192 ILE A CG2 1 
ATOM   1378 C  CD1 . ILE A 1 192 ? -10.541 -15.908 -3.759  1.00 28.62 ? 192 ILE A CD1 1 
ATOM   1379 N  N   . GLN A 1 193 ? -11.047 -18.863 -8.032  1.00 35.38 ? 193 GLN A N   1 
ATOM   1380 C  CA  . GLN A 1 193 ? -11.729 -19.920 -8.750  1.00 36.34 ? 193 GLN A CA  1 
ATOM   1381 C  C   . GLN A 1 193 ? -11.299 -21.249 -8.152  1.00 34.87 ? 193 GLN A C   1 
ATOM   1382 O  O   . GLN A 1 193 ? -12.125 -22.004 -7.655  1.00 34.79 ? 193 GLN A O   1 
ATOM   1383 C  CB  . GLN A 1 193 ? -11.384 -19.848 -10.232 1.00 39.24 ? 193 GLN A CB  1 
ATOM   1384 C  CG  . GLN A 1 193 ? -11.847 -18.552 -10.856 1.00 47.73 ? 193 GLN A CG  1 
ATOM   1385 C  CD  . GLN A 1 193 ? -11.404 -18.393 -12.298 1.00 52.63 ? 193 GLN A CD  1 
ATOM   1386 O  OE1 . GLN A 1 193 ? -11.630 -19.284 -13.123 1.00 55.75 ? 193 GLN A OE1 1 
ATOM   1387 N  NE2 . GLN A 1 193 ? -10.771 -17.254 -12.615 1.00 54.15 ? 193 GLN A NE2 1 
ATOM   1388 N  N   . ALA A 1 194 ? -9.998  -21.505 -8.162  1.00 33.89 ? 194 ALA A N   1 
ATOM   1389 C  CA  . ALA A 1 194 ? -9.456  -22.742 -7.620  1.00 32.81 ? 194 ALA A CA  1 
ATOM   1390 C  C   . ALA A 1 194 ? -9.881  -22.994 -6.173  1.00 33.24 ? 194 ALA A C   1 
ATOM   1391 O  O   . ALA A 1 194 ? -10.095 -24.138 -5.787  1.00 32.32 ? 194 ALA A O   1 
ATOM   1392 C  CB  . ALA A 1 194 ? -7.934  -22.731 -7.721  1.00 31.20 ? 194 ALA A CB  1 
ATOM   1393 N  N   . LEU A 1 195 ? -10.007 -21.943 -5.366  1.00 35.02 ? 195 LEU A N   1 
ATOM   1394 C  CA  . LEU A 1 195 ? -10.402 -22.146 -3.975  1.00 36.47 ? 195 LEU A CA  1 
ATOM   1395 C  C   . LEU A 1 195 ? -11.806 -22.730 -3.928  1.00 39.03 ? 195 LEU A C   1 
ATOM   1396 O  O   . LEU A 1 195 ? -11.991 -23.876 -3.526  1.00 40.82 ? 195 LEU A O   1 
ATOM   1397 C  CB  . LEU A 1 195 ? -10.367 -20.829 -3.174  1.00 34.05 ? 195 LEU A CB  1 
ATOM   1398 C  CG  . LEU A 1 195 ? -10.045 -20.926 -1.664  1.00 31.55 ? 195 LEU A CG  1 
ATOM   1399 C  CD1 . LEU A 1 195 ? -10.574 -19.713 -0.903  1.00 26.98 ? 195 LEU A CD1 1 
ATOM   1400 C  CD2 . LEU A 1 195 ? -10.650 -22.183 -1.100  1.00 29.75 ? 195 LEU A CD2 1 
ATOM   1401 N  N   . GLU A 1 196 ? -12.790 -21.945 -4.363  1.00 41.76 ? 196 GLU A N   1 
ATOM   1402 C  CA  . GLU A 1 196 ? -14.193 -22.369 -4.343  1.00 42.76 ? 196 GLU A CA  1 
ATOM   1403 C  C   . GLU A 1 196 ? -14.428 -23.727 -4.976  1.00 42.29 ? 196 GLU A C   1 
ATOM   1404 O  O   . GLU A 1 196 ? -15.426 -24.393 -4.694  1.00 43.37 ? 196 GLU A O   1 
ATOM   1405 C  CB  . GLU A 1 196 ? -15.068 -21.335 -5.042  1.00 42.84 ? 196 GLU A CB  1 
ATOM   1406 C  CG  . GLU A 1 196 ? -15.111 -20.021 -4.317  1.00 48.22 ? 196 GLU A CG  1 
ATOM   1407 C  CD  . GLU A 1 196 ? -15.936 -18.980 -5.039  1.00 51.94 ? 196 GLU A CD  1 
ATOM   1408 O  OE1 . GLU A 1 196 ? -15.812 -18.876 -6.282  1.00 53.94 ? 196 GLU A OE1 1 
ATOM   1409 O  OE2 . GLU A 1 196 ? -16.699 -18.252 -4.361  1.00 53.97 ? 196 GLU A OE2 1 
ATOM   1410 N  N   . LYS A 1 197 ? -13.499 -24.140 -5.823  1.00 40.62 ? 197 LYS A N   1 
ATOM   1411 C  CA  . LYS A 1 197 ? -13.629 -25.412 -6.490  1.00 40.19 ? 197 LYS A CA  1 
ATOM   1412 C  C   . LYS A 1 197 ? -13.160 -26.548 -5.595  1.00 40.00 ? 197 LYS A C   1 
ATOM   1413 O  O   . LYS A 1 197 ? -13.879 -27.523 -5.410  1.00 39.75 ? 197 LYS A O   1 
ATOM   1414 C  CB  . LYS A 1 197 ? -12.851 -25.381 -7.799  1.00 40.24 ? 197 LYS A CB  1 
ATOM   1415 C  CG  . LYS A 1 197 ? -12.971 -26.630 -8.610  1.00 42.12 ? 197 LYS A CG  1 
ATOM   1416 C  CD  . LYS A 1 197 ? -12.190 -26.489 -9.898  1.00 44.82 ? 197 LYS A CD  1 
ATOM   1417 C  CE  . LYS A 1 197 ? -11.964 -27.858 -10.544 1.00 47.65 ? 197 LYS A CE  1 
ATOM   1418 N  NZ  . LYS A 1 197 ? -11.298 -28.816 -9.587  1.00 48.66 ? 197 LYS A NZ  1 
ATOM   1419 N  N   . GLU A 1 198 ? -11.967 -26.430 -5.024  1.00 40.99 ? 198 GLU A N   1 
ATOM   1420 C  CA  . GLU A 1 198 ? -11.479 -27.497 -4.158  1.00 41.82 ? 198 GLU A CA  1 
ATOM   1421 C  C   . GLU A 1 198 ? -11.993 -27.332 -2.746  1.00 42.78 ? 198 GLU A C   1 
ATOM   1422 O  O   . GLU A 1 198 ? -11.650 -28.100 -1.851  1.00 43.73 ? 198 GLU A O   1 
ATOM   1423 C  CB  . GLU A 1 198 ? -9.940  -27.573 -4.167  1.00 39.83 ? 198 GLU A CB  1 
ATOM   1424 C  CG  . GLU A 1 198 ? -9.196  -26.284 -3.913  1.00 37.92 ? 198 GLU A CG  1 
ATOM   1425 C  CD  . GLU A 1 198 ? -7.669  -26.462 -3.966  1.00 38.81 ? 198 GLU A CD  1 
ATOM   1426 O  OE1 . GLU A 1 198 ? -7.096  -27.043 -3.011  1.00 37.41 ? 198 GLU A OE1 1 
ATOM   1427 O  OE2 . GLU A 1 198 ? -7.040  -26.025 -4.962  1.00 36.48 ? 198 GLU A OE2 1 
ATOM   1428 N  N   . LEU A 1 199 ? -12.858 -26.347 -2.556  1.00 43.91 ? 199 LEU A N   1 
ATOM   1429 C  CA  . LEU A 1 199 ? -13.409 -26.078 -1.236  1.00 45.34 ? 199 LEU A CA  1 
ATOM   1430 C  C   . LEU A 1 199 ? -14.688 -26.891 -1.022  1.00 46.67 ? 199 LEU A C   1 
ATOM   1431 O  O   . LEU A 1 199 ? -15.231 -26.958 0.084   1.00 44.62 ? 199 LEU A O   1 
ATOM   1432 C  CB  . LEU A 1 199 ? -13.680 -24.577 -1.104  1.00 43.58 ? 199 LEU A CB  1 
ATOM   1433 C  CG  . LEU A 1 199 ? -13.726 -23.964 0.293   1.00 42.31 ? 199 LEU A CG  1 
ATOM   1434 C  CD1 . LEU A 1 199 ? -12.514 -24.400 1.109   1.00 42.22 ? 199 LEU A CD1 1 
ATOM   1435 C  CD2 . LEU A 1 199 ? -13.768 -22.461 0.152   1.00 42.19 ? 199 LEU A CD2 1 
ATOM   1436 N  N   . LYS A 1 200 ? -15.145 -27.518 -2.100  1.00 49.72 ? 200 LYS A N   1 
ATOM   1437 C  CA  . LYS A 1 200 ? -16.348 -28.336 -2.079  1.00 53.75 ? 200 LYS A CA  1 
ATOM   1438 C  C   . LYS A 1 200 ? -16.073 -29.721 -2.662  1.00 55.49 ? 200 LYS A C   1 
ATOM   1439 O  O   . LYS A 1 200 ? -16.943 -30.593 -2.660  1.00 55.28 ? 200 LYS A O   1 
ATOM   1440 C  CB  . LYS A 1 200 ? -17.449 -27.637 -2.875  1.00 54.82 ? 200 LYS A CB  1 
ATOM   1441 C  CG  . LYS A 1 200 ? -17.790 -26.270 -2.311  1.00 58.33 ? 200 LYS A CG  1 
ATOM   1442 C  CD  . LYS A 1 200 ? -18.968 -25.641 -3.019  1.00 60.72 ? 200 LYS A CD  1 
ATOM   1443 C  CE  . LYS A 1 200 ? -18.680 -25.459 -4.496  1.00 63.49 ? 200 LYS A CE  1 
ATOM   1444 N  NZ  . LYS A 1 200 ? -19.810 -24.765 -5.172  1.00 64.32 ? 200 LYS A NZ  1 
ATOM   1445 N  N   . VAL A 1 201 ? -14.848 -29.908 -3.147  1.00 58.40 ? 201 VAL A N   1 
ATOM   1446 C  CA  . VAL A 1 201 ? -14.409 -31.160 -3.754  1.00 61.47 ? 201 VAL A CA  1 
ATOM   1447 C  C   . VAL A 1 201 ? -15.292 -31.501 -4.947  1.00 65.10 ? 201 VAL A C   1 
ATOM   1448 O  O   . VAL A 1 201 ? -16.251 -32.256 -4.813  1.00 66.90 ? 201 VAL A O   1 
ATOM   1449 C  CB  . VAL A 1 201 ? -14.460 -32.330 -2.744  1.00 60.47 ? 201 VAL A CB  1 
ATOM   1450 C  CG1 . VAL A 1 201 ? -13.810 -33.570 -3.354  1.00 59.72 ? 201 VAL A CG1 1 
ATOM   1451 C  CG2 . VAL A 1 201 ? -13.762 -31.940 -1.447  1.00 58.82 ? 201 VAL A CG2 1 
ATOM   1452 N  N   . LEU A 1 202 ? -14.971 -30.946 -6.114  1.00 68.69 ? 202 LEU A N   1 
ATOM   1453 C  CA  . LEU A 1 202 ? -15.763 -31.188 -7.324  1.00 72.00 ? 202 LEU A CA  1 
ATOM   1454 C  C   . LEU A 1 202 ? -15.070 -32.109 -8.328  1.00 75.07 ? 202 LEU A C   1 
ATOM   1455 O  O   . LEU A 1 202 ? -14.014 -31.768 -8.862  1.00 76.59 ? 202 LEU A O   1 
ATOM   1456 C  CB  . LEU A 1 202 ? -16.110 -29.850 -8.007  1.00 69.57 ? 202 LEU A CB  1 
ATOM   1457 C  CG  . LEU A 1 202 ? -17.201 -28.959 -7.400  1.00 67.74 ? 202 LEU A CG  1 
ATOM   1458 C  CD1 . LEU A 1 202 ? -16.908 -28.687 -5.938  1.00 66.50 ? 202 LEU A CD1 1 
ATOM   1459 C  CD2 . LEU A 1 202 ? -17.289 -27.654 -8.177  1.00 66.40 ? 202 LEU A CD2 1 
ATOM   1460 N  N   . GLU A 1 203 ? -15.675 -33.270 -8.582  1.00 78.54 ? 203 GLU A N   1 
ATOM   1461 C  CA  . GLU A 1 203 ? -15.141 -34.259 -9.529  1.00 81.99 ? 203 GLU A CA  1 
ATOM   1462 C  C   . GLU A 1 203 ? -16.021 -35.519 -9.582  1.00 83.03 ? 203 GLU A C   1 
ATOM   1463 O  O   . GLU A 1 203 ? -15.539 -36.604 -9.181  1.00 82.24 ? 203 GLU A O   1 
ATOM   1464 C  CB  . GLU A 1 203 ? -13.706 -34.656 -9.151  1.00 84.22 ? 203 GLU A CB  1 
ATOM   1465 C  CG  . GLU A 1 203 ? -12.603 -34.058 -10.037 1.00 87.03 ? 203 GLU A CG  1 
ATOM   1466 C  CD  . GLU A 1 203 ? -11.200 -34.453 -9.569  1.00 88.50 ? 203 GLU A CD  1 
ATOM   1467 O  OE1 . GLU A 1 203 ? -10.867 -34.182 -8.390  1.00 87.74 ? 203 GLU A OE1 1 
ATOM   1468 O  OE2 . GLU A 1 203 ? -10.432 -35.022 -10.382 1.00 89.09 ? 203 GLU A OE2 1 
HETATM 1469 MG MG  . MG  B 2 .   ? 0.375   0.392   4.088   1.00 23.95 ? 210 MG  A MG  1 
# 
